data_4K47
# 
_entry.id   4K47 
# 
_audit_conform.dict_name       mmcif_pdbx.dic 
_audit_conform.dict_version    5.388 
_audit_conform.dict_location   http://mmcif.pdb.org/dictionaries/ascii/mmcif_pdbx.dic 
# 
loop_
_database_2.database_id 
_database_2.database_code 
_database_2.pdbx_database_accession 
_database_2.pdbx_DOI 
PDB   4K47         pdb_00004k47 10.2210/pdb4k47/pdb 
RCSB  RCSB078869   ?            ?                   
WWPDB D_1000078869 ?            ?                   
# 
loop_
_pdbx_audit_revision_history.ordinal 
_pdbx_audit_revision_history.data_content_type 
_pdbx_audit_revision_history.major_revision 
_pdbx_audit_revision_history.minor_revision 
_pdbx_audit_revision_history.revision_date 
1 'Structure model' 1 0 2013-09-04 
2 'Structure model' 1 1 2024-03-20 
# 
_pdbx_audit_revision_details.ordinal             1 
_pdbx_audit_revision_details.revision_ordinal    1 
_pdbx_audit_revision_details.data_content_type   'Structure model' 
_pdbx_audit_revision_details.provider            repository 
_pdbx_audit_revision_details.type                'Initial release' 
_pdbx_audit_revision_details.description         ? 
_pdbx_audit_revision_details.details             ? 
# 
loop_
_pdbx_audit_revision_group.ordinal 
_pdbx_audit_revision_group.revision_ordinal 
_pdbx_audit_revision_group.data_content_type 
_pdbx_audit_revision_group.group 
1 2 'Structure model' 'Data collection'      
2 2 'Structure model' 'Database references'  
3 2 'Structure model' 'Derived calculations' 
# 
loop_
_pdbx_audit_revision_category.ordinal 
_pdbx_audit_revision_category.revision_ordinal 
_pdbx_audit_revision_category.data_content_type 
_pdbx_audit_revision_category.category 
1 2 'Structure model' chem_comp_atom               
2 2 'Structure model' chem_comp_bond               
3 2 'Structure model' database_2                   
4 2 'Structure model' pdbx_struct_special_symmetry 
5 2 'Structure model' struct_ref_seq_dif           
6 2 'Structure model' struct_site                  
# 
loop_
_pdbx_audit_revision_item.ordinal 
_pdbx_audit_revision_item.revision_ordinal 
_pdbx_audit_revision_item.data_content_type 
_pdbx_audit_revision_item.item 
1 2 'Structure model' '_database_2.pdbx_DOI'                
2 2 'Structure model' '_database_2.pdbx_database_accession' 
3 2 'Structure model' '_struct_ref_seq_dif.details'         
4 2 'Structure model' '_struct_site.pdbx_auth_asym_id'      
5 2 'Structure model' '_struct_site.pdbx_auth_comp_id'      
6 2 'Structure model' '_struct_site.pdbx_auth_seq_id'       
# 
_pdbx_database_status.status_code                     REL 
_pdbx_database_status.entry_id                        4K47 
_pdbx_database_status.recvd_initial_deposition_date   2013-04-12 
_pdbx_database_status.deposit_site                    RCSB 
_pdbx_database_status.process_site                    PDBJ 
_pdbx_database_status.methods_development_category    ? 
_pdbx_database_status.status_code_sf                  REL 
_pdbx_database_status.status_code_mr                  ? 
_pdbx_database_status.SG_entry                        ? 
_pdbx_database_status.status_code_cs                  ? 
_pdbx_database_status.pdb_format_compatible           Y 
_pdbx_database_status.status_code_nmr_data            ? 
# 
_pdbx_database_related.db_name        PDB 
_pdbx_database_related.db_id          4K48 
_pdbx_database_related.details        . 
_pdbx_database_related.content_type   unspecified 
# 
loop_
_audit_author.name 
_audit_author.pdbx_ordinal 
'Hu, Q.H.'   1  
'Liu, R.J.'  2  
'Fang, Z.P.' 3  
'Zhang, J.'  4  
'Ding, Y.Y.' 5  
'Tan, M.'    6  
'Wang, M.'   7  
'Pan, W.'    8  
'Zhou, H.C.' 9  
'Wang, E.D.' 10 
# 
_citation.id                        primary 
_citation.title                     
'Discovery of a potent benzoxaborole-based anti-pneumococcal agent targeting leucyl-tRNA synthetase' 
_citation.journal_abbrev            'Sci Rep' 
_citation.journal_volume            3 
_citation.page_first                2475 
_citation.page_last                 2475 
_citation.year                      2013 
_citation.journal_id_ASTM           ? 
_citation.country                   UK 
_citation.journal_id_ISSN           2045-2322 
_citation.journal_id_CSD            ? 
_citation.book_publisher            ? 
_citation.pdbx_database_id_PubMed   23959225 
_citation.pdbx_database_id_DOI      10.1038/srep02475 
# 
loop_
_citation_author.citation_id 
_citation_author.name 
_citation_author.ordinal 
_citation_author.identifier_ORCID 
primary 'Hu, Q.H.'   1  ? 
primary 'Liu, R.J.'  2  ? 
primary 'Fang, Z.P.' 3  ? 
primary 'Zhang, J.'  4  ? 
primary 'Ding, Y.Y.' 5  ? 
primary 'Tan, M.'    6  ? 
primary 'Wang, M.'   7  ? 
primary 'Pan, W.'    8  ? 
primary 'Zhou, H.C.' 9  ? 
primary 'Wang, E.D.' 10 ? 
# 
loop_
_entity.id 
_entity.type 
_entity.src_method 
_entity.pdbx_description 
_entity.formula_weight 
_entity.pdbx_number_of_molecules 
_entity.pdbx_ec 
_entity.pdbx_mutation 
_entity.pdbx_fragment 
_entity.details 
1 polymer     man 'Leucine--tRNA ligase' 21091.469 1   6.1.1.4 C399S 'UNP residues 228-410' ? 
2 non-polymer syn 
;[(1R,5R,6R,8S)-6-(6-aminopurin-9-yl)-3'-[(R)-oxidanyl(phenyl)methyl]spiro[2,4,7-trioxa-3-boranuidabicyclo[3.3.0]octane-3,9'-8-oxa-9-boranuidabicyclo[4.3.0]nona-1,3,5-triene]-8-yl]methyl dihydrogen phosphate
;
568.260   1   ?       ?     ?                      ? 
3 non-polymer syn 'SULFATE ION' 96.063    4   ?       ?     ?                      ? 
4 water       nat water 18.015    135 ?       ?     ?                      ? 
# 
_entity_name_com.entity_id   1 
_entity_name_com.name        'Leucyl-tRNA synthetase, LeuRS' 
# 
_entity_poly.entity_id                      1 
_entity_poly.type                           'polypeptide(L)' 
_entity_poly.nstd_linkage                   no 
_entity_poly.nstd_monomer                   no 
_entity_poly.pdbx_seq_one_letter_code       
;MTGANVTFKVKGTDKEFTVFTTRPDTLFGATFTVLAPEHELVDAITSSEQAEAVADYKHQASLKSDLVRTDLAKEKTGVW
TGAYAINPVNGKEMPIWIADYVLASYGTGAVMAVPAHDQRDWEFAKQFDLPIVEVLEGGNVEEAAYTEDGLHVNSDFLDG
LNKEDAIAKIVASLEEKGCGQEKVLEHHHHHH
;
_entity_poly.pdbx_seq_one_letter_code_can   
;MTGANVTFKVKGTDKEFTVFTTRPDTLFGATFTVLAPEHELVDAITSSEQAEAVADYKHQASLKSDLVRTDLAKEKTGVW
TGAYAINPVNGKEMPIWIADYVLASYGTGAVMAVPAHDQRDWEFAKQFDLPIVEVLEGGNVEEAAYTEDGLHVNSDFLDG
LNKEDAIAKIVASLEEKGCGQEKVLEHHHHHH
;
_entity_poly.pdbx_strand_id                 A 
_entity_poly.pdbx_target_identifier         ? 
# 
loop_
_pdbx_entity_nonpoly.entity_id 
_pdbx_entity_nonpoly.name 
_pdbx_entity_nonpoly.comp_id 
2 
;[(1R,5R,6R,8S)-6-(6-aminopurin-9-yl)-3'-[(R)-oxidanyl(phenyl)methyl]spiro[2,4,7-trioxa-3-boranuidabicyclo[3.3.0]octane-3,9'-8-oxa-9-boranuidabicyclo[4.3.0]nona-1,3,5-triene]-8-yl]methyl dihydrogen phosphate
;
WMP 
3 'SULFATE ION' SO4 
4 water HOH 
# 
loop_
_entity_poly_seq.entity_id 
_entity_poly_seq.num 
_entity_poly_seq.mon_id 
_entity_poly_seq.hetero 
1 1   MET n 
1 2   THR n 
1 3   GLY n 
1 4   ALA n 
1 5   ASN n 
1 6   VAL n 
1 7   THR n 
1 8   PHE n 
1 9   LYS n 
1 10  VAL n 
1 11  LYS n 
1 12  GLY n 
1 13  THR n 
1 14  ASP n 
1 15  LYS n 
1 16  GLU n 
1 17  PHE n 
1 18  THR n 
1 19  VAL n 
1 20  PHE n 
1 21  THR n 
1 22  THR n 
1 23  ARG n 
1 24  PRO n 
1 25  ASP n 
1 26  THR n 
1 27  LEU n 
1 28  PHE n 
1 29  GLY n 
1 30  ALA n 
1 31  THR n 
1 32  PHE n 
1 33  THR n 
1 34  VAL n 
1 35  LEU n 
1 36  ALA n 
1 37  PRO n 
1 38  GLU n 
1 39  HIS n 
1 40  GLU n 
1 41  LEU n 
1 42  VAL n 
1 43  ASP n 
1 44  ALA n 
1 45  ILE n 
1 46  THR n 
1 47  SER n 
1 48  SER n 
1 49  GLU n 
1 50  GLN n 
1 51  ALA n 
1 52  GLU n 
1 53  ALA n 
1 54  VAL n 
1 55  ALA n 
1 56  ASP n 
1 57  TYR n 
1 58  LYS n 
1 59  HIS n 
1 60  GLN n 
1 61  ALA n 
1 62  SER n 
1 63  LEU n 
1 64  LYS n 
1 65  SER n 
1 66  ASP n 
1 67  LEU n 
1 68  VAL n 
1 69  ARG n 
1 70  THR n 
1 71  ASP n 
1 72  LEU n 
1 73  ALA n 
1 74  LYS n 
1 75  GLU n 
1 76  LYS n 
1 77  THR n 
1 78  GLY n 
1 79  VAL n 
1 80  TRP n 
1 81  THR n 
1 82  GLY n 
1 83  ALA n 
1 84  TYR n 
1 85  ALA n 
1 86  ILE n 
1 87  ASN n 
1 88  PRO n 
1 89  VAL n 
1 90  ASN n 
1 91  GLY n 
1 92  LYS n 
1 93  GLU n 
1 94  MET n 
1 95  PRO n 
1 96  ILE n 
1 97  TRP n 
1 98  ILE n 
1 99  ALA n 
1 100 ASP n 
1 101 TYR n 
1 102 VAL n 
1 103 LEU n 
1 104 ALA n 
1 105 SER n 
1 106 TYR n 
1 107 GLY n 
1 108 THR n 
1 109 GLY n 
1 110 ALA n 
1 111 VAL n 
1 112 MET n 
1 113 ALA n 
1 114 VAL n 
1 115 PRO n 
1 116 ALA n 
1 117 HIS n 
1 118 ASP n 
1 119 GLN n 
1 120 ARG n 
1 121 ASP n 
1 122 TRP n 
1 123 GLU n 
1 124 PHE n 
1 125 ALA n 
1 126 LYS n 
1 127 GLN n 
1 128 PHE n 
1 129 ASP n 
1 130 LEU n 
1 131 PRO n 
1 132 ILE n 
1 133 VAL n 
1 134 GLU n 
1 135 VAL n 
1 136 LEU n 
1 137 GLU n 
1 138 GLY n 
1 139 GLY n 
1 140 ASN n 
1 141 VAL n 
1 142 GLU n 
1 143 GLU n 
1 144 ALA n 
1 145 ALA n 
1 146 TYR n 
1 147 THR n 
1 148 GLU n 
1 149 ASP n 
1 150 GLY n 
1 151 LEU n 
1 152 HIS n 
1 153 VAL n 
1 154 ASN n 
1 155 SER n 
1 156 ASP n 
1 157 PHE n 
1 158 LEU n 
1 159 ASP n 
1 160 GLY n 
1 161 LEU n 
1 162 ASN n 
1 163 LYS n 
1 164 GLU n 
1 165 ASP n 
1 166 ALA n 
1 167 ILE n 
1 168 ALA n 
1 169 LYS n 
1 170 ILE n 
1 171 VAL n 
1 172 ALA n 
1 173 SER n 
1 174 LEU n 
1 175 GLU n 
1 176 GLU n 
1 177 LYS n 
1 178 GLY n 
1 179 CYS n 
1 180 GLY n 
1 181 GLN n 
1 182 GLU n 
1 183 LYS n 
1 184 VAL n 
1 185 LEU n 
1 186 GLU n 
1 187 HIS n 
1 188 HIS n 
1 189 HIS n 
1 190 HIS n 
1 191 HIS n 
1 192 HIS n 
# 
_entity_src_gen.entity_id                          1 
_entity_src_gen.pdbx_src_id                        1 
_entity_src_gen.pdbx_alt_source_flag               sample 
_entity_src_gen.pdbx_seq_type                      ? 
_entity_src_gen.pdbx_beg_seq_num                   ? 
_entity_src_gen.pdbx_end_seq_num                   ? 
_entity_src_gen.gene_src_common_name               ? 
_entity_src_gen.gene_src_genus                     ? 
_entity_src_gen.pdbx_gene_src_gene                 'leuS, SPN23F02440' 
_entity_src_gen.gene_src_species                   ? 
_entity_src_gen.gene_src_strain                    'ATCC 700669 / Spain 23F-1' 
_entity_src_gen.gene_src_tissue                    ? 
_entity_src_gen.gene_src_tissue_fraction           ? 
_entity_src_gen.gene_src_details                   ? 
_entity_src_gen.pdbx_gene_src_fragment             ? 
_entity_src_gen.pdbx_gene_src_scientific_name      'Streptococcus pneumoniae' 
_entity_src_gen.pdbx_gene_src_ncbi_taxonomy_id     561276 
_entity_src_gen.pdbx_gene_src_variant              ? 
_entity_src_gen.pdbx_gene_src_cell_line            ? 
_entity_src_gen.pdbx_gene_src_atcc                 ? 
_entity_src_gen.pdbx_gene_src_organ                ? 
_entity_src_gen.pdbx_gene_src_organelle            ? 
_entity_src_gen.pdbx_gene_src_cell                 ? 
_entity_src_gen.pdbx_gene_src_cellular_location    ? 
_entity_src_gen.host_org_common_name               ? 
_entity_src_gen.pdbx_host_org_scientific_name      'Escherichia coli' 
_entity_src_gen.pdbx_host_org_ncbi_taxonomy_id     562 
_entity_src_gen.host_org_genus                     ? 
_entity_src_gen.pdbx_host_org_gene                 ? 
_entity_src_gen.pdbx_host_org_organ                ? 
_entity_src_gen.host_org_species                   ? 
_entity_src_gen.pdbx_host_org_tissue               ? 
_entity_src_gen.pdbx_host_org_tissue_fraction      ? 
_entity_src_gen.pdbx_host_org_strain               ? 
_entity_src_gen.pdbx_host_org_variant              ? 
_entity_src_gen.pdbx_host_org_cell_line            ? 
_entity_src_gen.pdbx_host_org_atcc                 ? 
_entity_src_gen.pdbx_host_org_culture_collection   ? 
_entity_src_gen.pdbx_host_org_cell                 ? 
_entity_src_gen.pdbx_host_org_organelle            ? 
_entity_src_gen.pdbx_host_org_cellular_location    ? 
_entity_src_gen.pdbx_host_org_vector_type          plasmid 
_entity_src_gen.pdbx_host_org_vector               ? 
_entity_src_gen.host_org_details                   ? 
_entity_src_gen.expression_system_id               ? 
_entity_src_gen.plasmid_name                       ? 
_entity_src_gen.plasmid_details                    ? 
_entity_src_gen.pdbx_description                   ? 
# 
loop_
_chem_comp.id 
_chem_comp.type 
_chem_comp.mon_nstd_flag 
_chem_comp.name 
_chem_comp.pdbx_synonyms 
_chem_comp.formula 
_chem_comp.formula_weight 
ALA 'L-peptide linking' y ALANINE ? 'C3 H7 N O2'           89.093  
ARG 'L-peptide linking' y ARGININE ? 'C6 H15 N4 O2 1'       175.209 
ASN 'L-peptide linking' y ASPARAGINE ? 'C4 H8 N2 O3'          132.118 
ASP 'L-peptide linking' y 'ASPARTIC ACID' ? 'C4 H7 N O4'           133.103 
CYS 'L-peptide linking' y CYSTEINE ? 'C3 H7 N O2 S'         121.158 
GLN 'L-peptide linking' y GLUTAMINE ? 'C5 H10 N2 O3'         146.144 
GLU 'L-peptide linking' y 'GLUTAMIC ACID' ? 'C5 H9 N O4'           147.129 
GLY 'peptide linking'   y GLYCINE ? 'C2 H5 N O2'           75.067  
HIS 'L-peptide linking' y HISTIDINE ? 'C6 H10 N3 O2 1'       156.162 
HOH non-polymer         . WATER ? 'H2 O'                 18.015  
ILE 'L-peptide linking' y ISOLEUCINE ? 'C6 H13 N O2'          131.173 
LEU 'L-peptide linking' y LEUCINE ? 'C6 H13 N O2'          131.173 
LYS 'L-peptide linking' y LYSINE ? 'C6 H15 N2 O2 1'       147.195 
MET 'L-peptide linking' y METHIONINE ? 'C5 H11 N O2 S'        149.211 
PHE 'L-peptide linking' y PHENYLALANINE ? 'C9 H11 N O2'          165.189 
PRO 'L-peptide linking' y PROLINE ? 'C5 H9 N O2'           115.130 
SER 'L-peptide linking' y SERINE ? 'C3 H7 N O3'           105.093 
SO4 non-polymer         . 'SULFATE ION' ? 'O4 S -2'              96.063  
THR 'L-peptide linking' y THREONINE ? 'C4 H9 N O3'           119.119 
TRP 'L-peptide linking' y TRYPTOPHAN ? 'C11 H12 N2 O2'        204.225 
TYR 'L-peptide linking' y TYROSINE ? 'C9 H11 N O3'          181.189 
VAL 'L-peptide linking' y VALINE ? 'C5 H11 N O2'          117.146 
WMP non-polymer         . 
;[(1R,5R,6R,8S)-6-(6-aminopurin-9-yl)-3'-[(R)-oxidanyl(phenyl)methyl]spiro[2,4,7-trioxa-3-boranuidabicyclo[3.3.0]octane-3,9'-8-oxa-9-boranuidabicyclo[4.3.0]nona-1,3,5-triene]-8-yl]methyl dihydrogen phosphate
;
? 'C24 H24 B N5 O9 P -1' 568.260 
# 
loop_
_pdbx_poly_seq_scheme.asym_id 
_pdbx_poly_seq_scheme.entity_id 
_pdbx_poly_seq_scheme.seq_id 
_pdbx_poly_seq_scheme.mon_id 
_pdbx_poly_seq_scheme.ndb_seq_num 
_pdbx_poly_seq_scheme.pdb_seq_num 
_pdbx_poly_seq_scheme.auth_seq_num 
_pdbx_poly_seq_scheme.pdb_mon_id 
_pdbx_poly_seq_scheme.auth_mon_id 
_pdbx_poly_seq_scheme.pdb_strand_id 
_pdbx_poly_seq_scheme.pdb_ins_code 
_pdbx_poly_seq_scheme.hetero 
A 1 1   MET 1   227 ?   ?   ?   A . n 
A 1 2   THR 2   228 228 THR THR A . n 
A 1 3   GLY 3   229 229 GLY GLY A . n 
A 1 4   ALA 4   230 230 ALA ALA A . n 
A 1 5   ASN 5   231 231 ASN ASN A . n 
A 1 6   VAL 6   232 232 VAL VAL A . n 
A 1 7   THR 7   233 233 THR THR A . n 
A 1 8   PHE 8   234 234 PHE PHE A . n 
A 1 9   LYS 9   235 235 LYS LYS A . n 
A 1 10  VAL 10  236 236 VAL VAL A . n 
A 1 11  LYS 11  237 237 LYS LYS A . n 
A 1 12  GLY 12  238 238 GLY GLY A . n 
A 1 13  THR 13  239 239 THR THR A . n 
A 1 14  ASP 14  240 240 ASP ASP A . n 
A 1 15  LYS 15  241 241 LYS LYS A . n 
A 1 16  GLU 16  242 242 GLU GLU A . n 
A 1 17  PHE 17  243 243 PHE PHE A . n 
A 1 18  THR 18  244 244 THR THR A . n 
A 1 19  VAL 19  245 245 VAL VAL A . n 
A 1 20  PHE 20  246 246 PHE PHE A . n 
A 1 21  THR 21  247 247 THR THR A . n 
A 1 22  THR 22  248 248 THR THR A . n 
A 1 23  ARG 23  249 249 ARG ARG A . n 
A 1 24  PRO 24  250 250 PRO PRO A . n 
A 1 25  ASP 25  251 251 ASP ASP A . n 
A 1 26  THR 26  252 252 THR THR A . n 
A 1 27  LEU 27  253 253 LEU LEU A . n 
A 1 28  PHE 28  254 254 PHE PHE A . n 
A 1 29  GLY 29  255 255 GLY GLY A . n 
A 1 30  ALA 30  256 256 ALA ALA A . n 
A 1 31  THR 31  257 257 THR THR A . n 
A 1 32  PHE 32  258 258 PHE PHE A . n 
A 1 33  THR 33  259 259 THR THR A . n 
A 1 34  VAL 34  260 260 VAL VAL A . n 
A 1 35  LEU 35  261 261 LEU LEU A . n 
A 1 36  ALA 36  262 262 ALA ALA A . n 
A 1 37  PRO 37  263 263 PRO PRO A . n 
A 1 38  GLU 38  264 264 GLU GLU A . n 
A 1 39  HIS 39  265 265 HIS HIS A . n 
A 1 40  GLU 40  266 266 GLU GLU A . n 
A 1 41  LEU 41  267 267 LEU LEU A . n 
A 1 42  VAL 42  268 268 VAL VAL A . n 
A 1 43  ASP 43  269 269 ASP ASP A . n 
A 1 44  ALA 44  270 270 ALA ALA A . n 
A 1 45  ILE 45  271 271 ILE ILE A . n 
A 1 46  THR 46  272 272 THR THR A . n 
A 1 47  SER 47  273 273 SER SER A . n 
A 1 48  SER 48  274 274 SER SER A . n 
A 1 49  GLU 49  275 275 GLU GLU A . n 
A 1 50  GLN 50  276 276 GLN GLN A . n 
A 1 51  ALA 51  277 277 ALA ALA A . n 
A 1 52  GLU 52  278 278 GLU GLU A . n 
A 1 53  ALA 53  279 279 ALA ALA A . n 
A 1 54  VAL 54  280 280 VAL VAL A . n 
A 1 55  ALA 55  281 281 ALA ALA A . n 
A 1 56  ASP 56  282 282 ASP ASP A . n 
A 1 57  TYR 57  283 283 TYR TYR A . n 
A 1 58  LYS 58  284 284 LYS LYS A . n 
A 1 59  HIS 59  285 285 HIS HIS A . n 
A 1 60  GLN 60  286 286 GLN GLN A . n 
A 1 61  ALA 61  287 287 ALA ALA A . n 
A 1 62  SER 62  288 288 SER SER A . n 
A 1 63  LEU 63  289 289 LEU LEU A . n 
A 1 64  LYS 64  290 290 LYS LYS A . n 
A 1 65  SER 65  291 291 SER SER A . n 
A 1 66  ASP 66  292 292 ASP ASP A . n 
A 1 67  LEU 67  293 293 LEU LEU A . n 
A 1 68  VAL 68  294 294 VAL VAL A . n 
A 1 69  ARG 69  295 295 ARG ARG A . n 
A 1 70  THR 70  296 296 THR THR A . n 
A 1 71  ASP 71  297 297 ASP ASP A . n 
A 1 72  LEU 72  298 298 LEU LEU A . n 
A 1 73  ALA 73  299 299 ALA ALA A . n 
A 1 74  LYS 74  300 300 LYS LYS A . n 
A 1 75  GLU 75  301 301 GLU GLU A . n 
A 1 76  LYS 76  302 302 LYS LYS A . n 
A 1 77  THR 77  303 303 THR THR A . n 
A 1 78  GLY 78  304 304 GLY GLY A . n 
A 1 79  VAL 79  305 305 VAL VAL A . n 
A 1 80  TRP 80  306 306 TRP TRP A . n 
A 1 81  THR 81  307 307 THR THR A . n 
A 1 82  GLY 82  308 308 GLY GLY A . n 
A 1 83  ALA 83  309 309 ALA ALA A . n 
A 1 84  TYR 84  310 310 TYR TYR A . n 
A 1 85  ALA 85  311 311 ALA ALA A . n 
A 1 86  ILE 86  312 312 ILE ILE A . n 
A 1 87  ASN 87  313 313 ASN ASN A . n 
A 1 88  PRO 88  314 314 PRO PRO A . n 
A 1 89  VAL 89  315 315 VAL VAL A . n 
A 1 90  ASN 90  316 316 ASN ASN A . n 
A 1 91  GLY 91  317 317 GLY GLY A . n 
A 1 92  LYS 92  318 318 LYS LYS A . n 
A 1 93  GLU 93  319 319 GLU GLU A . n 
A 1 94  MET 94  320 320 MET MET A . n 
A 1 95  PRO 95  321 321 PRO PRO A . n 
A 1 96  ILE 96  322 322 ILE ILE A . n 
A 1 97  TRP 97  323 323 TRP TRP A . n 
A 1 98  ILE 98  324 324 ILE ILE A . n 
A 1 99  ALA 99  325 325 ALA ALA A . n 
A 1 100 ASP 100 326 326 ASP ASP A . n 
A 1 101 TYR 101 327 327 TYR TYR A . n 
A 1 102 VAL 102 328 328 VAL VAL A . n 
A 1 103 LEU 103 329 329 LEU LEU A . n 
A 1 104 ALA 104 330 330 ALA ALA A . n 
A 1 105 SER 105 331 331 SER SER A . n 
A 1 106 TYR 106 332 332 TYR TYR A . n 
A 1 107 GLY 107 333 333 GLY GLY A . n 
A 1 108 THR 108 334 334 THR THR A . n 
A 1 109 GLY 109 335 335 GLY GLY A . n 
A 1 110 ALA 110 336 336 ALA ALA A . n 
A 1 111 VAL 111 337 337 VAL VAL A . n 
A 1 112 MET 112 338 338 MET MET A . n 
A 1 113 ALA 113 339 339 ALA ALA A . n 
A 1 114 VAL 114 340 340 VAL VAL A . n 
A 1 115 PRO 115 341 341 PRO PRO A . n 
A 1 116 ALA 116 342 342 ALA ALA A . n 
A 1 117 HIS 117 343 343 HIS HIS A . n 
A 1 118 ASP 118 344 344 ASP ASP A . n 
A 1 119 GLN 119 345 345 GLN GLN A . n 
A 1 120 ARG 120 346 346 ARG ARG A . n 
A 1 121 ASP 121 347 347 ASP ASP A . n 
A 1 122 TRP 122 348 348 TRP TRP A . n 
A 1 123 GLU 123 349 349 GLU GLU A . n 
A 1 124 PHE 124 350 350 PHE PHE A . n 
A 1 125 ALA 125 351 351 ALA ALA A . n 
A 1 126 LYS 126 352 352 LYS LYS A . n 
A 1 127 GLN 127 353 353 GLN GLN A . n 
A 1 128 PHE 128 354 354 PHE PHE A . n 
A 1 129 ASP 129 355 355 ASP ASP A . n 
A 1 130 LEU 130 356 356 LEU LEU A . n 
A 1 131 PRO 131 357 357 PRO PRO A . n 
A 1 132 ILE 132 358 358 ILE ILE A . n 
A 1 133 VAL 133 359 359 VAL VAL A . n 
A 1 134 GLU 134 360 360 GLU GLU A . n 
A 1 135 VAL 135 361 361 VAL VAL A . n 
A 1 136 LEU 136 362 362 LEU LEU A . n 
A 1 137 GLU 137 363 363 GLU GLU A . n 
A 1 138 GLY 138 364 364 GLY GLY A . n 
A 1 139 GLY 139 365 365 GLY GLY A . n 
A 1 140 ASN 140 366 366 ASN ASN A . n 
A 1 141 VAL 141 367 367 VAL VAL A . n 
A 1 142 GLU 142 368 368 GLU GLU A . n 
A 1 143 GLU 143 369 369 GLU GLU A . n 
A 1 144 ALA 144 370 370 ALA ALA A . n 
A 1 145 ALA 145 371 371 ALA ALA A . n 
A 1 146 TYR 146 372 372 TYR TYR A . n 
A 1 147 THR 147 373 373 THR THR A . n 
A 1 148 GLU 148 374 374 GLU GLU A . n 
A 1 149 ASP 149 375 375 ASP ASP A . n 
A 1 150 GLY 150 376 376 GLY GLY A . n 
A 1 151 LEU 151 377 377 LEU LEU A . n 
A 1 152 HIS 152 378 378 HIS HIS A . n 
A 1 153 VAL 153 379 379 VAL VAL A . n 
A 1 154 ASN 154 380 380 ASN ASN A . n 
A 1 155 SER 155 381 381 SER SER A . n 
A 1 156 ASP 156 382 382 ASP ASP A . n 
A 1 157 PHE 157 383 383 PHE PHE A . n 
A 1 158 LEU 158 384 384 LEU LEU A . n 
A 1 159 ASP 159 385 385 ASP ASP A . n 
A 1 160 GLY 160 386 386 GLY GLY A . n 
A 1 161 LEU 161 387 387 LEU LEU A . n 
A 1 162 ASN 162 388 388 ASN ASN A . n 
A 1 163 LYS 163 389 389 LYS LYS A . n 
A 1 164 GLU 164 390 390 GLU GLU A . n 
A 1 165 ASP 165 391 391 ASP ASP A . n 
A 1 166 ALA 166 392 392 ALA ALA A . n 
A 1 167 ILE 167 393 393 ILE ILE A . n 
A 1 168 ALA 168 394 394 ALA ALA A . n 
A 1 169 LYS 169 395 395 LYS LYS A . n 
A 1 170 ILE 170 396 396 ILE ILE A . n 
A 1 171 VAL 171 397 397 VAL VAL A . n 
A 1 172 ALA 172 398 398 ALA ALA A . n 
A 1 173 SER 173 399 399 SER SER A . n 
A 1 174 LEU 174 400 400 LEU LEU A . n 
A 1 175 GLU 175 401 401 GLU GLU A . n 
A 1 176 GLU 176 402 402 GLU GLU A . n 
A 1 177 LYS 177 403 403 LYS LYS A . n 
A 1 178 GLY 178 404 404 GLY GLY A . n 
A 1 179 CYS 179 405 405 CYS CYS A . n 
A 1 180 GLY 180 406 406 GLY GLY A . n 
A 1 181 GLN 181 407 407 GLN GLN A . n 
A 1 182 GLU 182 408 408 GLU GLU A . n 
A 1 183 LYS 183 409 409 LYS LYS A . n 
A 1 184 VAL 184 410 410 VAL VAL A . n 
A 1 185 LEU 185 411 ?   ?   ?   A . n 
A 1 186 GLU 186 412 ?   ?   ?   A . n 
A 1 187 HIS 187 413 ?   ?   ?   A . n 
A 1 188 HIS 188 414 ?   ?   ?   A . n 
A 1 189 HIS 189 415 ?   ?   ?   A . n 
A 1 190 HIS 190 416 ?   ?   ?   A . n 
A 1 191 HIS 191 417 ?   ?   ?   A . n 
A 1 192 HIS 192 418 ?   ?   ?   A . n 
# 
loop_
_pdbx_nonpoly_scheme.asym_id 
_pdbx_nonpoly_scheme.entity_id 
_pdbx_nonpoly_scheme.mon_id 
_pdbx_nonpoly_scheme.ndb_seq_num 
_pdbx_nonpoly_scheme.pdb_seq_num 
_pdbx_nonpoly_scheme.auth_seq_num 
_pdbx_nonpoly_scheme.pdb_mon_id 
_pdbx_nonpoly_scheme.auth_mon_id 
_pdbx_nonpoly_scheme.pdb_strand_id 
_pdbx_nonpoly_scheme.pdb_ins_code 
B 2 WMP 1   501 1   WMP DRG A . 
C 3 SO4 1   502 1   SO4 SO4 A . 
D 3 SO4 1   503 2   SO4 SO4 A . 
E 3 SO4 1   504 3   SO4 SO4 A . 
F 3 SO4 1   505 4   SO4 SO4 A . 
G 4 HOH 1   601 1   HOH HOH A . 
G 4 HOH 2   602 2   HOH HOH A . 
G 4 HOH 3   603 3   HOH HOH A . 
G 4 HOH 4   604 4   HOH HOH A . 
G 4 HOH 5   605 5   HOH HOH A . 
G 4 HOH 6   606 6   HOH HOH A . 
G 4 HOH 7   607 7   HOH HOH A . 
G 4 HOH 8   608 8   HOH HOH A . 
G 4 HOH 9   609 9   HOH HOH A . 
G 4 HOH 10  610 10  HOH HOH A . 
G 4 HOH 11  611 11  HOH HOH A . 
G 4 HOH 12  612 12  HOH HOH A . 
G 4 HOH 13  613 13  HOH HOH A . 
G 4 HOH 14  614 14  HOH HOH A . 
G 4 HOH 15  615 15  HOH HOH A . 
G 4 HOH 16  616 16  HOH HOH A . 
G 4 HOH 17  617 17  HOH HOH A . 
G 4 HOH 18  618 18  HOH HOH A . 
G 4 HOH 19  619 19  HOH HOH A . 
G 4 HOH 20  620 20  HOH HOH A . 
G 4 HOH 21  621 21  HOH HOH A . 
G 4 HOH 22  622 22  HOH HOH A . 
G 4 HOH 23  623 23  HOH HOH A . 
G 4 HOH 24  624 24  HOH HOH A . 
G 4 HOH 25  625 25  HOH HOH A . 
G 4 HOH 26  626 26  HOH HOH A . 
G 4 HOH 27  627 27  HOH HOH A . 
G 4 HOH 28  628 28  HOH HOH A . 
G 4 HOH 29  629 29  HOH HOH A . 
G 4 HOH 30  630 30  HOH HOH A . 
G 4 HOH 31  631 31  HOH HOH A . 
G 4 HOH 32  632 32  HOH HOH A . 
G 4 HOH 33  633 33  HOH HOH A . 
G 4 HOH 34  634 34  HOH HOH A . 
G 4 HOH 35  635 35  HOH HOH A . 
G 4 HOH 36  636 36  HOH HOH A . 
G 4 HOH 37  637 37  HOH HOH A . 
G 4 HOH 38  638 38  HOH HOH A . 
G 4 HOH 39  639 39  HOH HOH A . 
G 4 HOH 40  640 40  HOH HOH A . 
G 4 HOH 41  641 41  HOH HOH A . 
G 4 HOH 42  642 42  HOH HOH A . 
G 4 HOH 43  643 43  HOH HOH A . 
G 4 HOH 44  644 44  HOH HOH A . 
G 4 HOH 45  645 45  HOH HOH A . 
G 4 HOH 46  646 46  HOH HOH A . 
G 4 HOH 47  647 47  HOH HOH A . 
G 4 HOH 48  648 48  HOH HOH A . 
G 4 HOH 49  649 49  HOH HOH A . 
G 4 HOH 50  650 50  HOH HOH A . 
G 4 HOH 51  651 51  HOH HOH A . 
G 4 HOH 52  652 52  HOH HOH A . 
G 4 HOH 53  653 53  HOH HOH A . 
G 4 HOH 54  654 54  HOH HOH A . 
G 4 HOH 55  655 55  HOH HOH A . 
G 4 HOH 56  656 56  HOH HOH A . 
G 4 HOH 57  657 57  HOH HOH A . 
G 4 HOH 58  658 58  HOH HOH A . 
G 4 HOH 59  659 59  HOH HOH A . 
G 4 HOH 60  660 60  HOH HOH A . 
G 4 HOH 61  661 61  HOH HOH A . 
G 4 HOH 62  662 62  HOH HOH A . 
G 4 HOH 63  663 63  HOH HOH A . 
G 4 HOH 64  664 64  HOH HOH A . 
G 4 HOH 65  665 65  HOH HOH A . 
G 4 HOH 66  666 66  HOH HOH A . 
G 4 HOH 67  667 67  HOH HOH A . 
G 4 HOH 68  668 68  HOH HOH A . 
G 4 HOH 69  669 69  HOH HOH A . 
G 4 HOH 70  670 70  HOH HOH A . 
G 4 HOH 71  671 71  HOH HOH A . 
G 4 HOH 72  672 72  HOH HOH A . 
G 4 HOH 73  673 73  HOH HOH A . 
G 4 HOH 74  674 74  HOH HOH A . 
G 4 HOH 75  675 75  HOH HOH A . 
G 4 HOH 76  676 76  HOH HOH A . 
G 4 HOH 77  677 77  HOH HOH A . 
G 4 HOH 78  678 78  HOH HOH A . 
G 4 HOH 79  679 79  HOH HOH A . 
G 4 HOH 80  680 80  HOH HOH A . 
G 4 HOH 81  681 81  HOH HOH A . 
G 4 HOH 82  682 82  HOH HOH A . 
G 4 HOH 83  683 83  HOH HOH A . 
G 4 HOH 84  684 84  HOH HOH A . 
G 4 HOH 85  685 85  HOH HOH A . 
G 4 HOH 86  686 86  HOH HOH A . 
G 4 HOH 87  687 87  HOH HOH A . 
G 4 HOH 88  688 88  HOH HOH A . 
G 4 HOH 89  689 89  HOH HOH A . 
G 4 HOH 90  690 90  HOH HOH A . 
G 4 HOH 91  691 91  HOH HOH A . 
G 4 HOH 92  692 92  HOH HOH A . 
G 4 HOH 93  693 93  HOH HOH A . 
G 4 HOH 94  694 94  HOH HOH A . 
G 4 HOH 95  695 95  HOH HOH A . 
G 4 HOH 96  696 96  HOH HOH A . 
G 4 HOH 97  697 97  HOH HOH A . 
G 4 HOH 98  698 98  HOH HOH A . 
G 4 HOH 99  699 99  HOH HOH A . 
G 4 HOH 100 700 100 HOH HOH A . 
G 4 HOH 101 701 101 HOH HOH A . 
G 4 HOH 102 702 102 HOH HOH A . 
G 4 HOH 103 703 103 HOH HOH A . 
G 4 HOH 104 704 104 HOH HOH A . 
G 4 HOH 105 705 105 HOH HOH A . 
G 4 HOH 106 706 106 HOH HOH A . 
G 4 HOH 107 707 107 HOH HOH A . 
G 4 HOH 108 708 108 HOH HOH A . 
G 4 HOH 109 709 109 HOH HOH A . 
G 4 HOH 110 710 110 HOH HOH A . 
G 4 HOH 111 711 111 HOH HOH A . 
G 4 HOH 112 712 112 HOH HOH A . 
G 4 HOH 113 713 113 HOH HOH A . 
G 4 HOH 114 714 114 HOH HOH A . 
G 4 HOH 115 715 115 HOH HOH A . 
G 4 HOH 116 716 116 HOH HOH A . 
G 4 HOH 117 717 117 HOH HOH A . 
G 4 HOH 118 718 118 HOH HOH A . 
G 4 HOH 119 719 119 HOH HOH A . 
G 4 HOH 120 720 120 HOH HOH A . 
G 4 HOH 121 721 121 HOH HOH A . 
G 4 HOH 122 722 122 HOH HOH A . 
G 4 HOH 123 723 123 HOH HOH A . 
G 4 HOH 124 724 124 HOH HOH A . 
G 4 HOH 125 725 125 HOH HOH A . 
G 4 HOH 126 726 126 HOH HOH A . 
G 4 HOH 127 727 127 HOH HOH A . 
G 4 HOH 128 728 128 HOH HOH A . 
G 4 HOH 129 729 129 HOH HOH A . 
G 4 HOH 130 730 130 HOH HOH A . 
G 4 HOH 131 731 131 HOH HOH A . 
G 4 HOH 132 732 132 HOH HOH A . 
G 4 HOH 133 733 133 HOH HOH A . 
G 4 HOH 134 734 134 HOH HOH A . 
G 4 HOH 135 735 135 HOH HOH A . 
# 
loop_
_software.name 
_software.classification 
_software.version 
_software.citation_id 
_software.pdbx_ordinal 
HKL-2000 'data collection' .        ? 1 
MOLREP   phasing           .        ? 2 
REFMAC   refinement        5.5.0110 ? 3 
HKL-2000 'data reduction'  .        ? 4 
HKL-2000 'data scaling'    .        ? 5 
# 
_cell.entry_id           4K47 
_cell.length_a           88.354 
_cell.length_b           88.354 
_cell.length_c           137.163 
_cell.angle_alpha        90.00 
_cell.angle_beta         90.00 
_cell.angle_gamma        120.00 
_cell.Z_PDB              12 
_cell.pdbx_unique_axis   ? 
_cell.length_a_esd       ? 
_cell.length_b_esd       ? 
_cell.length_c_esd       ? 
_cell.angle_alpha_esd    ? 
_cell.angle_beta_esd     ? 
_cell.angle_gamma_esd    ? 
# 
_symmetry.entry_id                         4K47 
_symmetry.space_group_name_H-M             'P 61 2 2' 
_symmetry.pdbx_full_space_group_name_H-M   ? 
_symmetry.cell_setting                     ? 
_symmetry.Int_Tables_number                178 
_symmetry.space_group_name_Hall            ? 
# 
_exptl.entry_id          4K47 
_exptl.method            'X-RAY DIFFRACTION' 
_exptl.crystals_number   1 
# 
_exptl_crystal.id                    1 
_exptl_crystal.density_meas          ? 
_exptl_crystal.density_Matthews      3.66 
_exptl_crystal.density_percent_sol   66.43 
_exptl_crystal.description           ? 
_exptl_crystal.F_000                 ? 
_exptl_crystal.preparation           ? 
# 
_exptl_crystal_grow.crystal_id      1 
_exptl_crystal_grow.method          'VAPOR DIFFUSION, SITTING DROP' 
_exptl_crystal_grow.temp            293 
_exptl_crystal_grow.temp_details    ? 
_exptl_crystal_grow.pH              5.5 
_exptl_crystal_grow.pdbx_details    '0.1M Bis-Tris (pH5.5), 2M ammonium sulfate, VAPOR DIFFUSION, SITTING DROP, temperature 293K' 
_exptl_crystal_grow.pdbx_pH_range   . 
# 
_diffrn.id                     1 
_diffrn.ambient_temp           100 
_diffrn.ambient_temp_details   ? 
_diffrn.crystal_id             1 
# 
_diffrn_detector.diffrn_id              1 
_diffrn_detector.detector               CCD 
_diffrn_detector.type                   'ADSC QUANTUM 315' 
_diffrn_detector.pdbx_collection_date   2012-10-31 
_diffrn_detector.details                ? 
# 
_diffrn_radiation.diffrn_id                        1 
_diffrn_radiation.wavelength_id                    1 
_diffrn_radiation.pdbx_monochromatic_or_laue_m_l   M 
_diffrn_radiation.monochromator                    GRAPHITE 
_diffrn_radiation.pdbx_diffrn_protocol             'SINGLE WAVELENGTH' 
_diffrn_radiation.pdbx_scattering_type             x-ray 
# 
_diffrn_radiation_wavelength.id           1 
_diffrn_radiation_wavelength.wavelength   0.9792 
_diffrn_radiation_wavelength.wt           1.0 
# 
_diffrn_source.diffrn_id                   1 
_diffrn_source.source                      SYNCHROTRON 
_diffrn_source.type                        'SSRF BEAMLINE BL17U' 
_diffrn_source.pdbx_synchrotron_site       SSRF 
_diffrn_source.pdbx_synchrotron_beamline   BL17U 
_diffrn_source.pdbx_wavelength             ? 
_diffrn_source.pdbx_wavelength_list        0.9792 
# 
_reflns.entry_id                     4K47 
_reflns.observed_criterion_sigma_I   ? 
_reflns.observed_criterion_sigma_F   ? 
_reflns.d_resolution_low             50.00 
_reflns.d_resolution_high            2.00 
_reflns.number_obs                   21307 
_reflns.number_all                   21407 
_reflns.percent_possible_obs         99.6 
_reflns.pdbx_Rmerge_I_obs            ? 
_reflns.pdbx_Rsym_value              ? 
_reflns.pdbx_netI_over_sigmaI        ? 
_reflns.B_iso_Wilson_estimate        ? 
_reflns.pdbx_redundancy              ? 
_reflns.R_free_details               ? 
_reflns.limit_h_max                  ? 
_reflns.limit_h_min                  ? 
_reflns.limit_k_max                  ? 
_reflns.limit_k_min                  ? 
_reflns.limit_l_max                  ? 
_reflns.limit_l_min                  ? 
_reflns.observed_criterion_F_max     ? 
_reflns.observed_criterion_F_min     ? 
_reflns.pdbx_chi_squared             ? 
_reflns.pdbx_scaling_rejects         ? 
_reflns.pdbx_ordinal                 1 
_reflns.pdbx_diffrn_id               1 
# 
_reflns_shell.d_res_high                  2.00 
_reflns_shell.d_res_low                   2.07 
_reflns_shell.percent_possible_all        99.9 
_reflns_shell.Rmerge_I_obs                ? 
_reflns_shell.pdbx_Rsym_value             ? 
_reflns_shell.meanI_over_sigI_obs         ? 
_reflns_shell.pdbx_redundancy             ? 
_reflns_shell.percent_possible_obs        ? 
_reflns_shell.number_unique_all           ? 
_reflns_shell.number_measured_all         ? 
_reflns_shell.number_measured_obs         ? 
_reflns_shell.number_unique_obs           ? 
_reflns_shell.pdbx_chi_squared            ? 
_reflns_shell.pdbx_rejects                ? 
_reflns_shell.pdbx_netI_over_sigmaI_obs   ? 
_reflns_shell.number_possible             ? 
_reflns_shell.Rmerge_F_all                ? 
_reflns_shell.Rmerge_F_obs                ? 
_reflns_shell.Rmerge_I_all                ? 
_reflns_shell.meanI_over_sigI_all         ? 
_reflns_shell.pdbx_Rrim_I_all             ? 
_reflns_shell.pdbx_Rpim_I_all             ? 
_reflns_shell.pdbx_ordinal                1 
_reflns_shell.pdbx_diffrn_id              1 
# 
_refine.entry_id                                 4K47 
_refine.ls_number_reflns_obs                     20052 
_refine.ls_number_reflns_all                     ? 
_refine.pdbx_ls_sigma_I                          ? 
_refine.pdbx_ls_sigma_F                          ? 
_refine.pdbx_data_cutoff_high_absF               ? 
_refine.pdbx_data_cutoff_low_absF                ? 
_refine.pdbx_data_cutoff_high_rms_absF           ? 
_refine.ls_d_res_low                             50.00 
_refine.ls_d_res_high                            2.02 
_refine.ls_percent_reflns_obs                    98.14 
_refine.ls_R_factor_obs                          0.22554 
_refine.ls_R_factor_all                          ? 
_refine.ls_R_factor_R_work                       0.22406 
_refine.ls_R_factor_R_free                       0.25572 
_refine.ls_R_factor_R_free_error                 ? 
_refine.ls_R_factor_R_free_error_details         ? 
_refine.ls_percent_reflns_R_free                 5.1 
_refine.ls_number_reflns_R_free                  1076 
_refine.ls_number_parameters                     ? 
_refine.ls_number_restraints                     ? 
_refine.occupancy_min                            ? 
_refine.occupancy_max                            ? 
_refine.correlation_coeff_Fo_to_Fc               0.949 
_refine.correlation_coeff_Fo_to_Fc_free          0.932 
_refine.B_iso_mean                               41.214 
_refine.aniso_B[1][1]                            1.03 
_refine.aniso_B[2][2]                            1.03 
_refine.aniso_B[3][3]                            -1.54 
_refine.aniso_B[1][2]                            0.51 
_refine.aniso_B[1][3]                            0.00 
_refine.aniso_B[2][3]                            0.00 
_refine.solvent_model_details                    MASK 
_refine.solvent_model_param_ksol                 ? 
_refine.solvent_model_param_bsol                 ? 
_refine.pdbx_solvent_vdw_probe_radii             1.40 
_refine.pdbx_solvent_ion_probe_radii             0.80 
_refine.pdbx_solvent_shrinkage_radii             0.80 
_refine.pdbx_ls_cross_valid_method               THROUGHOUT 
_refine.details                                  'HYDROGENS HAVE BEEN ADDED IN THE RIDING POSITIONS' 
_refine.pdbx_starting_model                      ? 
_refine.pdbx_method_to_determine_struct          'MOLECULAR REPLACEMENT' 
_refine.pdbx_isotropic_thermal_model             ? 
_refine.pdbx_stereochemistry_target_values       'MAXIMUM LIKELIHOOD' 
_refine.pdbx_stereochem_target_val_spec_case     ? 
_refine.pdbx_R_Free_selection_details            RANDOM 
_refine.pdbx_overall_ESU_R                       0.158 
_refine.pdbx_overall_ESU_R_Free                  0.149 
_refine.overall_SU_ML                            0.106 
_refine.pdbx_overall_phase_error                 ? 
_refine.overall_SU_B                             3.878 
_refine.overall_SU_R_Cruickshank_DPI             ? 
_refine.ls_redundancy_reflns_obs                 ? 
_refine.B_iso_min                                ? 
_refine.B_iso_max                                ? 
_refine.overall_SU_R_free                        ? 
_refine.ls_wR_factor_R_free                      ? 
_refine.ls_wR_factor_R_work                      ? 
_refine.overall_FOM_free_R_set                   ? 
_refine.overall_FOM_work_R_set                   ? 
_refine.pdbx_diffrn_id                           1 
_refine.pdbx_refine_id                           'X-RAY DIFFRACTION' 
_refine.pdbx_TLS_residual_ADP_flag               ? 
_refine.pdbx_overall_SU_R_free_Cruickshank_DPI   ? 
_refine.pdbx_overall_SU_R_Blow_DPI               ? 
_refine.pdbx_overall_SU_R_free_Blow_DPI          ? 
# 
_refine_hist.pdbx_refine_id                   'X-RAY DIFFRACTION' 
_refine_hist.cycle_id                         LAST 
_refine_hist.pdbx_number_atoms_protein        1401 
_refine_hist.pdbx_number_atoms_nucleic_acid   0 
_refine_hist.pdbx_number_atoms_ligand         60 
_refine_hist.number_atoms_solvent             135 
_refine_hist.number_atoms_total               1596 
_refine_hist.d_res_high                       2.02 
_refine_hist.d_res_low                        50.00 
# 
loop_
_refine_ls_restr.type 
_refine_ls_restr.dev_ideal 
_refine_ls_restr.dev_ideal_target 
_refine_ls_restr.weight 
_refine_ls_restr.number 
_refine_ls_restr.pdbx_restraint_function 
_refine_ls_restr.pdbx_refine_id 
r_bond_refined_d             0.010  0.022  ? 1495 ? 'X-RAY DIFFRACTION' 
r_bond_other_d               0.001  0.020  ? 22   ? 'X-RAY DIFFRACTION' 
r_angle_refined_deg          1.214  1.998  ? 2044 ? 'X-RAY DIFFRACTION' 
r_angle_other_deg            0.963  3.000  ? 49   ? 'X-RAY DIFFRACTION' 
r_dihedral_angle_1_deg       5.420  5.000  ? 182  ? 'X-RAY DIFFRACTION' 
r_dihedral_angle_2_deg       33.085 26.000 ? 65   ? 'X-RAY DIFFRACTION' 
r_dihedral_angle_3_deg       13.136 15.000 ? 232  ? 'X-RAY DIFFRACTION' 
r_dihedral_angle_4_deg       16.060 15.000 ? 3    ? 'X-RAY DIFFRACTION' 
r_chiral_restr               0.086  0.200  ? 227  ? 'X-RAY DIFFRACTION' 
r_gen_planes_refined         0.005  0.021  ? 1114 ? 'X-RAY DIFFRACTION' 
r_gen_planes_other           0.001  0.033  ? 12   ? 'X-RAY DIFFRACTION' 
r_nbd_refined                ?      ?      ? ?    ? 'X-RAY DIFFRACTION' 
r_nbd_other                  ?      ?      ? ?    ? 'X-RAY DIFFRACTION' 
r_nbtor_refined              ?      ?      ? ?    ? 'X-RAY DIFFRACTION' 
r_nbtor_other                ?      ?      ? ?    ? 'X-RAY DIFFRACTION' 
r_xyhbond_nbd_refined        ?      ?      ? ?    ? 'X-RAY DIFFRACTION' 
r_xyhbond_nbd_other          ?      ?      ? ?    ? 'X-RAY DIFFRACTION' 
r_metal_ion_refined          ?      ?      ? ?    ? 'X-RAY DIFFRACTION' 
r_metal_ion_other            ?      ?      ? ?    ? 'X-RAY DIFFRACTION' 
r_symmetry_vdw_refined       ?      ?      ? ?    ? 'X-RAY DIFFRACTION' 
r_symmetry_vdw_other         ?      ?      ? ?    ? 'X-RAY DIFFRACTION' 
r_symmetry_hbond_refined     ?      ?      ? ?    ? 'X-RAY DIFFRACTION' 
r_symmetry_hbond_other       ?      ?      ? ?    ? 'X-RAY DIFFRACTION' 
r_symmetry_metal_ion_refined ?      ?      ? ?    ? 'X-RAY DIFFRACTION' 
r_symmetry_metal_ion_other   ?      ?      ? ?    ? 'X-RAY DIFFRACTION' 
r_mcbond_it                  0.670  1.500  ? 906  ? 'X-RAY DIFFRACTION' 
r_mcbond_other               ?      ?      ? ?    ? 'X-RAY DIFFRACTION' 
r_mcangle_it                 1.305  2.000  ? 1455 ? 'X-RAY DIFFRACTION' 
r_scbond_it                  1.786  3.000  ? 589  ? 'X-RAY DIFFRACTION' 
r_scangle_it                 3.027  4.500  ? 589  ? 'X-RAY DIFFRACTION' 
r_rigid_bond_restr           ?      ?      ? ?    ? 'X-RAY DIFFRACTION' 
r_sphericity_free            ?      ?      ? ?    ? 'X-RAY DIFFRACTION' 
r_sphericity_bonded          ?      ?      ? ?    ? 'X-RAY DIFFRACTION' 
# 
_refine_ls_shell.pdbx_refine_id                   'X-RAY DIFFRACTION' 
_refine_ls_shell.pdbx_total_number_of_bins_used   20 
_refine_ls_shell.d_res_high                       2.016 
_refine_ls_shell.d_res_low                        2.069 
_refine_ls_shell.number_reflns_R_work             1278 
_refine_ls_shell.R_factor_R_work                  0.294 
_refine_ls_shell.percent_reflns_obs               87.92 
_refine_ls_shell.R_factor_R_free                  0.325 
_refine_ls_shell.R_factor_R_free_error            ? 
_refine_ls_shell.percent_reflns_R_free            ? 
_refine_ls_shell.number_reflns_R_free             76 
_refine_ls_shell.number_reflns_all                ? 
_refine_ls_shell.R_factor_all                     ? 
_refine_ls_shell.number_reflns_obs                ? 
_refine_ls_shell.redundancy_reflns_obs            ? 
# 
_struct.entry_id                  4K47 
_struct.title                     
'Structure of the Streptococcus pneumoniae leucyl-tRNA synthetase editing domain bound to a benzoxaborole-AMP adduct' 
_struct.pdbx_model_details        ? 
_struct.pdbx_CASP_flag            ? 
_struct.pdbx_model_type_details   ? 
# 
_struct_keywords.entry_id        4K47 
_struct_keywords.pdbx_keywords   'LIGASE/LIGASE INHIBITOR' 
_struct_keywords.text            'leucyl-tRNA synthetase, benzoxaboroles, antibacterial, LIGASE-LIGASE INHIBITOR complex' 
# 
loop_
_struct_asym.id 
_struct_asym.pdbx_blank_PDB_chainid_flag 
_struct_asym.pdbx_modified 
_struct_asym.entity_id 
_struct_asym.details 
A N N 1 ? 
B N N 2 ? 
C N N 3 ? 
D N N 3 ? 
E N N 3 ? 
F N N 3 ? 
G N N 4 ? 
# 
_struct_ref.id                         1 
_struct_ref.db_name                    UNP 
_struct_ref.db_code                    SYL_STRPJ 
_struct_ref.pdbx_db_accession          B8ZKS5 
_struct_ref.entity_id                  1 
_struct_ref.pdbx_seq_one_letter_code   
;TGANVTFKVKGTDKEFTVFTTRPDTLFGATFTVLAPEHELVDAITSSEQAEAVADYKHQASLKSDLVRTDLAKEKTGVWT
GAYAINPVNGKEMPIWIADYVLASYGTGAVMAVPAHDQRDWEFAKQFDLPIVEVLEGGNVEEAAYTEDGLHVNSDFLDGL
NKEDAIAKIVACLEEKGCGQEKV
;
_struct_ref.pdbx_align_begin           228 
_struct_ref.pdbx_db_isoform            ? 
# 
_struct_ref_seq.align_id                      1 
_struct_ref_seq.ref_id                        1 
_struct_ref_seq.pdbx_PDB_id_code              4K47 
_struct_ref_seq.pdbx_strand_id                A 
_struct_ref_seq.seq_align_beg                 2 
_struct_ref_seq.pdbx_seq_align_beg_ins_code   ? 
_struct_ref_seq.seq_align_end                 184 
_struct_ref_seq.pdbx_seq_align_end_ins_code   ? 
_struct_ref_seq.pdbx_db_accession             B8ZKS5 
_struct_ref_seq.db_align_beg                  228 
_struct_ref_seq.pdbx_db_align_beg_ins_code    ? 
_struct_ref_seq.db_align_end                  410 
_struct_ref_seq.pdbx_db_align_end_ins_code    ? 
_struct_ref_seq.pdbx_auth_seq_align_beg       228 
_struct_ref_seq.pdbx_auth_seq_align_end       410 
# 
loop_
_struct_ref_seq_dif.align_id 
_struct_ref_seq_dif.pdbx_pdb_id_code 
_struct_ref_seq_dif.mon_id 
_struct_ref_seq_dif.pdbx_pdb_strand_id 
_struct_ref_seq_dif.seq_num 
_struct_ref_seq_dif.pdbx_pdb_ins_code 
_struct_ref_seq_dif.pdbx_seq_db_name 
_struct_ref_seq_dif.pdbx_seq_db_accession_code 
_struct_ref_seq_dif.db_mon_id 
_struct_ref_seq_dif.pdbx_seq_db_seq_num 
_struct_ref_seq_dif.details 
_struct_ref_seq_dif.pdbx_auth_seq_num 
_struct_ref_seq_dif.pdbx_ordinal 
1 4K47 MET A 1   ? UNP B8ZKS5 ?   ?   'expression tag'      227 1  
1 4K47 SER A 173 ? UNP B8ZKS5 CYS 399 'engineered mutation' 399 2  
1 4K47 LEU A 185 ? UNP B8ZKS5 ?   ?   'expression tag'      411 3  
1 4K47 GLU A 186 ? UNP B8ZKS5 ?   ?   'expression tag'      412 4  
1 4K47 HIS A 187 ? UNP B8ZKS5 ?   ?   'expression tag'      413 5  
1 4K47 HIS A 188 ? UNP B8ZKS5 ?   ?   'expression tag'      414 6  
1 4K47 HIS A 189 ? UNP B8ZKS5 ?   ?   'expression tag'      415 7  
1 4K47 HIS A 190 ? UNP B8ZKS5 ?   ?   'expression tag'      416 8  
1 4K47 HIS A 191 ? UNP B8ZKS5 ?   ?   'expression tag'      417 9  
1 4K47 HIS A 192 ? UNP B8ZKS5 ?   ?   'expression tag'      418 10 
# 
_pdbx_struct_assembly.id                   1 
_pdbx_struct_assembly.details              author_and_software_defined_assembly 
_pdbx_struct_assembly.method_details       PISA 
_pdbx_struct_assembly.oligomeric_details   monomeric 
_pdbx_struct_assembly.oligomeric_count     1 
# 
_pdbx_struct_assembly_gen.assembly_id       1 
_pdbx_struct_assembly_gen.oper_expression   1 
_pdbx_struct_assembly_gen.asym_id_list      A,B,C,D,E,F,G 
# 
_pdbx_struct_oper_list.id                   1 
_pdbx_struct_oper_list.type                 'identity operation' 
_pdbx_struct_oper_list.name                 1_555 
_pdbx_struct_oper_list.symmetry_operation   x,y,z 
_pdbx_struct_oper_list.matrix[1][1]         1.0000000000 
_pdbx_struct_oper_list.matrix[1][2]         0.0000000000 
_pdbx_struct_oper_list.matrix[1][3]         0.0000000000 
_pdbx_struct_oper_list.vector[1]            0.0000000000 
_pdbx_struct_oper_list.matrix[2][1]         0.0000000000 
_pdbx_struct_oper_list.matrix[2][2]         1.0000000000 
_pdbx_struct_oper_list.matrix[2][3]         0.0000000000 
_pdbx_struct_oper_list.vector[2]            0.0000000000 
_pdbx_struct_oper_list.matrix[3][1]         0.0000000000 
_pdbx_struct_oper_list.matrix[3][2]         0.0000000000 
_pdbx_struct_oper_list.matrix[3][3]         1.0000000000 
_pdbx_struct_oper_list.vector[3]            0.0000000000 
# 
_struct_biol.id        1 
_struct_biol.details   ? 
# 
loop_
_struct_conf.conf_type_id 
_struct_conf.id 
_struct_conf.pdbx_PDB_helix_id 
_struct_conf.beg_label_comp_id 
_struct_conf.beg_label_asym_id 
_struct_conf.beg_label_seq_id 
_struct_conf.pdbx_beg_PDB_ins_code 
_struct_conf.end_label_comp_id 
_struct_conf.end_label_asym_id 
_struct_conf.end_label_seq_id 
_struct_conf.pdbx_end_PDB_ins_code 
_struct_conf.beg_auth_comp_id 
_struct_conf.beg_auth_asym_id 
_struct_conf.beg_auth_seq_id 
_struct_conf.end_auth_comp_id 
_struct_conf.end_auth_asym_id 
_struct_conf.end_auth_seq_id 
_struct_conf.pdbx_PDB_helix_class 
_struct_conf.details 
_struct_conf.pdbx_PDB_helix_length 
HELX_P HELX_P1 1 ARG A 23  ? ALA A 30  ? ARG A 249 ALA A 256 5 ? 8  
HELX_P HELX_P2 2 LEU A 41  ? THR A 46  ? LEU A 267 THR A 272 1 ? 6  
HELX_P HELX_P3 3 GLN A 50  ? LEU A 63  ? GLN A 276 LEU A 289 1 ? 14 
HELX_P HELX_P4 4 SER A 65  ? ASP A 71  ? SER A 291 ASP A 297 1 ? 7  
HELX_P HELX_P5 5 ASP A 118 ? ASP A 129 ? ASP A 344 ASP A 355 1 ? 12 
HELX_P HELX_P6 6 SER A 155 ? ASP A 159 ? SER A 381 ASP A 385 5 ? 5  
HELX_P HELX_P7 7 ASN A 162 ? GLY A 178 ? ASN A 388 GLY A 404 1 ? 17 
# 
_struct_conf_type.id          HELX_P 
_struct_conf_type.criteria    ? 
_struct_conf_type.reference   ? 
# 
loop_
_struct_sheet.id 
_struct_sheet.type 
_struct_sheet.number_strands 
_struct_sheet.details 
A ? 6 ? 
B ? 3 ? 
# 
loop_
_struct_sheet_order.sheet_id 
_struct_sheet_order.range_id_1 
_struct_sheet_order.range_id_2 
_struct_sheet_order.offset 
_struct_sheet_order.sense 
A 1 2 ? anti-parallel 
A 2 3 ? anti-parallel 
A 3 4 ? anti-parallel 
A 4 5 ? parallel      
A 5 6 ? anti-parallel 
B 1 2 ? anti-parallel 
B 2 3 ? anti-parallel 
# 
loop_
_struct_sheet_range.sheet_id 
_struct_sheet_range.id 
_struct_sheet_range.beg_label_comp_id 
_struct_sheet_range.beg_label_asym_id 
_struct_sheet_range.beg_label_seq_id 
_struct_sheet_range.pdbx_beg_PDB_ins_code 
_struct_sheet_range.end_label_comp_id 
_struct_sheet_range.end_label_asym_id 
_struct_sheet_range.end_label_seq_id 
_struct_sheet_range.pdbx_end_PDB_ins_code 
_struct_sheet_range.beg_auth_comp_id 
_struct_sheet_range.beg_auth_asym_id 
_struct_sheet_range.beg_auth_seq_id 
_struct_sheet_range.end_auth_comp_id 
_struct_sheet_range.end_auth_asym_id 
_struct_sheet_range.end_auth_seq_id 
A 1 GLU A 16  ? THR A 21  ? GLU A 242 THR A 247 
A 2 GLY A 3   ? VAL A 10  ? GLY A 229 VAL A 236 
A 3 VAL A 79  ? ILE A 86  ? VAL A 305 ILE A 312 
A 4 GLU A 93  ? ILE A 98  ? GLU A 319 ILE A 324 
A 5 PHE A 32  ? LEU A 35  ? PHE A 258 LEU A 261 
A 6 ALA A 110 ? ALA A 113 ? ALA A 336 ALA A 339 
B 1 GLU A 16  ? THR A 21  ? GLU A 242 THR A 247 
B 2 GLY A 3   ? VAL A 10  ? GLY A 229 VAL A 236 
B 3 GLY A 180 ? LYS A 183 ? GLY A 406 LYS A 409 
# 
loop_
_pdbx_struct_sheet_hbond.sheet_id 
_pdbx_struct_sheet_hbond.range_id_1 
_pdbx_struct_sheet_hbond.range_id_2 
_pdbx_struct_sheet_hbond.range_1_label_atom_id 
_pdbx_struct_sheet_hbond.range_1_label_comp_id 
_pdbx_struct_sheet_hbond.range_1_label_asym_id 
_pdbx_struct_sheet_hbond.range_1_label_seq_id 
_pdbx_struct_sheet_hbond.range_1_PDB_ins_code 
_pdbx_struct_sheet_hbond.range_1_auth_atom_id 
_pdbx_struct_sheet_hbond.range_1_auth_comp_id 
_pdbx_struct_sheet_hbond.range_1_auth_asym_id 
_pdbx_struct_sheet_hbond.range_1_auth_seq_id 
_pdbx_struct_sheet_hbond.range_2_label_atom_id 
_pdbx_struct_sheet_hbond.range_2_label_comp_id 
_pdbx_struct_sheet_hbond.range_2_label_asym_id 
_pdbx_struct_sheet_hbond.range_2_label_seq_id 
_pdbx_struct_sheet_hbond.range_2_PDB_ins_code 
_pdbx_struct_sheet_hbond.range_2_auth_atom_id 
_pdbx_struct_sheet_hbond.range_2_auth_comp_id 
_pdbx_struct_sheet_hbond.range_2_auth_asym_id 
_pdbx_struct_sheet_hbond.range_2_auth_seq_id 
A 1 2 O PHE A 17 ? O PHE A 243 N PHE A 8   ? N PHE A 234 
A 2 3 N LYS A 9  ? N LYS A 235 O ILE A 86  ? O ILE A 312 
A 3 4 N ALA A 85 ? N ALA A 311 O MET A 94  ? O MET A 320 
A 4 5 O TRP A 97 ? O TRP A 323 N THR A 33  ? N THR A 259 
A 5 6 N VAL A 34 ? N VAL A 260 O VAL A 111 ? O VAL A 337 
B 1 2 O PHE A 17 ? O PHE A 243 N PHE A 8   ? N PHE A 234 
B 2 3 N GLY A 3  ? N GLY A 229 O LYS A 183 ? O LYS A 409 
# 
loop_
_struct_site.id 
_struct_site.pdbx_evidence_code 
_struct_site.pdbx_auth_asym_id 
_struct_site.pdbx_auth_comp_id 
_struct_site.pdbx_auth_seq_id 
_struct_site.pdbx_auth_ins_code 
_struct_site.pdbx_num_residues 
_struct_site.details 
AC1 Software A WMP 501 ? 20 'BINDING SITE FOR RESIDUE WMP A 501' 
AC2 Software A SO4 502 ? 3  'BINDING SITE FOR RESIDUE SO4 A 502' 
AC3 Software A SO4 503 ? 3  'BINDING SITE FOR RESIDUE SO4 A 503' 
AC4 Software A SO4 504 ? 4  'BINDING SITE FOR RESIDUE SO4 A 504' 
AC5 Software A SO4 505 ? 3  'BINDING SITE FOR RESIDUE SO4 A 505' 
# 
loop_
_struct_site_gen.id 
_struct_site_gen.site_id 
_struct_site_gen.pdbx_num_res 
_struct_site_gen.label_comp_id 
_struct_site_gen.label_asym_id 
_struct_site_gen.label_seq_id 
_struct_site_gen.pdbx_auth_ins_code 
_struct_site_gen.auth_comp_id 
_struct_site_gen.auth_asym_id 
_struct_site_gen.auth_seq_id 
_struct_site_gen.label_atom_id 
_struct_site_gen.label_alt_id 
_struct_site_gen.symmetry 
_struct_site_gen.details 
1  AC1 20 PHE A 20  ? PHE A 246 . ? 1_555 ? 
2  AC1 20 THR A 21  ? THR A 247 . ? 1_555 ? 
3  AC1 20 THR A 22  ? THR A 248 . ? 1_555 ? 
4  AC1 20 ARG A 23  ? ARG A 249 . ? 1_555 ? 
5  AC1 20 TYR A 101 ? TYR A 327 . ? 1_555 ? 
6  AC1 20 VAL A 102 ? VAL A 328 . ? 1_555 ? 
7  AC1 20 LEU A 103 ? LEU A 329 . ? 1_555 ? 
8  AC1 20 TYR A 106 ? TYR A 332 . ? 1_555 ? 
9  AC1 20 VAL A 111 ? VAL A 337 . ? 1_555 ? 
10 AC1 20 MET A 112 ? MET A 338 . ? 1_555 ? 
11 AC1 20 HIS A 117 ? HIS A 343 . ? 1_555 ? 
12 AC1 20 ASP A 118 ? ASP A 344 . ? 1_555 ? 
13 AC1 20 THR A 147 ? THR A 373 . ? 1_555 ? 
14 AC1 20 HOH G .   ? HOH A 607 . ? 1_555 ? 
15 AC1 20 HOH G .   ? HOH A 609 . ? 1_555 ? 
16 AC1 20 HOH G .   ? HOH A 610 . ? 1_555 ? 
17 AC1 20 HOH G .   ? HOH A 660 . ? 1_555 ? 
18 AC1 20 HOH G .   ? HOH A 685 . ? 1_555 ? 
19 AC1 20 HOH G .   ? HOH A 721 . ? 1_555 ? 
20 AC1 20 HOH G .   ? HOH A 724 . ? 1_555 ? 
21 AC2 3  SER A 47  ? SER A 273 . ? 1_555 ? 
22 AC2 3  SER A 48  ? SER A 274 . ? 1_555 ? 
23 AC2 3  HOH G .   ? HOH A 621 . ? 1_555 ? 
24 AC3 3  LYS A 74  ? LYS A 300 . ? 1_555 ? 
25 AC3 3  GLU A 75  ? GLU A 301 . ? 1_555 ? 
26 AC3 3  HOH G .   ? HOH A 680 . ? 1_555 ? 
27 AC4 4  PHE A 17  ? PHE A 243 . ? 1_555 ? 
28 AC4 4  THR A 18  ? THR A 244 . ? 1_555 ? 
29 AC4 4  HOH G .   ? HOH A 679 . ? 1_555 ? 
30 AC4 4  HOH G .   ? HOH A 690 . ? 1_555 ? 
31 AC5 3  THR A 13  ? THR A 239 . ? 1_555 ? 
32 AC5 3  ASP A 14  ? ASP A 240 . ? 1_555 ? 
33 AC5 3  LYS A 15  ? LYS A 241 . ? 1_555 ? 
# 
loop_
_pdbx_validate_torsion.id 
_pdbx_validate_torsion.PDB_model_num 
_pdbx_validate_torsion.auth_comp_id 
_pdbx_validate_torsion.auth_asym_id 
_pdbx_validate_torsion.auth_seq_id 
_pdbx_validate_torsion.PDB_ins_code 
_pdbx_validate_torsion.label_alt_id 
_pdbx_validate_torsion.phi 
_pdbx_validate_torsion.psi 
1 1 ASN A 316 ? ? -150.53 6.05    
2 1 ASP A 382 ? ? 43.61   -112.86 
# 
loop_
_pdbx_struct_special_symmetry.id 
_pdbx_struct_special_symmetry.PDB_model_num 
_pdbx_struct_special_symmetry.auth_asym_id 
_pdbx_struct_special_symmetry.auth_comp_id 
_pdbx_struct_special_symmetry.auth_seq_id 
_pdbx_struct_special_symmetry.PDB_ins_code 
_pdbx_struct_special_symmetry.label_asym_id 
_pdbx_struct_special_symmetry.label_comp_id 
_pdbx_struct_special_symmetry.label_seq_id 
1 1 A HOH 626 ? G HOH . 
2 1 A HOH 658 ? G HOH . 
3 1 A HOH 677 ? G HOH . 
4 1 A HOH 682 ? G HOH . 
# 
loop_
_pdbx_unobs_or_zero_occ_residues.id 
_pdbx_unobs_or_zero_occ_residues.PDB_model_num 
_pdbx_unobs_or_zero_occ_residues.polymer_flag 
_pdbx_unobs_or_zero_occ_residues.occupancy_flag 
_pdbx_unobs_or_zero_occ_residues.auth_asym_id 
_pdbx_unobs_or_zero_occ_residues.auth_comp_id 
_pdbx_unobs_or_zero_occ_residues.auth_seq_id 
_pdbx_unobs_or_zero_occ_residues.PDB_ins_code 
_pdbx_unobs_or_zero_occ_residues.label_asym_id 
_pdbx_unobs_or_zero_occ_residues.label_comp_id 
_pdbx_unobs_or_zero_occ_residues.label_seq_id 
1 1 Y 1 A MET 227 ? A MET 1   
2 1 Y 1 A LEU 411 ? A LEU 185 
3 1 Y 1 A GLU 412 ? A GLU 186 
4 1 Y 1 A HIS 413 ? A HIS 187 
5 1 Y 1 A HIS 414 ? A HIS 188 
6 1 Y 1 A HIS 415 ? A HIS 189 
7 1 Y 1 A HIS 416 ? A HIS 190 
8 1 Y 1 A HIS 417 ? A HIS 191 
9 1 Y 1 A HIS 418 ? A HIS 192 
# 
loop_
_chem_comp_atom.comp_id 
_chem_comp_atom.atom_id 
_chem_comp_atom.type_symbol 
_chem_comp_atom.pdbx_aromatic_flag 
_chem_comp_atom.pdbx_stereo_config 
_chem_comp_atom.pdbx_ordinal 
ALA N     N N N 1   
ALA CA    C N S 2   
ALA C     C N N 3   
ALA O     O N N 4   
ALA CB    C N N 5   
ALA OXT   O N N 6   
ALA H     H N N 7   
ALA H2    H N N 8   
ALA HA    H N N 9   
ALA HB1   H N N 10  
ALA HB2   H N N 11  
ALA HB3   H N N 12  
ALA HXT   H N N 13  
ARG N     N N N 14  
ARG CA    C N S 15  
ARG C     C N N 16  
ARG O     O N N 17  
ARG CB    C N N 18  
ARG CG    C N N 19  
ARG CD    C N N 20  
ARG NE    N N N 21  
ARG CZ    C N N 22  
ARG NH1   N N N 23  
ARG NH2   N N N 24  
ARG OXT   O N N 25  
ARG H     H N N 26  
ARG H2    H N N 27  
ARG HA    H N N 28  
ARG HB2   H N N 29  
ARG HB3   H N N 30  
ARG HG2   H N N 31  
ARG HG3   H N N 32  
ARG HD2   H N N 33  
ARG HD3   H N N 34  
ARG HE    H N N 35  
ARG HH11  H N N 36  
ARG HH12  H N N 37  
ARG HH21  H N N 38  
ARG HH22  H N N 39  
ARG HXT   H N N 40  
ASN N     N N N 41  
ASN CA    C N S 42  
ASN C     C N N 43  
ASN O     O N N 44  
ASN CB    C N N 45  
ASN CG    C N N 46  
ASN OD1   O N N 47  
ASN ND2   N N N 48  
ASN OXT   O N N 49  
ASN H     H N N 50  
ASN H2    H N N 51  
ASN HA    H N N 52  
ASN HB2   H N N 53  
ASN HB3   H N N 54  
ASN HD21  H N N 55  
ASN HD22  H N N 56  
ASN HXT   H N N 57  
ASP N     N N N 58  
ASP CA    C N S 59  
ASP C     C N N 60  
ASP O     O N N 61  
ASP CB    C N N 62  
ASP CG    C N N 63  
ASP OD1   O N N 64  
ASP OD2   O N N 65  
ASP OXT   O N N 66  
ASP H     H N N 67  
ASP H2    H N N 68  
ASP HA    H N N 69  
ASP HB2   H N N 70  
ASP HB3   H N N 71  
ASP HD2   H N N 72  
ASP HXT   H N N 73  
CYS N     N N N 74  
CYS CA    C N R 75  
CYS C     C N N 76  
CYS O     O N N 77  
CYS CB    C N N 78  
CYS SG    S N N 79  
CYS OXT   O N N 80  
CYS H     H N N 81  
CYS H2    H N N 82  
CYS HA    H N N 83  
CYS HB2   H N N 84  
CYS HB3   H N N 85  
CYS HG    H N N 86  
CYS HXT   H N N 87  
GLN N     N N N 88  
GLN CA    C N S 89  
GLN C     C N N 90  
GLN O     O N N 91  
GLN CB    C N N 92  
GLN CG    C N N 93  
GLN CD    C N N 94  
GLN OE1   O N N 95  
GLN NE2   N N N 96  
GLN OXT   O N N 97  
GLN H     H N N 98  
GLN H2    H N N 99  
GLN HA    H N N 100 
GLN HB2   H N N 101 
GLN HB3   H N N 102 
GLN HG2   H N N 103 
GLN HG3   H N N 104 
GLN HE21  H N N 105 
GLN HE22  H N N 106 
GLN HXT   H N N 107 
GLU N     N N N 108 
GLU CA    C N S 109 
GLU C     C N N 110 
GLU O     O N N 111 
GLU CB    C N N 112 
GLU CG    C N N 113 
GLU CD    C N N 114 
GLU OE1   O N N 115 
GLU OE2   O N N 116 
GLU OXT   O N N 117 
GLU H     H N N 118 
GLU H2    H N N 119 
GLU HA    H N N 120 
GLU HB2   H N N 121 
GLU HB3   H N N 122 
GLU HG2   H N N 123 
GLU HG3   H N N 124 
GLU HE2   H N N 125 
GLU HXT   H N N 126 
GLY N     N N N 127 
GLY CA    C N N 128 
GLY C     C N N 129 
GLY O     O N N 130 
GLY OXT   O N N 131 
GLY H     H N N 132 
GLY H2    H N N 133 
GLY HA2   H N N 134 
GLY HA3   H N N 135 
GLY HXT   H N N 136 
HIS N     N N N 137 
HIS CA    C N S 138 
HIS C     C N N 139 
HIS O     O N N 140 
HIS CB    C N N 141 
HIS CG    C Y N 142 
HIS ND1   N Y N 143 
HIS CD2   C Y N 144 
HIS CE1   C Y N 145 
HIS NE2   N Y N 146 
HIS OXT   O N N 147 
HIS H     H N N 148 
HIS H2    H N N 149 
HIS HA    H N N 150 
HIS HB2   H N N 151 
HIS HB3   H N N 152 
HIS HD1   H N N 153 
HIS HD2   H N N 154 
HIS HE1   H N N 155 
HIS HE2   H N N 156 
HIS HXT   H N N 157 
HOH O     O N N 158 
HOH H1    H N N 159 
HOH H2    H N N 160 
ILE N     N N N 161 
ILE CA    C N S 162 
ILE C     C N N 163 
ILE O     O N N 164 
ILE CB    C N S 165 
ILE CG1   C N N 166 
ILE CG2   C N N 167 
ILE CD1   C N N 168 
ILE OXT   O N N 169 
ILE H     H N N 170 
ILE H2    H N N 171 
ILE HA    H N N 172 
ILE HB    H N N 173 
ILE HG12  H N N 174 
ILE HG13  H N N 175 
ILE HG21  H N N 176 
ILE HG22  H N N 177 
ILE HG23  H N N 178 
ILE HD11  H N N 179 
ILE HD12  H N N 180 
ILE HD13  H N N 181 
ILE HXT   H N N 182 
LEU N     N N N 183 
LEU CA    C N S 184 
LEU C     C N N 185 
LEU O     O N N 186 
LEU CB    C N N 187 
LEU CG    C N N 188 
LEU CD1   C N N 189 
LEU CD2   C N N 190 
LEU OXT   O N N 191 
LEU H     H N N 192 
LEU H2    H N N 193 
LEU HA    H N N 194 
LEU HB2   H N N 195 
LEU HB3   H N N 196 
LEU HG    H N N 197 
LEU HD11  H N N 198 
LEU HD12  H N N 199 
LEU HD13  H N N 200 
LEU HD21  H N N 201 
LEU HD22  H N N 202 
LEU HD23  H N N 203 
LEU HXT   H N N 204 
LYS N     N N N 205 
LYS CA    C N S 206 
LYS C     C N N 207 
LYS O     O N N 208 
LYS CB    C N N 209 
LYS CG    C N N 210 
LYS CD    C N N 211 
LYS CE    C N N 212 
LYS NZ    N N N 213 
LYS OXT   O N N 214 
LYS H     H N N 215 
LYS H2    H N N 216 
LYS HA    H N N 217 
LYS HB2   H N N 218 
LYS HB3   H N N 219 
LYS HG2   H N N 220 
LYS HG3   H N N 221 
LYS HD2   H N N 222 
LYS HD3   H N N 223 
LYS HE2   H N N 224 
LYS HE3   H N N 225 
LYS HZ1   H N N 226 
LYS HZ2   H N N 227 
LYS HZ3   H N N 228 
LYS HXT   H N N 229 
MET N     N N N 230 
MET CA    C N S 231 
MET C     C N N 232 
MET O     O N N 233 
MET CB    C N N 234 
MET CG    C N N 235 
MET SD    S N N 236 
MET CE    C N N 237 
MET OXT   O N N 238 
MET H     H N N 239 
MET H2    H N N 240 
MET HA    H N N 241 
MET HB2   H N N 242 
MET HB3   H N N 243 
MET HG2   H N N 244 
MET HG3   H N N 245 
MET HE1   H N N 246 
MET HE2   H N N 247 
MET HE3   H N N 248 
MET HXT   H N N 249 
PHE N     N N N 250 
PHE CA    C N S 251 
PHE C     C N N 252 
PHE O     O N N 253 
PHE CB    C N N 254 
PHE CG    C Y N 255 
PHE CD1   C Y N 256 
PHE CD2   C Y N 257 
PHE CE1   C Y N 258 
PHE CE2   C Y N 259 
PHE CZ    C Y N 260 
PHE OXT   O N N 261 
PHE H     H N N 262 
PHE H2    H N N 263 
PHE HA    H N N 264 
PHE HB2   H N N 265 
PHE HB3   H N N 266 
PHE HD1   H N N 267 
PHE HD2   H N N 268 
PHE HE1   H N N 269 
PHE HE2   H N N 270 
PHE HZ    H N N 271 
PHE HXT   H N N 272 
PRO N     N N N 273 
PRO CA    C N S 274 
PRO C     C N N 275 
PRO O     O N N 276 
PRO CB    C N N 277 
PRO CG    C N N 278 
PRO CD    C N N 279 
PRO OXT   O N N 280 
PRO H     H N N 281 
PRO HA    H N N 282 
PRO HB2   H N N 283 
PRO HB3   H N N 284 
PRO HG2   H N N 285 
PRO HG3   H N N 286 
PRO HD2   H N N 287 
PRO HD3   H N N 288 
PRO HXT   H N N 289 
SER N     N N N 290 
SER CA    C N S 291 
SER C     C N N 292 
SER O     O N N 293 
SER CB    C N N 294 
SER OG    O N N 295 
SER OXT   O N N 296 
SER H     H N N 297 
SER H2    H N N 298 
SER HA    H N N 299 
SER HB2   H N N 300 
SER HB3   H N N 301 
SER HG    H N N 302 
SER HXT   H N N 303 
SO4 S     S N N 304 
SO4 O1    O N N 305 
SO4 O2    O N N 306 
SO4 O3    O N N 307 
SO4 O4    O N N 308 
THR N     N N N 309 
THR CA    C N S 310 
THR C     C N N 311 
THR O     O N N 312 
THR CB    C N R 313 
THR OG1   O N N 314 
THR CG2   C N N 315 
THR OXT   O N N 316 
THR H     H N N 317 
THR H2    H N N 318 
THR HA    H N N 319 
THR HB    H N N 320 
THR HG1   H N N 321 
THR HG21  H N N 322 
THR HG22  H N N 323 
THR HG23  H N N 324 
THR HXT   H N N 325 
TRP N     N N N 326 
TRP CA    C N S 327 
TRP C     C N N 328 
TRP O     O N N 329 
TRP CB    C N N 330 
TRP CG    C Y N 331 
TRP CD1   C Y N 332 
TRP CD2   C Y N 333 
TRP NE1   N Y N 334 
TRP CE2   C Y N 335 
TRP CE3   C Y N 336 
TRP CZ2   C Y N 337 
TRP CZ3   C Y N 338 
TRP CH2   C Y N 339 
TRP OXT   O N N 340 
TRP H     H N N 341 
TRP H2    H N N 342 
TRP HA    H N N 343 
TRP HB2   H N N 344 
TRP HB3   H N N 345 
TRP HD1   H N N 346 
TRP HE1   H N N 347 
TRP HE3   H N N 348 
TRP HZ2   H N N 349 
TRP HZ3   H N N 350 
TRP HH2   H N N 351 
TRP HXT   H N N 352 
TYR N     N N N 353 
TYR CA    C N S 354 
TYR C     C N N 355 
TYR O     O N N 356 
TYR CB    C N N 357 
TYR CG    C Y N 358 
TYR CD1   C Y N 359 
TYR CD2   C Y N 360 
TYR CE1   C Y N 361 
TYR CE2   C Y N 362 
TYR CZ    C Y N 363 
TYR OH    O N N 364 
TYR OXT   O N N 365 
TYR H     H N N 366 
TYR H2    H N N 367 
TYR HA    H N N 368 
TYR HB2   H N N 369 
TYR HB3   H N N 370 
TYR HD1   H N N 371 
TYR HD2   H N N 372 
TYR HE1   H N N 373 
TYR HE2   H N N 374 
TYR HH    H N N 375 
TYR HXT   H N N 376 
VAL N     N N N 377 
VAL CA    C N S 378 
VAL C     C N N 379 
VAL O     O N N 380 
VAL CB    C N N 381 
VAL CG1   C N N 382 
VAL CG2   C N N 383 
VAL OXT   O N N 384 
VAL H     H N N 385 
VAL H2    H N N 386 
VAL HA    H N N 387 
VAL HB    H N N 388 
VAL HG11  H N N 389 
VAL HG12  H N N 390 
VAL HG13  H N N 391 
VAL HG21  H N N 392 
VAL HG22  H N N 393 
VAL HG23  H N N 394 
VAL HXT   H N N 395 
WMP CAI   C Y N 396 
WMP CAG   C Y N 397 
WMP CAF   C Y N 398 
WMP CAH   C Y N 399 
WMP CAJ   C Y N 400 
WMP CBA   C Y N 401 
WMP CBG   C N R 402 
WMP OAB   O N N 403 
WMP CBB   C Y N 404 
WMP CAN   C Y N 405 
WMP CBD   C Y N 406 
WMP CAK   C Y N 407 
WMP CAL   C Y N 408 
WMP CBC   C Y N 409 
WMP CAP   C N N 410 
WMP OAU   O N N 411 
WMP BA    B N N 412 
WMP "O3'" O N N 413 
WMP "O2'" O N N 414 
WMP "C2'" C N R 415 
WMP "C3'" C N R 416 
WMP "C4'" C N S 417 
WMP "C5'" C N N 418 
WMP "O5'" O N N 419 
WMP PBM   P N N 420 
WMP OAD   O N N 421 
WMP OAE   O N N 422 
WMP OAC   O N N 423 
WMP "O4'" O N N 424 
WMP "C1'" C N R 425 
WMP N9    N Y N 426 
WMP C8    C Y N 427 
WMP N7    N Y N 428 
WMP C5    C Y N 429 
WMP C4    C Y N 430 
WMP N3    N Y N 431 
WMP C2    C Y N 432 
WMP N1    N Y N 433 
WMP C6    C Y N 434 
WMP N6    N N N 435 
WMP H1    H N N 436 
WMP H2    H N N 437 
WMP H3    H N N 438 
WMP H4    H N N 439 
WMP H5    H N N 440 
WMP H6    H N N 441 
WMP H7    H N N 442 
WMP H8    H N N 443 
WMP H9    H N N 444 
WMP H10   H N N 445 
WMP H11   H N N 446 
WMP H12   H N N 447 
WMP H13   H N N 448 
WMP H14   H N N 449 
WMP H15   H N N 450 
WMP H16   H N N 451 
WMP H17   H N N 452 
WMP H18   H N N 453 
WMP H19   H N N 454 
WMP H20   H N N 455 
WMP H21   H N N 456 
WMP H22   H N N 457 
WMP H23   H N N 458 
WMP H24   H N N 459 
# 
loop_
_chem_comp_bond.comp_id 
_chem_comp_bond.atom_id_1 
_chem_comp_bond.atom_id_2 
_chem_comp_bond.value_order 
_chem_comp_bond.pdbx_aromatic_flag 
_chem_comp_bond.pdbx_stereo_config 
_chem_comp_bond.pdbx_ordinal 
ALA N     CA    sing N N 1   
ALA N     H     sing N N 2   
ALA N     H2    sing N N 3   
ALA CA    C     sing N N 4   
ALA CA    CB    sing N N 5   
ALA CA    HA    sing N N 6   
ALA C     O     doub N N 7   
ALA C     OXT   sing N N 8   
ALA CB    HB1   sing N N 9   
ALA CB    HB2   sing N N 10  
ALA CB    HB3   sing N N 11  
ALA OXT   HXT   sing N N 12  
ARG N     CA    sing N N 13  
ARG N     H     sing N N 14  
ARG N     H2    sing N N 15  
ARG CA    C     sing N N 16  
ARG CA    CB    sing N N 17  
ARG CA    HA    sing N N 18  
ARG C     O     doub N N 19  
ARG C     OXT   sing N N 20  
ARG CB    CG    sing N N 21  
ARG CB    HB2   sing N N 22  
ARG CB    HB3   sing N N 23  
ARG CG    CD    sing N N 24  
ARG CG    HG2   sing N N 25  
ARG CG    HG3   sing N N 26  
ARG CD    NE    sing N N 27  
ARG CD    HD2   sing N N 28  
ARG CD    HD3   sing N N 29  
ARG NE    CZ    sing N N 30  
ARG NE    HE    sing N N 31  
ARG CZ    NH1   sing N N 32  
ARG CZ    NH2   doub N N 33  
ARG NH1   HH11  sing N N 34  
ARG NH1   HH12  sing N N 35  
ARG NH2   HH21  sing N N 36  
ARG NH2   HH22  sing N N 37  
ARG OXT   HXT   sing N N 38  
ASN N     CA    sing N N 39  
ASN N     H     sing N N 40  
ASN N     H2    sing N N 41  
ASN CA    C     sing N N 42  
ASN CA    CB    sing N N 43  
ASN CA    HA    sing N N 44  
ASN C     O     doub N N 45  
ASN C     OXT   sing N N 46  
ASN CB    CG    sing N N 47  
ASN CB    HB2   sing N N 48  
ASN CB    HB3   sing N N 49  
ASN CG    OD1   doub N N 50  
ASN CG    ND2   sing N N 51  
ASN ND2   HD21  sing N N 52  
ASN ND2   HD22  sing N N 53  
ASN OXT   HXT   sing N N 54  
ASP N     CA    sing N N 55  
ASP N     H     sing N N 56  
ASP N     H2    sing N N 57  
ASP CA    C     sing N N 58  
ASP CA    CB    sing N N 59  
ASP CA    HA    sing N N 60  
ASP C     O     doub N N 61  
ASP C     OXT   sing N N 62  
ASP CB    CG    sing N N 63  
ASP CB    HB2   sing N N 64  
ASP CB    HB3   sing N N 65  
ASP CG    OD1   doub N N 66  
ASP CG    OD2   sing N N 67  
ASP OD2   HD2   sing N N 68  
ASP OXT   HXT   sing N N 69  
CYS N     CA    sing N N 70  
CYS N     H     sing N N 71  
CYS N     H2    sing N N 72  
CYS CA    C     sing N N 73  
CYS CA    CB    sing N N 74  
CYS CA    HA    sing N N 75  
CYS C     O     doub N N 76  
CYS C     OXT   sing N N 77  
CYS CB    SG    sing N N 78  
CYS CB    HB2   sing N N 79  
CYS CB    HB3   sing N N 80  
CYS SG    HG    sing N N 81  
CYS OXT   HXT   sing N N 82  
GLN N     CA    sing N N 83  
GLN N     H     sing N N 84  
GLN N     H2    sing N N 85  
GLN CA    C     sing N N 86  
GLN CA    CB    sing N N 87  
GLN CA    HA    sing N N 88  
GLN C     O     doub N N 89  
GLN C     OXT   sing N N 90  
GLN CB    CG    sing N N 91  
GLN CB    HB2   sing N N 92  
GLN CB    HB3   sing N N 93  
GLN CG    CD    sing N N 94  
GLN CG    HG2   sing N N 95  
GLN CG    HG3   sing N N 96  
GLN CD    OE1   doub N N 97  
GLN CD    NE2   sing N N 98  
GLN NE2   HE21  sing N N 99  
GLN NE2   HE22  sing N N 100 
GLN OXT   HXT   sing N N 101 
GLU N     CA    sing N N 102 
GLU N     H     sing N N 103 
GLU N     H2    sing N N 104 
GLU CA    C     sing N N 105 
GLU CA    CB    sing N N 106 
GLU CA    HA    sing N N 107 
GLU C     O     doub N N 108 
GLU C     OXT   sing N N 109 
GLU CB    CG    sing N N 110 
GLU CB    HB2   sing N N 111 
GLU CB    HB3   sing N N 112 
GLU CG    CD    sing N N 113 
GLU CG    HG2   sing N N 114 
GLU CG    HG3   sing N N 115 
GLU CD    OE1   doub N N 116 
GLU CD    OE2   sing N N 117 
GLU OE2   HE2   sing N N 118 
GLU OXT   HXT   sing N N 119 
GLY N     CA    sing N N 120 
GLY N     H     sing N N 121 
GLY N     H2    sing N N 122 
GLY CA    C     sing N N 123 
GLY CA    HA2   sing N N 124 
GLY CA    HA3   sing N N 125 
GLY C     O     doub N N 126 
GLY C     OXT   sing N N 127 
GLY OXT   HXT   sing N N 128 
HIS N     CA    sing N N 129 
HIS N     H     sing N N 130 
HIS N     H2    sing N N 131 
HIS CA    C     sing N N 132 
HIS CA    CB    sing N N 133 
HIS CA    HA    sing N N 134 
HIS C     O     doub N N 135 
HIS C     OXT   sing N N 136 
HIS CB    CG    sing N N 137 
HIS CB    HB2   sing N N 138 
HIS CB    HB3   sing N N 139 
HIS CG    ND1   sing Y N 140 
HIS CG    CD2   doub Y N 141 
HIS ND1   CE1   doub Y N 142 
HIS ND1   HD1   sing N N 143 
HIS CD2   NE2   sing Y N 144 
HIS CD2   HD2   sing N N 145 
HIS CE1   NE2   sing Y N 146 
HIS CE1   HE1   sing N N 147 
HIS NE2   HE2   sing N N 148 
HIS OXT   HXT   sing N N 149 
HOH O     H1    sing N N 150 
HOH O     H2    sing N N 151 
ILE N     CA    sing N N 152 
ILE N     H     sing N N 153 
ILE N     H2    sing N N 154 
ILE CA    C     sing N N 155 
ILE CA    CB    sing N N 156 
ILE CA    HA    sing N N 157 
ILE C     O     doub N N 158 
ILE C     OXT   sing N N 159 
ILE CB    CG1   sing N N 160 
ILE CB    CG2   sing N N 161 
ILE CB    HB    sing N N 162 
ILE CG1   CD1   sing N N 163 
ILE CG1   HG12  sing N N 164 
ILE CG1   HG13  sing N N 165 
ILE CG2   HG21  sing N N 166 
ILE CG2   HG22  sing N N 167 
ILE CG2   HG23  sing N N 168 
ILE CD1   HD11  sing N N 169 
ILE CD1   HD12  sing N N 170 
ILE CD1   HD13  sing N N 171 
ILE OXT   HXT   sing N N 172 
LEU N     CA    sing N N 173 
LEU N     H     sing N N 174 
LEU N     H2    sing N N 175 
LEU CA    C     sing N N 176 
LEU CA    CB    sing N N 177 
LEU CA    HA    sing N N 178 
LEU C     O     doub N N 179 
LEU C     OXT   sing N N 180 
LEU CB    CG    sing N N 181 
LEU CB    HB2   sing N N 182 
LEU CB    HB3   sing N N 183 
LEU CG    CD1   sing N N 184 
LEU CG    CD2   sing N N 185 
LEU CG    HG    sing N N 186 
LEU CD1   HD11  sing N N 187 
LEU CD1   HD12  sing N N 188 
LEU CD1   HD13  sing N N 189 
LEU CD2   HD21  sing N N 190 
LEU CD2   HD22  sing N N 191 
LEU CD2   HD23  sing N N 192 
LEU OXT   HXT   sing N N 193 
LYS N     CA    sing N N 194 
LYS N     H     sing N N 195 
LYS N     H2    sing N N 196 
LYS CA    C     sing N N 197 
LYS CA    CB    sing N N 198 
LYS CA    HA    sing N N 199 
LYS C     O     doub N N 200 
LYS C     OXT   sing N N 201 
LYS CB    CG    sing N N 202 
LYS CB    HB2   sing N N 203 
LYS CB    HB3   sing N N 204 
LYS CG    CD    sing N N 205 
LYS CG    HG2   sing N N 206 
LYS CG    HG3   sing N N 207 
LYS CD    CE    sing N N 208 
LYS CD    HD2   sing N N 209 
LYS CD    HD3   sing N N 210 
LYS CE    NZ    sing N N 211 
LYS CE    HE2   sing N N 212 
LYS CE    HE3   sing N N 213 
LYS NZ    HZ1   sing N N 214 
LYS NZ    HZ2   sing N N 215 
LYS NZ    HZ3   sing N N 216 
LYS OXT   HXT   sing N N 217 
MET N     CA    sing N N 218 
MET N     H     sing N N 219 
MET N     H2    sing N N 220 
MET CA    C     sing N N 221 
MET CA    CB    sing N N 222 
MET CA    HA    sing N N 223 
MET C     O     doub N N 224 
MET C     OXT   sing N N 225 
MET CB    CG    sing N N 226 
MET CB    HB2   sing N N 227 
MET CB    HB3   sing N N 228 
MET CG    SD    sing N N 229 
MET CG    HG2   sing N N 230 
MET CG    HG3   sing N N 231 
MET SD    CE    sing N N 232 
MET CE    HE1   sing N N 233 
MET CE    HE2   sing N N 234 
MET CE    HE3   sing N N 235 
MET OXT   HXT   sing N N 236 
PHE N     CA    sing N N 237 
PHE N     H     sing N N 238 
PHE N     H2    sing N N 239 
PHE CA    C     sing N N 240 
PHE CA    CB    sing N N 241 
PHE CA    HA    sing N N 242 
PHE C     O     doub N N 243 
PHE C     OXT   sing N N 244 
PHE CB    CG    sing N N 245 
PHE CB    HB2   sing N N 246 
PHE CB    HB3   sing N N 247 
PHE CG    CD1   doub Y N 248 
PHE CG    CD2   sing Y N 249 
PHE CD1   CE1   sing Y N 250 
PHE CD1   HD1   sing N N 251 
PHE CD2   CE2   doub Y N 252 
PHE CD2   HD2   sing N N 253 
PHE CE1   CZ    doub Y N 254 
PHE CE1   HE1   sing N N 255 
PHE CE2   CZ    sing Y N 256 
PHE CE2   HE2   sing N N 257 
PHE CZ    HZ    sing N N 258 
PHE OXT   HXT   sing N N 259 
PRO N     CA    sing N N 260 
PRO N     CD    sing N N 261 
PRO N     H     sing N N 262 
PRO CA    C     sing N N 263 
PRO CA    CB    sing N N 264 
PRO CA    HA    sing N N 265 
PRO C     O     doub N N 266 
PRO C     OXT   sing N N 267 
PRO CB    CG    sing N N 268 
PRO CB    HB2   sing N N 269 
PRO CB    HB3   sing N N 270 
PRO CG    CD    sing N N 271 
PRO CG    HG2   sing N N 272 
PRO CG    HG3   sing N N 273 
PRO CD    HD2   sing N N 274 
PRO CD    HD3   sing N N 275 
PRO OXT   HXT   sing N N 276 
SER N     CA    sing N N 277 
SER N     H     sing N N 278 
SER N     H2    sing N N 279 
SER CA    C     sing N N 280 
SER CA    CB    sing N N 281 
SER CA    HA    sing N N 282 
SER C     O     doub N N 283 
SER C     OXT   sing N N 284 
SER CB    OG    sing N N 285 
SER CB    HB2   sing N N 286 
SER CB    HB3   sing N N 287 
SER OG    HG    sing N N 288 
SER OXT   HXT   sing N N 289 
SO4 S     O1    doub N N 290 
SO4 S     O2    doub N N 291 
SO4 S     O3    sing N N 292 
SO4 S     O4    sing N N 293 
THR N     CA    sing N N 294 
THR N     H     sing N N 295 
THR N     H2    sing N N 296 
THR CA    C     sing N N 297 
THR CA    CB    sing N N 298 
THR CA    HA    sing N N 299 
THR C     O     doub N N 300 
THR C     OXT   sing N N 301 
THR CB    OG1   sing N N 302 
THR CB    CG2   sing N N 303 
THR CB    HB    sing N N 304 
THR OG1   HG1   sing N N 305 
THR CG2   HG21  sing N N 306 
THR CG2   HG22  sing N N 307 
THR CG2   HG23  sing N N 308 
THR OXT   HXT   sing N N 309 
TRP N     CA    sing N N 310 
TRP N     H     sing N N 311 
TRP N     H2    sing N N 312 
TRP CA    C     sing N N 313 
TRP CA    CB    sing N N 314 
TRP CA    HA    sing N N 315 
TRP C     O     doub N N 316 
TRP C     OXT   sing N N 317 
TRP CB    CG    sing N N 318 
TRP CB    HB2   sing N N 319 
TRP CB    HB3   sing N N 320 
TRP CG    CD1   doub Y N 321 
TRP CG    CD2   sing Y N 322 
TRP CD1   NE1   sing Y N 323 
TRP CD1   HD1   sing N N 324 
TRP CD2   CE2   doub Y N 325 
TRP CD2   CE3   sing Y N 326 
TRP NE1   CE2   sing Y N 327 
TRP NE1   HE1   sing N N 328 
TRP CE2   CZ2   sing Y N 329 
TRP CE3   CZ3   doub Y N 330 
TRP CE3   HE3   sing N N 331 
TRP CZ2   CH2   doub Y N 332 
TRP CZ2   HZ2   sing N N 333 
TRP CZ3   CH2   sing Y N 334 
TRP CZ3   HZ3   sing N N 335 
TRP CH2   HH2   sing N N 336 
TRP OXT   HXT   sing N N 337 
TYR N     CA    sing N N 338 
TYR N     H     sing N N 339 
TYR N     H2    sing N N 340 
TYR CA    C     sing N N 341 
TYR CA    CB    sing N N 342 
TYR CA    HA    sing N N 343 
TYR C     O     doub N N 344 
TYR C     OXT   sing N N 345 
TYR CB    CG    sing N N 346 
TYR CB    HB2   sing N N 347 
TYR CB    HB3   sing N N 348 
TYR CG    CD1   doub Y N 349 
TYR CG    CD2   sing Y N 350 
TYR CD1   CE1   sing Y N 351 
TYR CD1   HD1   sing N N 352 
TYR CD2   CE2   doub Y N 353 
TYR CD2   HD2   sing N N 354 
TYR CE1   CZ    doub Y N 355 
TYR CE1   HE1   sing N N 356 
TYR CE2   CZ    sing Y N 357 
TYR CE2   HE2   sing N N 358 
TYR CZ    OH    sing N N 359 
TYR OH    HH    sing N N 360 
TYR OXT   HXT   sing N N 361 
VAL N     CA    sing N N 362 
VAL N     H     sing N N 363 
VAL N     H2    sing N N 364 
VAL CA    C     sing N N 365 
VAL CA    CB    sing N N 366 
VAL CA    HA    sing N N 367 
VAL C     O     doub N N 368 
VAL C     OXT   sing N N 369 
VAL CB    CG1   sing N N 370 
VAL CB    CG2   sing N N 371 
VAL CB    HB    sing N N 372 
VAL CG1   HG11  sing N N 373 
VAL CG1   HG12  sing N N 374 
VAL CG1   HG13  sing N N 375 
VAL CG2   HG21  sing N N 376 
VAL CG2   HG22  sing N N 377 
VAL CG2   HG23  sing N N 378 
VAL OXT   HXT   sing N N 379 
WMP CAP   OAU   sing N N 380 
WMP CAP   CBC   sing N N 381 
WMP OAU   BA    sing N N 382 
WMP CBC   CAL   doub Y N 383 
WMP CBC   CBD   sing Y N 384 
WMP CAL   CAK   sing Y N 385 
WMP N6    C6    sing N N 386 
WMP BA    "O2'" sing N N 387 
WMP BA    CBD   sing N N 388 
WMP BA    "O3'" sing N N 389 
WMP N7    C5    sing Y N 390 
WMP N7    C8    doub Y N 391 
WMP "O2'" "C2'" sing N N 392 
WMP C6    C5    doub Y N 393 
WMP C6    N1    sing Y N 394 
WMP C5    C4    sing Y N 395 
WMP C8    N9    sing Y N 396 
WMP N1    C2    doub Y N 397 
WMP "C2'" "C1'" sing N N 398 
WMP "C2'" "C3'" sing N N 399 
WMP CBD   CAN   doub Y N 400 
WMP N9    C4    sing Y N 401 
WMP N9    "C1'" sing N N 402 
WMP C4    N3    doub Y N 403 
WMP "O3'" "C3'" sing N N 404 
WMP CAK   CBB   doub Y N 405 
WMP C2    N3    sing Y N 406 
WMP "C1'" "O4'" sing N N 407 
WMP "C3'" "C4'" sing N N 408 
WMP CAN   CBB   sing Y N 409 
WMP CBB   CBG   sing N N 410 
WMP "C4'" "O4'" sing N N 411 
WMP "C4'" "C5'" sing N N 412 
WMP CBG   OAB   sing N N 413 
WMP CBG   CBA   sing N N 414 
WMP "C5'" "O5'" sing N N 415 
WMP CBA   CAJ   doub Y N 416 
WMP CBA   CAI   sing Y N 417 
WMP CAJ   CAH   sing Y N 418 
WMP "O5'" PBM   sing N N 419 
WMP CAI   CAG   doub Y N 420 
WMP CAH   CAF   doub Y N 421 
WMP OAD   PBM   doub N N 422 
WMP CAG   CAF   sing Y N 423 
WMP PBM   OAC   sing N N 424 
WMP PBM   OAE   sing N N 425 
WMP CAI   H1    sing N N 426 
WMP CAG   H2    sing N N 427 
WMP CAF   H3    sing N N 428 
WMP CAH   H4    sing N N 429 
WMP CAJ   H5    sing N N 430 
WMP CBG   H6    sing N N 431 
WMP OAB   H7    sing N N 432 
WMP CAN   H8    sing N N 433 
WMP CAK   H9    sing N N 434 
WMP CAL   H10   sing N N 435 
WMP CAP   H11   sing N N 436 
WMP CAP   H12   sing N N 437 
WMP "C2'" H13   sing N N 438 
WMP "C3'" H14   sing N N 439 
WMP "C4'" H15   sing N N 440 
WMP "C5'" H16   sing N N 441 
WMP "C5'" H17   sing N N 442 
WMP OAE   H18   sing N N 443 
WMP OAC   H19   sing N N 444 
WMP "C1'" H20   sing N N 445 
WMP C8    H21   sing N N 446 
WMP C2    H22   sing N N 447 
WMP N6    H23   sing N N 448 
WMP N6    H24   sing N N 449 
# 
_atom_sites.entry_id                    4K47 
_atom_sites.fract_transf_matrix[1][1]   -0.01065988 
_atom_sites.fract_transf_matrix[1][2]   0.00097211 
_atom_sites.fract_transf_matrix[1][3]   0.00749835 
_atom_sites.fract_transf_matrix[2][1]   -0.01145521 
_atom_sites.fract_transf_matrix[2][2]   -0.00459228 
_atom_sites.fract_transf_matrix[2][3]   -0.00429976 
_atom_sites.fract_transf_matrix[3][1]   0.00149131 
_atom_sites.fract_transf_matrix[3][2]   -0.00649322 
_atom_sites.fract_transf_matrix[3][3]   0.00296189 
_atom_sites.fract_transf_vector[1]      0.082154 
_atom_sites.fract_transf_vector[2]      -0.256438 
_atom_sites.fract_transf_vector[3]      0.004859 
# 
loop_
_atom_type.symbol 
B 
C 
N 
O 
P 
S 
# 
loop_
_atom_site.group_PDB 
_atom_site.id 
_atom_site.type_symbol 
_atom_site.label_atom_id 
_atom_site.label_alt_id 
_atom_site.label_comp_id 
_atom_site.label_asym_id 
_atom_site.label_entity_id 
_atom_site.label_seq_id 
_atom_site.pdbx_PDB_ins_code 
_atom_site.Cartn_x 
_atom_site.Cartn_y 
_atom_site.Cartn_z 
_atom_site.occupancy 
_atom_site.B_iso_or_equiv 
_atom_site.pdbx_formal_charge 
_atom_site.auth_seq_id 
_atom_site.auth_comp_id 
_atom_site.auth_asym_id 
_atom_site.auth_atom_id 
_atom_site.pdbx_PDB_model_num 
ATOM   1    N N     . THR A 1 2   ? 12.769  -12.569 -0.721  1.00 63.13 ? 228 THR A N     1 
ATOM   2    C CA    . THR A 1 2   ? 12.651  -12.061 -2.121  1.00 63.03 ? 228 THR A CA    1 
ATOM   3    C C     . THR A 1 2   ? 11.402  -11.192 -2.286  1.00 62.28 ? 228 THR A C     1 
ATOM   4    O O     . THR A 1 2   ? 10.291  -11.697 -2.500  1.00 62.55 ? 228 THR A O     1 
ATOM   5    C CB    . THR A 1 2   ? 12.620  -13.208 -3.165  1.00 63.21 ? 228 THR A CB    1 
ATOM   6    O OG1   . THR A 1 2   ? 13.553  -14.231 -2.800  1.00 64.26 ? 228 THR A OG1   1 
ATOM   7    C CG2   . THR A 1 2   ? 12.968  -12.681 -4.558  1.00 63.53 ? 228 THR A CG2   1 
ATOM   8    N N     . GLY A 1 3   ? 11.596  -9.882  -2.177  1.00 61.02 ? 229 GLY A N     1 
ATOM   9    C CA    . GLY A 1 3   ? 10.520  -8.924  -2.401  1.00 58.80 ? 229 GLY A CA    1 
ATOM   10   C C     . GLY A 1 3   ? 10.928  -7.908  -3.444  1.00 57.14 ? 229 GLY A C     1 
ATOM   11   O O     . GLY A 1 3   ? 11.710  -8.216  -4.351  1.00 57.06 ? 229 GLY A O     1 
ATOM   12   N N     . ALA A 1 4   ? 10.400  -6.694  -3.308  1.00 55.28 ? 230 ALA A N     1 
ATOM   13   C CA    . ALA A 1 4   ? 10.671  -5.612  -4.243  1.00 53.36 ? 230 ALA A CA    1 
ATOM   14   C C     . ALA A 1 4   ? 10.418  -4.248  -3.607  1.00 52.14 ? 230 ALA A C     1 
ATOM   15   O O     . ALA A 1 4   ? 9.556   -4.105  -2.737  1.00 51.74 ? 230 ALA A O     1 
ATOM   16   C CB    . ALA A 1 4   ? 9.830   -5.775  -5.501  1.00 53.54 ? 230 ALA A CB    1 
ATOM   17   N N     . ASN A 1 5   ? 11.199  -3.259  -4.027  1.00 50.21 ? 231 ASN A N     1 
ATOM   18   C CA    . ASN A 1 5   ? 10.925  -1.878  -3.683  1.00 48.65 ? 231 ASN A CA    1 
ATOM   19   C C     . ASN A 1 5   ? 10.230  -1.187  -4.841  1.00 47.32 ? 231 ASN A C     1 
ATOM   20   O O     . ASN A 1 5   ? 10.611  -1.377  -5.993  1.00 47.31 ? 231 ASN A O     1 
ATOM   21   C CB    . ASN A 1 5   ? 12.209  -1.132  -3.326  1.00 48.68 ? 231 ASN A CB    1 
ATOM   22   C CG    . ASN A 1 5   ? 12.761  -1.531  -1.976  1.00 48.89 ? 231 ASN A CG    1 
ATOM   23   O OD1   . ASN A 1 5   ? 12.020  -1.869  -1.052  1.00 49.17 ? 231 ASN A OD1   1 
ATOM   24   N ND2   . ASN A 1 5   ? 14.075  -1.483  -1.851  1.00 49.69 ? 231 ASN A ND2   1 
ATOM   25   N N     . VAL A 1 6   ? 9.188   -0.419  -4.532  1.00 45.47 ? 232 VAL A N     1 
ATOM   26   C CA    . VAL A 1 6   ? 8.505   0.406   -5.527  1.00 43.64 ? 232 VAL A CA    1 
ATOM   27   C C     . VAL A 1 6   ? 8.454   1.838   -5.007  1.00 42.55 ? 232 VAL A C     1 
ATOM   28   O O     . VAL A 1 6   ? 8.119   2.066   -3.845  1.00 42.00 ? 232 VAL A O     1 
ATOM   29   C CB    . VAL A 1 6   ? 7.068   -0.100  -5.825  1.00 43.75 ? 232 VAL A CB    1 
ATOM   30   C CG1   . VAL A 1 6   ? 6.477   0.643   -7.024  1.00 43.39 ? 232 VAL A CG1   1 
ATOM   31   C CG2   . VAL A 1 6   ? 7.062   -1.602  -6.093  1.00 43.52 ? 232 VAL A CG2   1 
ATOM   32   N N     . THR A 1 7   ? 8.800   2.795   -5.864  1.00 41.58 ? 233 THR A N     1 
ATOM   33   C CA    . THR A 1 7   ? 8.852   4.206   -5.475  1.00 40.53 ? 233 THR A CA    1 
ATOM   34   C C     . THR A 1 7   ? 7.648   4.964   -6.018  1.00 39.51 ? 233 THR A C     1 
ATOM   35   O O     . THR A 1 7   ? 7.307   4.843   -7.193  1.00 39.71 ? 233 THR A O     1 
ATOM   36   C CB    . THR A 1 7   ? 10.195  4.863   -5.914  1.00 41.06 ? 233 THR A CB    1 
ATOM   37   O OG1   . THR A 1 7   ? 11.258  4.305   -5.133  1.00 41.66 ? 233 THR A OG1   1 
ATOM   38   C CG2   . THR A 1 7   ? 10.176  6.383   -5.705  1.00 40.91 ? 233 THR A CG2   1 
ATOM   39   N N     . PHE A 1 8   ? 7.003   5.732   -5.143  1.00 38.44 ? 234 PHE A N     1 
ATOM   40   C CA    . PHE A 1 8   ? 5.829   6.529   -5.494  1.00 37.64 ? 234 PHE A CA    1 
ATOM   41   C C     . PHE A 1 8   ? 6.104   8.021   -5.283  1.00 37.40 ? 234 PHE A C     1 
ATOM   42   O O     . PHE A 1 8   ? 6.582   8.417   -4.224  1.00 37.22 ? 234 PHE A O     1 
ATOM   43   C CB    . PHE A 1 8   ? 4.628   6.130   -4.618  1.00 37.25 ? 234 PHE A CB    1 
ATOM   44   C CG    . PHE A 1 8   ? 4.128   4.720   -4.842  1.00 36.68 ? 234 PHE A CG    1 
ATOM   45   C CD1   . PHE A 1 8   ? 3.097   4.468   -5.730  1.00 36.88 ? 234 PHE A CD1   1 
ATOM   46   C CD2   . PHE A 1 8   ? 4.667   3.652   -4.137  1.00 36.63 ? 234 PHE A CD2   1 
ATOM   47   C CE1   . PHE A 1 8   ? 2.621   3.160   -5.928  1.00 37.34 ? 234 PHE A CE1   1 
ATOM   48   C CE2   . PHE A 1 8   ? 4.197   2.345   -4.328  1.00 34.40 ? 234 PHE A CE2   1 
ATOM   49   C CZ    . PHE A 1 8   ? 3.185   2.101   -5.224  1.00 36.20 ? 234 PHE A CZ    1 
ATOM   50   N N     . LYS A 1 9   ? 5.774   8.841   -6.280  1.00 37.20 ? 235 LYS A N     1 
ATOM   51   C CA    . LYS A 1 9   ? 5.768   10.303  -6.131  1.00 37.21 ? 235 LYS A CA    1 
ATOM   52   C C     . LYS A 1 9   ? 4.553   10.771  -5.337  1.00 36.79 ? 235 LYS A C     1 
ATOM   53   O O     . LYS A 1 9   ? 3.471   10.169  -5.415  1.00 35.74 ? 235 LYS A O     1 
ATOM   54   C CB    . LYS A 1 9   ? 5.734   10.998  -7.497  1.00 37.83 ? 235 LYS A CB    1 
ATOM   55   C CG    . LYS A 1 9   ? 6.981   10.836  -8.363  1.00 40.43 ? 235 LYS A CG    1 
ATOM   56   C CD    . LYS A 1 9   ? 6.931   11.853  -9.518  1.00 43.78 ? 235 LYS A CD    1 
ATOM   57   C CE    . LYS A 1 9   ? 7.598   11.321  -10.779 1.00 46.70 ? 235 LYS A CE    1 
ATOM   58   N NZ    . LYS A 1 9   ? 9.074   11.306  -10.665 1.00 48.06 ? 235 LYS A NZ    1 
ATOM   59   N N     . VAL A 1 10  ? 4.743   11.851  -4.581  1.00 35.82 ? 236 VAL A N     1 
ATOM   60   C CA    . VAL A 1 10  ? 3.656   12.514  -3.876  1.00 35.59 ? 236 VAL A CA    1 
ATOM   61   C C     . VAL A 1 10  ? 3.146   13.624  -4.779  1.00 36.41 ? 236 VAL A C     1 
ATOM   62   O O     . VAL A 1 10  ? 3.923   14.494  -5.201  1.00 36.73 ? 236 VAL A O     1 
ATOM   63   C CB    . VAL A 1 10  ? 4.112   13.079  -2.512  1.00 35.40 ? 236 VAL A CB    1 
ATOM   64   C CG1   . VAL A 1 10  ? 2.962   13.785  -1.788  1.00 33.87 ? 236 VAL A CG1   1 
ATOM   65   C CG2   . VAL A 1 10  ? 4.694   11.967  -1.637  1.00 34.82 ? 236 VAL A CG2   1 
ATOM   66   N N     . LYS A 1 11  ? 1.851   13.578  -5.089  1.00 36.42 ? 237 LYS A N     1 
ATOM   67   C CA    . LYS A 1 11  ? 1.211   14.533  -5.991  1.00 37.09 ? 237 LYS A CA    1 
ATOM   68   C C     . LYS A 1 11  ? 1.379   15.977  -5.529  1.00 38.00 ? 237 LYS A C     1 
ATOM   69   O O     . LYS A 1 11  ? 1.197   16.287  -4.349  1.00 37.96 ? 237 LYS A O     1 
ATOM   70   C CB    . LYS A 1 11  ? -0.279  14.197  -6.176  1.00 36.88 ? 237 LYS A CB    1 
ATOM   71   C CG    . LYS A 1 11  ? -1.008  15.088  -7.181  1.00 36.51 ? 237 LYS A CG    1 
ATOM   72   C CD    . LYS A 1 11  ? -2.434  14.615  -7.462  1.00 36.26 ? 237 LYS A CD    1 
ATOM   73   C CE    . LYS A 1 11  ? -3.103  15.530  -8.494  1.00 36.59 ? 237 LYS A CE    1 
ATOM   74   N NZ    . LYS A 1 11  ? -4.518  15.149  -8.781  1.00 35.44 ? 237 LYS A NZ    1 
ATOM   75   N N     . GLY A 1 12  ? 1.743   16.844  -6.475  1.00 39.37 ? 238 GLY A N     1 
ATOM   76   C CA    . GLY A 1 12  ? 1.854   18.282  -6.244  1.00 40.78 ? 238 GLY A CA    1 
ATOM   77   C C     . GLY A 1 12  ? 3.065   18.706  -5.431  1.00 42.08 ? 238 GLY A C     1 
ATOM   78   O O     . GLY A 1 12  ? 3.116   19.838  -4.932  1.00 42.25 ? 238 GLY A O     1 
ATOM   79   N N     . THR A 1 13  ? 4.033   17.801  -5.280  1.00 42.70 ? 239 THR A N     1 
ATOM   80   C CA    . THR A 1 13  ? 5.264   18.099  -4.552  1.00 43.60 ? 239 THR A CA    1 
ATOM   81   C C     . THR A 1 13  ? 6.443   17.476  -5.283  1.00 44.07 ? 239 THR A C     1 
ATOM   82   O O     . THR A 1 13  ? 6.271   16.833  -6.320  1.00 44.10 ? 239 THR A O     1 
ATOM   83   C CB    . THR A 1 13  ? 5.257   17.552  -3.091  1.00 43.80 ? 239 THR A CB    1 
ATOM   84   O OG1   . THR A 1 13  ? 5.554   16.150  -3.098  1.00 44.38 ? 239 THR A OG1   1 
ATOM   85   C CG2   . THR A 1 13  ? 3.919   17.795  -2.382  1.00 44.04 ? 239 THR A CG2   1 
ATOM   86   N N     . ASP A 1 14  ? 7.637   17.659  -4.729  1.00 44.57 ? 240 ASP A N     1 
ATOM   87   C CA    . ASP A 1 14  ? 8.817   16.970  -5.229  1.00 45.31 ? 240 ASP A CA    1 
ATOM   88   C C     . ASP A 1 14  ? 9.277   15.805  -4.353  1.00 44.94 ? 240 ASP A C     1 
ATOM   89   O O     . ASP A 1 14  ? 10.409  15.319  -4.499  1.00 45.28 ? 240 ASP A O     1 
ATOM   90   C CB    . ASP A 1 14  ? 9.955   17.957  -5.437  1.00 46.30 ? 240 ASP A CB    1 
ATOM   91   C CG    . ASP A 1 14  ? 10.117  18.326  -6.879  1.00 48.88 ? 240 ASP A CG    1 
ATOM   92   O OD1   . ASP A 1 14  ? 9.390   19.229  -7.357  1.00 51.82 ? 240 ASP A OD1   1 
ATOM   93   O OD2   . ASP A 1 14  ? 10.963  17.685  -7.542  1.00 53.67 ? 240 ASP A OD2   1 
ATOM   94   N N     . LYS A 1 15  ? 8.396   15.352  -3.463  1.00 43.90 ? 241 LYS A N     1 
ATOM   95   C CA    . LYS A 1 15  ? 8.716   14.265  -2.539  1.00 42.85 ? 241 LYS A CA    1 
ATOM   96   C C     . LYS A 1 15  ? 8.381   12.891  -3.118  1.00 41.93 ? 241 LYS A C     1 
ATOM   97   O O     . LYS A 1 15  ? 7.577   12.769  -4.047  1.00 40.79 ? 241 LYS A O     1 
ATOM   98   C CB    . LYS A 1 15  ? 8.003   14.466  -1.196  1.00 43.33 ? 241 LYS A CB    1 
ATOM   99   C CG    . LYS A 1 15  ? 8.183   15.842  -0.562  1.00 44.91 ? 241 LYS A CG    1 
ATOM   100  C CD    . LYS A 1 15  ? 9.655   16.188  -0.357  1.00 48.87 ? 241 LYS A CD    1 
ATOM   101  C CE    . LYS A 1 15  ? 9.829   17.396  0.553   1.00 51.20 ? 241 LYS A CE    1 
ATOM   102  N NZ    . LYS A 1 15  ? 9.663   16.989  1.970   1.00 53.77 ? 241 LYS A NZ    1 
ATOM   103  N N     . GLU A 1 16  ? 9.016   11.868  -2.548  1.00 41.11 ? 242 GLU A N     1 
ATOM   104  C CA    . GLU A 1 16  ? 8.848   10.476  -2.942  1.00 40.71 ? 242 GLU A CA    1 
ATOM   105  C C     . GLU A 1 16  ? 8.946   9.616   -1.708  1.00 39.67 ? 242 GLU A C     1 
ATOM   106  O O     . GLU A 1 16  ? 9.596   9.994   -0.730  1.00 39.57 ? 242 GLU A O     1 
ATOM   107  C CB    . GLU A 1 16  ? 9.994   10.024  -3.847  1.00 40.97 ? 242 GLU A CB    1 
ATOM   108  C CG    . GLU A 1 16  ? 9.979   10.534  -5.265  1.00 44.11 ? 242 GLU A CG    1 
ATOM   109  C CD    . GLU A 1 16  ? 11.171  10.005  -6.056  1.00 44.95 ? 242 GLU A CD    1 
ATOM   110  O OE1   . GLU A 1 16  ? 12.168  9.578   -5.436  1.00 45.41 ? 242 GLU A OE1   1 
ATOM   111  O OE2   . GLU A 1 16  ? 11.100  10.002  -7.294  1.00 46.29 ? 242 GLU A OE2   1 
ATOM   112  N N     . PHE A 1 17  ? 8.328   8.440   -1.767  1.00 38.22 ? 243 PHE A N     1 
ATOM   113  C CA    . PHE A 1 17  ? 8.597   7.401   -0.795  1.00 36.79 ? 243 PHE A CA    1 
ATOM   114  C C     . PHE A 1 17  ? 8.664   6.056   -1.489  1.00 36.73 ? 243 PHE A C     1 
ATOM   115  O O     . PHE A 1 17  ? 8.169   5.890   -2.605  1.00 36.60 ? 243 PHE A O     1 
ATOM   116  C CB    . PHE A 1 17  ? 7.587   7.410   0.358   1.00 36.67 ? 243 PHE A CB    1 
ATOM   117  C CG    . PHE A 1 17  ? 6.162   7.094   -0.051  1.00 34.61 ? 243 PHE A CG    1 
ATOM   118  C CD1   . PHE A 1 17  ? 5.671   5.800   0.052   1.00 32.58 ? 243 PHE A CD1   1 
ATOM   119  C CD2   . PHE A 1 17  ? 5.302   8.109   -0.492  1.00 33.18 ? 243 PHE A CD2   1 
ATOM   120  C CE1   . PHE A 1 17  ? 4.339   5.499   -0.303  1.00 31.72 ? 243 PHE A CE1   1 
ATOM   121  C CE2   . PHE A 1 17  ? 3.968   7.830   -0.852  1.00 31.82 ? 243 PHE A CE2   1 
ATOM   122  C CZ    . PHE A 1 17  ? 3.488   6.523   -0.760  1.00 31.27 ? 243 PHE A CZ    1 
ATOM   123  N N     . THR A 1 18  ? 9.298   5.109   -0.819  1.00 36.45 ? 244 THR A N     1 
ATOM   124  C CA    . THR A 1 18  ? 9.464   3.770   -1.327  1.00 36.60 ? 244 THR A CA    1 
ATOM   125  C C     . THR A 1 18  ? 8.723   2.813   -0.410  1.00 36.37 ? 244 THR A C     1 
ATOM   126  O O     . THR A 1 18  ? 8.749   2.972   0.817   1.00 36.23 ? 244 THR A O     1 
ATOM   127  C CB    . THR A 1 18  ? 10.961  3.410   -1.385  1.00 36.68 ? 244 THR A CB    1 
ATOM   128  O OG1   . THR A 1 18  ? 11.615  4.320   -2.274  1.00 38.04 ? 244 THR A OG1   1 
ATOM   129  C CG2   . THR A 1 18  ? 11.166  2.012   -1.897  1.00 36.89 ? 244 THR A CG2   1 
ATOM   130  N N     . VAL A 1 19  ? 8.042   1.836   -1.002  1.00 36.04 ? 245 VAL A N     1 
ATOM   131  C CA    . VAL A 1 19  ? 7.401   0.796   -0.217  1.00 36.39 ? 245 VAL A CA    1 
ATOM   132  C C     . VAL A 1 19  ? 8.144   -0.517  -0.426  1.00 36.79 ? 245 VAL A C     1 
ATOM   133  O O     . VAL A 1 19  ? 8.773   -0.723  -1.471  1.00 37.18 ? 245 VAL A O     1 
ATOM   134  C CB    . VAL A 1 19  ? 5.884   0.620   -0.561  1.00 36.19 ? 245 VAL A CB    1 
ATOM   135  C CG1   . VAL A 1 19  ? 5.160   1.964   -0.540  1.00 35.53 ? 245 VAL A CG1   1 
ATOM   136  C CG2   . VAL A 1 19  ? 5.691   -0.050  -1.904  1.00 35.52 ? 245 VAL A CG2   1 
ATOM   137  N N     . PHE A 1 20  ? 8.082   -1.392  0.570   1.00 37.35 ? 246 PHE A N     1 
ATOM   138  C CA    . PHE A 1 20  ? 8.500   -2.772  0.370   1.00 37.83 ? 246 PHE A CA    1 
ATOM   139  C C     . PHE A 1 20  ? 7.280   -3.644  0.105   1.00 38.05 ? 246 PHE A C     1 
ATOM   140  O O     . PHE A 1 20  ? 6.316   -3.635  0.883   1.00 37.06 ? 246 PHE A O     1 
ATOM   141  C CB    . PHE A 1 20  ? 9.284   -3.307  1.569   1.00 38.28 ? 246 PHE A CB    1 
ATOM   142  C CG    . PHE A 1 20  ? 9.667   -4.760  1.436   1.00 39.50 ? 246 PHE A CG    1 
ATOM   143  C CD1   . PHE A 1 20  ? 10.537  -5.174  0.432   1.00 40.77 ? 246 PHE A CD1   1 
ATOM   144  C CD2   . PHE A 1 20  ? 9.146   -5.712  2.305   1.00 41.33 ? 246 PHE A CD2   1 
ATOM   145  C CE1   . PHE A 1 20  ? 10.896  -6.514  0.301   1.00 41.10 ? 246 PHE A CE1   1 
ATOM   146  C CE2   . PHE A 1 20  ? 9.494   -7.061  2.182   1.00 42.13 ? 246 PHE A CE2   1 
ATOM   147  C CZ    . PHE A 1 20  ? 10.372  -7.460  1.175   1.00 42.32 ? 246 PHE A CZ    1 
ATOM   148  N N     . THR A 1 21  ? 7.325   -4.385  -1.001  1.00 38.55 ? 247 THR A N     1 
ATOM   149  C CA    . THR A 1 21  ? 6.254   -5.316  -1.322  1.00 39.48 ? 247 THR A CA    1 
ATOM   150  C C     . THR A 1 21  ? 6.756   -6.706  -1.694  1.00 40.50 ? 247 THR A C     1 
ATOM   151  O O     . THR A 1 21  ? 7.770   -6.867  -2.381  1.00 40.67 ? 247 THR A O     1 
ATOM   152  C CB    . THR A 1 21  ? 5.310   -4.798  -2.436  1.00 39.09 ? 247 THR A CB    1 
ATOM   153  O OG1   . THR A 1 21  ? 4.216   -5.717  -2.589  1.00 38.06 ? 247 THR A OG1   1 
ATOM   154  C CG2   . THR A 1 21  ? 6.037   -4.663  -3.767  1.00 38.87 ? 247 THR A CG2   1 
ATOM   155  N N     . THR A 1 22  ? 6.015   -7.701  -1.228  1.00 41.43 ? 248 THR A N     1 
ATOM   156  C CA    . THR A 1 22  ? 6.244   -9.082  -1.599  1.00 42.74 ? 248 THR A CA    1 
ATOM   157  C C     . THR A 1 22  ? 5.452   -9.440  -2.867  1.00 42.80 ? 248 THR A C     1 
ATOM   158  O O     . THR A 1 22  ? 5.699   -10.471 -3.497  1.00 43.36 ? 248 THR A O     1 
ATOM   159  C CB    . THR A 1 22  ? 5.917   -10.007 -0.405  1.00 42.94 ? 248 THR A CB    1 
ATOM   160  O OG1   . THR A 1 22  ? 7.111   -10.201 0.367   1.00 44.61 ? 248 THR A OG1   1 
ATOM   161  C CG2   . THR A 1 22  ? 5.423   -11.353 -0.868  1.00 44.71 ? 248 THR A CG2   1 
ATOM   162  N N     . ARG A 1 23  ? 4.520   -8.573  -3.263  1.00 42.19 ? 249 ARG A N     1 
ATOM   163  C CA    . ARG A 1 23  ? 3.674   -8.851  -4.423  1.00 41.58 ? 249 ARG A CA    1 
ATOM   164  C C     . ARG A 1 23  ? 3.601   -7.682  -5.398  1.00 40.99 ? 249 ARG A C     1 
ATOM   165  O O     . ARG A 1 23  ? 2.520   -7.115  -5.601  1.00 41.04 ? 249 ARG A O     1 
ATOM   166  C CB    . ARG A 1 23  ? 2.263   -9.247  -3.972  1.00 41.50 ? 249 ARG A CB    1 
ATOM   167  C CG    . ARG A 1 23  ? 2.181   -10.526 -3.129  1.00 42.65 ? 249 ARG A CG    1 
ATOM   168  C CD    . ARG A 1 23  ? 2.268   -11.800 -3.974  1.00 43.79 ? 249 ARG A CD    1 
ATOM   169  N NE    . ARG A 1 23  ? 1.225   -11.842 -5.003  1.00 46.88 ? 249 ARG A NE    1 
ATOM   170  C CZ    . ARG A 1 23  ? -0.022  -12.276 -4.815  1.00 47.04 ? 249 ARG A CZ    1 
ATOM   171  N NH1   . ARG A 1 23  ? -0.419  -12.745 -3.635  1.00 47.70 ? 249 ARG A NH1   1 
ATOM   172  N NH2   . ARG A 1 23  ? -0.877  -12.261 -5.827  1.00 47.73 ? 249 ARG A NH2   1 
ATOM   173  N N     . PRO A 1 24  ? 4.738   -7.332  -6.033  1.00 40.62 ? 250 PRO A N     1 
ATOM   174  C CA    . PRO A 1 24  ? 4.766   -6.208  -6.976  1.00 40.06 ? 250 PRO A CA    1 
ATOM   175  C C     . PRO A 1 24  ? 3.814   -6.414  -8.157  1.00 39.72 ? 250 PRO A C     1 
ATOM   176  O O     . PRO A 1 24  ? 3.445   -5.448  -8.824  1.00 39.35 ? 250 PRO A O     1 
ATOM   177  C CB    . PRO A 1 24  ? 6.225   -6.181  -7.454  1.00 40.03 ? 250 PRO A CB    1 
ATOM   178  C CG    . PRO A 1 24  ? 6.725   -7.569  -7.224  1.00 40.17 ? 250 PRO A CG    1 
ATOM   179  C CD    . PRO A 1 24  ? 6.037   -8.034  -5.983  1.00 40.73 ? 250 PRO A CD    1 
ATOM   180  N N     . ASP A 1 25  ? 3.423   -7.670  -8.379  1.00 39.28 ? 251 ASP A N     1 
ATOM   181  C CA    . ASP A 1 25  ? 2.474   -8.075  -9.424  1.00 39.25 ? 251 ASP A CA    1 
ATOM   182  C C     . ASP A 1 25  ? 1.032   -7.607  -9.177  1.00 38.22 ? 251 ASP A C     1 
ATOM   183  O O     . ASP A 1 25  ? 0.176   -7.737  -10.058 1.00 38.26 ? 251 ASP A O     1 
ATOM   184  C CB    . ASP A 1 25  ? 2.484   -9.610  -9.572  1.00 39.50 ? 251 ASP A CB    1 
ATOM   185  C CG    . ASP A 1 25  ? 1.916   -10.325 -8.346  1.00 41.48 ? 251 ASP A CG    1 
ATOM   186  O OD1   . ASP A 1 25  ? 2.569   -10.306 -7.275  1.00 43.70 ? 251 ASP A OD1   1 
ATOM   187  O OD2   . ASP A 1 25  ? 0.809   -10.907 -8.445  1.00 42.96 ? 251 ASP A OD2   1 
ATOM   188  N N     . THR A 1 26  ? 0.753   -7.085  -7.984  1.00 37.06 ? 252 THR A N     1 
ATOM   189  C CA    . THR A 1 26  ? -0.597  -6.614  -7.660  1.00 35.97 ? 252 THR A CA    1 
ATOM   190  C C     . THR A 1 26  ? -0.704  -5.085  -7.763  1.00 35.36 ? 252 THR A C     1 
ATOM   191  O O     . THR A 1 26  ? -1.692  -4.493  -7.329  1.00 34.96 ? 252 THR A O     1 
ATOM   192  C CB    . THR A 1 26  ? -1.032  -7.055  -6.256  1.00 35.86 ? 252 THR A CB    1 
ATOM   193  O OG1   . THR A 1 26  ? -0.110  -6.541  -5.288  1.00 34.99 ? 252 THR A OG1   1 
ATOM   194  C CG2   . THR A 1 26  ? -1.088  -8.580  -6.152  1.00 36.23 ? 252 THR A CG2   1 
ATOM   195  N N     . LEU A 1 27  ? 0.319   -4.458  -8.340  1.00 34.64 ? 253 LEU A N     1 
ATOM   196  C CA    . LEU A 1 27  ? 0.412   -2.998  -8.415  1.00 34.08 ? 253 LEU A CA    1 
ATOM   197  C C     . LEU A 1 27  ? -0.844  -2.299  -8.975  1.00 33.19 ? 253 LEU A C     1 
ATOM   198  O O     . LEU A 1 27  ? -1.250  -1.260  -8.458  1.00 32.78 ? 253 LEU A O     1 
ATOM   199  C CB    . LEU A 1 27  ? 1.674   -2.597  -9.193  1.00 34.41 ? 253 LEU A CB    1 
ATOM   200  C CG    . LEU A 1 27  ? 2.107   -1.136  -9.253  1.00 35.21 ? 253 LEU A CG    1 
ATOM   201  C CD1   . LEU A 1 27  ? 2.166   -0.510  -7.876  1.00 34.89 ? 253 LEU A CD1   1 
ATOM   202  C CD2   . LEU A 1 27  ? 3.480   -1.023  -9.935  1.00 36.85 ? 253 LEU A CD2   1 
ATOM   203  N N     . PHE A 1 28  ? -1.460  -2.876  -10.008 1.00 32.41 ? 254 PHE A N     1 
ATOM   204  C CA    . PHE A 1 28  ? -2.689  -2.320  -10.595 1.00 32.17 ? 254 PHE A CA    1 
ATOM   205  C C     . PHE A 1 28  ? -3.900  -2.406  -9.661  1.00 31.56 ? 254 PHE A C     1 
ATOM   206  O O     . PHE A 1 28  ? -4.922  -1.765  -9.908  1.00 31.14 ? 254 PHE A O     1 
ATOM   207  C CB    . PHE A 1 28  ? -3.018  -2.994  -11.935 1.00 32.98 ? 254 PHE A CB    1 
ATOM   208  C CG    . PHE A 1 28  ? -2.002  -2.732  -13.019 1.00 34.75 ? 254 PHE A CG    1 
ATOM   209  C CD1   . PHE A 1 28  ? -2.207  -1.721  -13.951 1.00 37.20 ? 254 PHE A CD1   1 
ATOM   210  C CD2   . PHE A 1 28  ? -0.842  -3.502  -13.109 1.00 37.13 ? 254 PHE A CD2   1 
ATOM   211  C CE1   . PHE A 1 28  ? -1.257  -1.475  -14.963 1.00 39.96 ? 254 PHE A CE1   1 
ATOM   212  C CE2   . PHE A 1 28  ? 0.108   -3.265  -14.111 1.00 39.48 ? 254 PHE A CE2   1 
ATOM   213  C CZ    . PHE A 1 28  ? -0.101  -2.248  -15.037 1.00 39.20 ? 254 PHE A CZ    1 
ATOM   214  N N     . GLY A 1 29  ? -3.789  -3.209  -8.602  1.00 30.58 ? 255 GLY A N     1 
ATOM   215  C CA    . GLY A 1 29  ? -4.845  -3.307  -7.584  1.00 30.14 ? 255 GLY A CA    1 
ATOM   216  C C     . GLY A 1 29  ? -4.539  -2.529  -6.309  1.00 29.55 ? 255 GLY A C     1 
ATOM   217  O O     . GLY A 1 29  ? -5.282  -2.618  -5.331  1.00 29.05 ? 255 GLY A O     1 
ATOM   218  N N     . ALA A 1 30  ? -3.453  -1.752  -6.311  1.00 29.61 ? 256 ALA A N     1 
ATOM   219  C CA    . ALA A 1 30  ? -3.148  -0.870  -5.173  1.00 29.19 ? 256 ALA A CA    1 
ATOM   220  C C     . ALA A 1 30  ? -4.046  0.365   -5.205  1.00 29.25 ? 256 ALA A C     1 
ATOM   221  O O     . ALA A 1 30  ? -3.858  1.242   -6.054  1.00 30.35 ? 256 ALA A O     1 
ATOM   222  C CB    . ALA A 1 30  ? -1.675  -0.466  -5.195  1.00 29.29 ? 256 ALA A CB    1 
ATOM   223  N N     . THR A 1 31  ? -5.005  0.455   -4.280  1.00 28.42 ? 257 THR A N     1 
ATOM   224  C CA    . THR A 1 31  ? -6.014  1.521   -4.319  1.00 28.16 ? 257 THR A CA    1 
ATOM   225  C C     . THR A 1 31  ? -5.712  2.662   -3.351  1.00 28.08 ? 257 THR A C     1 
ATOM   226  O O     . THR A 1 31  ? -6.301  3.732   -3.450  1.00 28.39 ? 257 THR A O     1 
ATOM   227  C CB    . THR A 1 31  ? -7.465  0.994   -4.074  1.00 28.36 ? 257 THR A CB    1 
ATOM   228  O OG1   . THR A 1 31  ? -7.550  0.326   -2.801  1.00 27.82 ? 257 THR A OG1   1 
ATOM   229  C CG2   . THR A 1 31  ? -7.877  0.030   -5.165  1.00 28.38 ? 257 THR A CG2   1 
ATOM   230  N N     . PHE A 1 32  ? -4.812  2.420   -2.402  1.00 26.93 ? 258 PHE A N     1 
ATOM   231  C CA    . PHE A 1 32  ? -4.311  3.471   -1.524  1.00 26.39 ? 258 PHE A CA    1 
ATOM   232  C C     . PHE A 1 32  ? -2.901  3.105   -1.041  1.00 26.02 ? 258 PHE A C     1 
ATOM   233  O O     . PHE A 1 32  ? -2.419  2.020   -1.350  1.00 26.02 ? 258 PHE A O     1 
ATOM   234  C CB    . PHE A 1 32  ? -5.286  3.765   -0.359  1.00 26.05 ? 258 PHE A CB    1 
ATOM   235  C CG    . PHE A 1 32  ? -5.619  2.558   0.527   1.00 27.40 ? 258 PHE A CG    1 
ATOM   236  C CD1   . PHE A 1 32  ? -6.511  1.568   0.089   1.00 27.49 ? 258 PHE A CD1   1 
ATOM   237  C CD2   . PHE A 1 32  ? -5.100  2.460   1.817   1.00 26.01 ? 258 PHE A CD2   1 
ATOM   238  C CE1   . PHE A 1 32  ? -6.836  0.470   0.902   1.00 26.20 ? 258 PHE A CE1   1 
ATOM   239  C CE2   . PHE A 1 32  ? -5.429  1.358   2.653   1.00 26.65 ? 258 PHE A CE2   1 
ATOM   240  C CZ    . PHE A 1 32  ? -6.303  0.368   2.179   1.00 25.17 ? 258 PHE A CZ    1 
ATOM   241  N N     . THR A 1 33  ? -2.245  4.010   -0.320  1.00 25.51 ? 259 THR A N     1 
ATOM   242  C CA    . THR A 1 33  ? -0.938  3.730   0.297   1.00 25.95 ? 259 THR A CA    1 
ATOM   243  C C     . THR A 1 33  ? -1.020  4.063   1.782   1.00 26.04 ? 259 THR A C     1 
ATOM   244  O O     . THR A 1 33  ? -1.849  4.875   2.197   1.00 25.88 ? 259 THR A O     1 
ATOM   245  C CB    . THR A 1 33  ? 0.216   4.532   -0.343  1.00 25.91 ? 259 THR A CB    1 
ATOM   246  O OG1   . THR A 1 33  ? -0.136  5.926   -0.381  1.00 26.55 ? 259 THR A OG1   1 
ATOM   247  C CG2   . THR A 1 33  ? 0.493   4.051   -1.753  1.00 26.20 ? 259 THR A CG2   1 
ATOM   248  N N     . VAL A 1 34  ? -0.180  3.407   2.585   1.00 26.70 ? 260 VAL A N     1 
ATOM   249  C CA    . VAL A 1 34  ? -0.195  3.594   4.034   1.00 27.07 ? 260 VAL A CA    1 
ATOM   250  C C     . VAL A 1 34  ? 1.237   3.774   4.528   1.00 27.69 ? 260 VAL A C     1 
ATOM   251  O O     . VAL A 1 34  ? 2.118   2.970   4.186   1.00 28.08 ? 260 VAL A O     1 
ATOM   252  C CB    . VAL A 1 34  ? -0.852  2.395   4.789   1.00 27.37 ? 260 VAL A CB    1 
ATOM   253  C CG1   . VAL A 1 34  ? -0.963  2.692   6.304   1.00 25.71 ? 260 VAL A CG1   1 
ATOM   254  C CG2   . VAL A 1 34  ? -2.249  2.052   4.231   1.00 26.52 ? 260 VAL A CG2   1 
ATOM   255  N N     . LEU A 1 35  ? 1.470   4.834   5.301   1.00 28.00 ? 261 LEU A N     1 
ATOM   256  C CA    . LEU A 1 35  ? 2.755   5.033   5.965   1.00 28.83 ? 261 LEU A CA    1 
ATOM   257  C C     . LEU A 1 35  ? 2.598   4.745   7.449   1.00 28.80 ? 261 LEU A C     1 
ATOM   258  O O     . LEU A 1 35  ? 1.534   4.983   8.025   1.00 28.48 ? 261 LEU A O     1 
ATOM   259  C CB    . LEU A 1 35  ? 3.278   6.467   5.780   1.00 29.50 ? 261 LEU A CB    1 
ATOM   260  C CG    . LEU A 1 35  ? 3.365   7.082   4.374   1.00 30.93 ? 261 LEU A CG    1 
ATOM   261  C CD1   . LEU A 1 35  ? 3.790   8.568   4.445   1.00 31.13 ? 261 LEU A CD1   1 
ATOM   262  C CD2   . LEU A 1 35  ? 4.291   6.313   3.466   1.00 30.68 ? 261 LEU A CD2   1 
ATOM   263  N N     . ALA A 1 36  ? 3.656   4.230   8.072   1.00 29.15 ? 262 ALA A N     1 
ATOM   264  C CA    . ALA A 1 36  ? 3.692   4.156   9.522   1.00 29.07 ? 262 ALA A CA    1 
ATOM   265  C C     . ALA A 1 36  ? 3.509   5.580   10.064  1.00 29.40 ? 262 ALA A C     1 
ATOM   266  O O     . ALA A 1 36  ? 4.035   6.536   9.493   1.00 28.96 ? 262 ALA A O     1 
ATOM   267  C CB    . ALA A 1 36  ? 5.018   3.562   9.994   1.00 29.37 ? 262 ALA A CB    1 
ATOM   268  N N     . PRO A 1 37  ? 2.753   5.732   11.159  1.00 30.06 ? 263 PRO A N     1 
ATOM   269  C CA    . PRO A 1 37  ? 2.608   7.078   11.729  1.00 31.25 ? 263 PRO A CA    1 
ATOM   270  C C     . PRO A 1 37  ? 3.965   7.756   12.007  1.00 32.72 ? 263 PRO A C     1 
ATOM   271  O O     . PRO A 1 37  ? 4.060   8.990   11.943  1.00 32.53 ? 263 PRO A O     1 
ATOM   272  C CB    . PRO A 1 37  ? 1.823   6.823   13.017  1.00 31.41 ? 263 PRO A CB    1 
ATOM   273  C CG    . PRO A 1 37  ? 0.981   5.612   12.690  1.00 30.52 ? 263 PRO A CG    1 
ATOM   274  C CD    . PRO A 1 37  ? 1.863   4.752   11.806  1.00 29.68 ? 263 PRO A CD    1 
ATOM   275  N N     . GLU A 1 38  ? 5.004   6.942   12.245  1.00 33.85 ? 264 GLU A N     1 
ATOM   276  C CA    . GLU A 1 38  ? 6.358   7.415   12.574  1.00 35.09 ? 264 GLU A CA    1 
ATOM   277  C C     . GLU A 1 38  ? 7.240   7.645   11.339  1.00 35.78 ? 264 GLU A C     1 
ATOM   278  O O     . GLU A 1 38  ? 8.402   8.048   11.477  1.00 35.64 ? 264 GLU A O     1 
ATOM   279  C CB    . GLU A 1 38  ? 7.083   6.413   13.508  1.00 35.59 ? 264 GLU A CB    1 
ATOM   280  C CG    . GLU A 1 38  ? 6.397   6.124   14.866  1.00 36.26 ? 264 GLU A CG    1 
ATOM   281  C CD    . GLU A 1 38  ? 5.230   5.125   14.776  1.00 37.36 ? 264 GLU A CD    1 
ATOM   282  O OE1   . GLU A 1 38  ? 5.121   4.391   13.765  1.00 35.83 ? 264 GLU A OE1   1 
ATOM   283  O OE2   . GLU A 1 38  ? 4.411   5.086   15.732  1.00 37.26 ? 264 GLU A OE2   1 
ATOM   284  N N     . HIS A 1 39  ? 6.718   7.372   10.140  1.00 35.77 ? 265 HIS A N     1 
ATOM   285  C CA    . HIS A 1 39  ? 7.498   7.534   8.906   1.00 36.08 ? 265 HIS A CA    1 
ATOM   286  C C     . HIS A 1 39  ? 7.983   8.988   8.779   1.00 37.30 ? 265 HIS A C     1 
ATOM   287  O O     . HIS A 1 39  ? 7.237   9.925   9.103   1.00 36.62 ? 265 HIS A O     1 
ATOM   288  C CB    . HIS A 1 39  ? 6.653   7.127   7.687   1.00 35.82 ? 265 HIS A CB    1 
ATOM   289  C CG    . HIS A 1 39  ? 7.422   7.066   6.403   1.00 35.76 ? 265 HIS A CG    1 
ATOM   290  N ND1   . HIS A 1 39  ? 7.811   8.197   5.715   1.00 34.61 ? 265 HIS A ND1   1 
ATOM   291  C CD2   . HIS A 1 39  ? 7.873   6.013   5.680   1.00 33.92 ? 265 HIS A CD2   1 
ATOM   292  C CE1   . HIS A 1 39  ? 8.470   7.841   4.626   1.00 35.05 ? 265 HIS A CE1   1 
ATOM   293  N NE2   . HIS A 1 39  ? 8.525   6.522   4.582   1.00 34.37 ? 265 HIS A NE2   1 
ATOM   294  N N     . GLU A 1 40  ? 9.224   9.180   8.314   1.00 38.24 ? 266 GLU A N     1 
ATOM   295  C CA    . GLU A 1 40  ? 9.822   10.528  8.300   1.00 39.93 ? 266 GLU A CA    1 
ATOM   296  C C     . GLU A 1 40  ? 9.126   11.539  7.380   1.00 39.59 ? 266 GLU A C     1 
ATOM   297  O O     . GLU A 1 40  ? 9.179   12.731  7.641   1.00 39.96 ? 266 GLU A O     1 
ATOM   298  C CB    . GLU A 1 40  ? 11.350  10.528  8.060   1.00 40.38 ? 266 GLU A CB    1 
ATOM   299  C CG    . GLU A 1 40  ? 11.971  9.245   7.555   1.00 44.96 ? 266 GLU A CG    1 
ATOM   300  C CD    . GLU A 1 40  ? 11.792  8.996   6.054   1.00 49.93 ? 266 GLU A CD    1 
ATOM   301  O OE1   . GLU A 1 40  ? 11.592  9.979   5.298   1.00 51.85 ? 266 GLU A OE1   1 
ATOM   302  O OE2   . GLU A 1 40  ? 11.870  7.806   5.636   1.00 50.59 ? 266 GLU A OE2   1 
ATOM   303  N N     . LEU A 1 41  ? 8.464   11.060  6.331   1.00 39.24 ? 267 LEU A N     1 
ATOM   304  C CA    . LEU A 1 41  ? 7.807   11.936  5.361   1.00 38.83 ? 267 LEU A CA    1 
ATOM   305  C C     . LEU A 1 41  ? 6.495   12.556  5.855   1.00 38.15 ? 267 LEU A C     1 
ATOM   306  O O     . LEU A 1 41  ? 6.053   13.585  5.327   1.00 37.55 ? 267 LEU A O     1 
ATOM   307  C CB    . LEU A 1 41  ? 7.563   11.189  4.045   1.00 38.88 ? 267 LEU A CB    1 
ATOM   308  C CG    . LEU A 1 41  ? 7.102   12.019  2.838   1.00 40.28 ? 267 LEU A CG    1 
ATOM   309  C CD1   . LEU A 1 41  ? 8.181   13.045  2.429   1.00 40.93 ? 267 LEU A CD1   1 
ATOM   310  C CD2   . LEU A 1 41  ? 6.742   11.115  1.661   1.00 40.02 ? 267 LEU A CD2   1 
ATOM   311  N N     . VAL A 1 42  ? 5.877   11.930  6.856   1.00 37.50 ? 268 VAL A N     1 
ATOM   312  C CA    . VAL A 1 42  ? 4.508   12.265  7.260   1.00 36.90 ? 268 VAL A CA    1 
ATOM   313  C C     . VAL A 1 42  ? 4.287   13.773  7.471   1.00 37.36 ? 268 VAL A C     1 
ATOM   314  O O     . VAL A 1 42  ? 3.417   14.368  6.833   1.00 36.82 ? 268 VAL A O     1 
ATOM   315  C CB    . VAL A 1 42  ? 4.060   11.465  8.506   1.00 36.58 ? 268 VAL A CB    1 
ATOM   316  C CG1   . VAL A 1 42  ? 2.722   11.984  9.034   1.00 34.90 ? 268 VAL A CG1   1 
ATOM   317  C CG2   . VAL A 1 42  ? 3.957   9.965   8.172   1.00 36.60 ? 268 VAL A CG2   1 
ATOM   318  N N     . ASP A 1 43  ? 5.089   14.385  8.340   1.00 37.95 ? 269 ASP A N     1 
ATOM   319  C CA    . ASP A 1 43  ? 4.914   15.804  8.676   1.00 38.89 ? 269 ASP A CA    1 
ATOM   320  C C     . ASP A 1 43  ? 4.997   16.715  7.452   1.00 38.32 ? 269 ASP A C     1 
ATOM   321  O O     . ASP A 1 43  ? 4.216   17.656  7.347   1.00 38.87 ? 269 ASP A O     1 
ATOM   322  C CB    . ASP A 1 43  ? 5.907   16.255  9.762   1.00 39.49 ? 269 ASP A CB    1 
ATOM   323  C CG    . ASP A 1 43  ? 5.516   15.781  11.157  1.00 42.02 ? 269 ASP A CG    1 
ATOM   324  O OD1   . ASP A 1 43  ? 4.397   15.243  11.343  1.00 44.24 ? 269 ASP A OD1   1 
ATOM   325  O OD2   . ASP A 1 43  ? 6.342   15.954  12.087  1.00 44.76 ? 269 ASP A OD2   1 
ATOM   326  N N     . ALA A 1 44  ? 5.923   16.418  6.535   1.00 37.55 ? 270 ALA A N     1 
ATOM   327  C CA    . ALA A 1 44  ? 6.107   17.202  5.305   1.00 37.24 ? 270 ALA A CA    1 
ATOM   328  C C     . ALA A 1 44  ? 4.911   17.210  4.333   1.00 36.89 ? 270 ALA A C     1 
ATOM   329  O O     . ALA A 1 44  ? 4.660   18.214  3.655   1.00 37.05 ? 270 ALA A O     1 
ATOM   330  C CB    . ALA A 1 44  ? 7.358   16.735  4.567   1.00 37.51 ? 270 ALA A CB    1 
ATOM   331  N N     . ILE A 1 45  ? 4.187   16.096  4.239   1.00 35.53 ? 271 ILE A N     1 
ATOM   332  C CA    . ILE A 1 45  ? 3.129   15.973  3.222   1.00 34.06 ? 271 ILE A CA    1 
ATOM   333  C C     . ILE A 1 45  ? 1.720   16.131  3.782   1.00 33.59 ? 271 ILE A C     1 
ATOM   334  O O     . ILE A 1 45  ? 0.740   16.149  3.019   1.00 33.54 ? 271 ILE A O     1 
ATOM   335  C CB    . ILE A 1 45  ? 3.214   14.632  2.454   1.00 33.94 ? 271 ILE A CB    1 
ATOM   336  C CG1   . ILE A 1 45  ? 3.021   13.451  3.411   1.00 33.40 ? 271 ILE A CG1   1 
ATOM   337  C CG2   . ILE A 1 45  ? 4.539   14.520  1.688   1.00 33.94 ? 271 ILE A CG2   1 
ATOM   338  C CD1   . ILE A 1 45  ? 2.651   12.157  2.710   1.00 33.16 ? 271 ILE A CD1   1 
ATOM   339  N N     . THR A 1 46  ? 1.618   16.231  5.105   1.00 32.70 ? 272 THR A N     1 
ATOM   340  C CA    . THR A 1 46  ? 0.333   16.373  5.779   1.00 32.57 ? 272 THR A CA    1 
ATOM   341  C C     . THR A 1 46  ? -0.219  17.773  5.516   1.00 32.60 ? 272 THR A C     1 
ATOM   342  O O     . THR A 1 46  ? 0.501   18.757  5.680   1.00 32.48 ? 272 THR A O     1 
ATOM   343  C CB    . THR A 1 46  ? 0.466   16.123  7.316   1.00 32.58 ? 272 THR A CB    1 
ATOM   344  O OG1   . THR A 1 46  ? 0.842   14.757  7.545   1.00 33.68 ? 272 THR A OG1   1 
ATOM   345  C CG2   . THR A 1 46  ? -0.854  16.375  8.029   1.00 31.63 ? 272 THR A CG2   1 
ATOM   346  N N     . SER A 1 47  ? -1.482  17.855  5.098   1.00 31.99 ? 273 SER A N     1 
ATOM   347  C CA    . SER A 1 47  ? -2.116  19.149  4.810   1.00 31.62 ? 273 SER A CA    1 
ATOM   348  C C     . SER A 1 47  ? -2.514  19.857  6.103   1.00 31.79 ? 273 SER A C     1 
ATOM   349  O O     . SER A 1 47  ? -2.740  19.208  7.124   1.00 31.51 ? 273 SER A O     1 
ATOM   350  C CB    . SER A 1 47  ? -3.344  18.952  3.909   1.00 31.27 ? 273 SER A CB    1 
ATOM   351  O OG    . SER A 1 47  ? -4.434  18.421  4.642   1.00 30.47 ? 273 SER A OG    1 
ATOM   352  N N     . SER A 1 48  ? -2.618  21.190  6.056   1.00 31.73 ? 274 SER A N     1 
ATOM   353  C CA    . SER A 1 48  ? -2.978  21.974  7.238   1.00 31.70 ? 274 SER A CA    1 
ATOM   354  C C     . SER A 1 48  ? -4.321  21.564  7.839   1.00 31.27 ? 274 SER A C     1 
ATOM   355  O O     . SER A 1 48  ? -4.486  21.601  9.062   1.00 30.69 ? 274 SER A O     1 
ATOM   356  C CB    . SER A 1 48  ? -2.971  23.479  6.924   1.00 32.67 ? 274 SER A CB    1 
ATOM   357  O OG    . SER A 1 48  ? -4.009  23.789  6.012   1.00 34.17 ? 274 SER A OG    1 
ATOM   358  N N     . GLU A 1 49  ? -5.273  21.153  6.994   1.00 30.68 ? 275 GLU A N     1 
ATOM   359  C CA    . GLU A 1 49  ? -6.582  20.704  7.485   1.00 30.32 ? 275 GLU A CA    1 
ATOM   360  C C     . GLU A 1 49  ? -6.502  19.383  8.264   1.00 29.69 ? 275 GLU A C     1 
ATOM   361  O O     . GLU A 1 49  ? -7.337  19.133  9.137   1.00 29.24 ? 275 GLU A O     1 
ATOM   362  C CB    . GLU A 1 49  ? -7.584  20.513  6.337   1.00 30.63 ? 275 GLU A CB    1 
ATOM   363  C CG    . GLU A 1 49  ? -7.986  21.793  5.605   1.00 32.79 ? 275 GLU A CG    1 
ATOM   364  C CD    . GLU A 1 49  ? -6.969  22.227  4.586   1.00 33.74 ? 275 GLU A CD    1 
ATOM   365  O OE1   . GLU A 1 49  ? -6.143  21.389  4.157   1.00 35.15 ? 275 GLU A OE1   1 
ATOM   366  O OE2   . GLU A 1 49  ? -6.994  23.414  4.199   1.00 36.40 ? 275 GLU A OE2   1 
ATOM   367  N N     . GLN A 1 50  ? -5.523  18.551  7.912   1.00 29.26 ? 276 GLN A N     1 
ATOM   368  C CA    . GLN A 1 50  ? -5.353  17.216  8.506   1.00 29.60 ? 276 GLN A CA    1 
ATOM   369  C C     . GLN A 1 50  ? -4.302  17.193  9.634   1.00 30.68 ? 276 GLN A C     1 
ATOM   370  O O     . GLN A 1 50  ? -4.183  16.181  10.348  1.00 30.18 ? 276 GLN A O     1 
ATOM   371  C CB    . GLN A 1 50  ? -4.975  16.177  7.437   1.00 29.07 ? 276 GLN A CB    1 
ATOM   372  C CG    . GLN A 1 50  ? -6.042  15.892  6.350   1.00 27.07 ? 276 GLN A CG    1 
ATOM   373  C CD    . GLN A 1 50  ? -7.403  15.499  6.903   1.00 27.69 ? 276 GLN A CD    1 
ATOM   374  O OE1   . GLN A 1 50  ? -8.339  16.304  6.886   1.00 28.40 ? 276 GLN A OE1   1 
ATOM   375  N NE2   . GLN A 1 50  ? -7.525  14.257  7.405   1.00 25.79 ? 276 GLN A NE2   1 
ATOM   376  N N     . ALA A 1 51  ? -3.574  18.307  9.805   1.00 31.12 ? 277 ALA A N     1 
ATOM   377  C CA    . ALA A 1 51  ? -2.429  18.379  10.740  1.00 32.12 ? 277 ALA A CA    1 
ATOM   378  C C     . ALA A 1 51  ? -2.737  17.903  12.168  1.00 32.50 ? 277 ALA A C     1 
ATOM   379  O O     . ALA A 1 51  ? -2.013  17.064  12.702  1.00 32.24 ? 277 ALA A O     1 
ATOM   380  C CB    . ALA A 1 51  ? -1.826  19.800  10.770  1.00 32.32 ? 277 ALA A CB    1 
ATOM   381  N N     . GLU A 1 52  ? -3.799  18.442  12.773  1.00 32.57 ? 278 GLU A N     1 
ATOM   382  C CA    . GLU A 1 52  ? -4.157  18.125  14.160  1.00 33.59 ? 278 GLU A CA    1 
ATOM   383  C C     . GLU A 1 52  ? -4.614  16.668  14.349  1.00 32.84 ? 278 GLU A C     1 
ATOM   384  O O     . GLU A 1 52  ? -4.254  16.026  15.339  1.00 32.50 ? 278 GLU A O     1 
ATOM   385  C CB    . GLU A 1 52  ? -5.240  19.077  14.652  1.00 34.41 ? 278 GLU A CB    1 
ATOM   386  C CG    . GLU A 1 52  ? -5.623  18.914  16.118  1.00 38.79 ? 278 GLU A CG    1 
ATOM   387  C CD    . GLU A 1 52  ? -6.418  20.102  16.649  1.00 45.77 ? 278 GLU A CD    1 
ATOM   388  O OE1   . GLU A 1 52  ? -6.502  21.138  15.944  1.00 48.38 ? 278 GLU A OE1   1 
ATOM   389  O OE2   . GLU A 1 52  ? -6.962  20.002  17.774  1.00 48.84 ? 278 GLU A OE2   1 
ATOM   390  N N     . ALA A 1 53  ? -5.427  16.166  13.422  1.00 31.73 ? 279 ALA A N     1 
ATOM   391  C CA    . ALA A 1 53  ? -5.843  14.767  13.443  1.00 31.05 ? 279 ALA A CA    1 
ATOM   392  C C     . ALA A 1 53  ? -4.650  13.821  13.278  1.00 30.74 ? 279 ALA A C     1 
ATOM   393  O O     . ALA A 1 53  ? -4.578  12.797  13.964  1.00 30.83 ? 279 ALA A O     1 
ATOM   394  C CB    . ALA A 1 53  ? -6.903  14.496  12.374  1.00 30.89 ? 279 ALA A CB    1 
ATOM   395  N N     . VAL A 1 54  ? -3.718  14.166  12.389  1.00 30.47 ? 280 VAL A N     1 
ATOM   396  C CA    . VAL A 1 54  ? -2.473  13.402  12.215  1.00 30.72 ? 280 VAL A CA    1 
ATOM   397  C C     . VAL A 1 54  ? -1.619  13.407  13.506  1.00 31.69 ? 280 VAL A C     1 
ATOM   398  O O     . VAL A 1 54  ? -1.111  12.348  13.923  1.00 31.35 ? 280 VAL A O     1 
ATOM   399  C CB    . VAL A 1 54  ? -1.682  13.858  10.954  1.00 30.36 ? 280 VAL A CB    1 
ATOM   400  C CG1   . VAL A 1 54  ? -0.247  13.382  10.974  1.00 30.18 ? 280 VAL A CG1   1 
ATOM   401  C CG2   . VAL A 1 54  ? -2.386  13.360  9.665   1.00 30.13 ? 280 VAL A CG2   1 
ATOM   402  N N     . ALA A 1 55  ? -1.501  14.571  14.153  1.00 31.85 ? 281 ALA A N     1 
ATOM   403  C CA    . ALA A 1 55  ? -0.760  14.684  15.428  1.00 32.76 ? 281 ALA A CA    1 
ATOM   404  C C     . ALA A 1 55  ? -1.371  13.819  16.530  1.00 33.06 ? 281 ALA A C     1 
ATOM   405  O O     . ALA A 1 55  ? -0.645  13.109  17.240  1.00 33.78 ? 281 ALA A O     1 
ATOM   406  C CB    . ALA A 1 55  ? -0.653  16.159  15.886  1.00 32.68 ? 281 ALA A CB    1 
ATOM   407  N N     . ASP A 1 56  ? -2.695  13.882  16.661  1.00 33.48 ? 282 ASP A N     1 
ATOM   408  C CA    . ASP A 1 56  ? -3.445  13.070  17.620  1.00 34.09 ? 282 ASP A CA    1 
ATOM   409  C C     . ASP A 1 56  ? -3.264  11.560  17.413  1.00 34.04 ? 282 ASP A C     1 
ATOM   410  O O     . ASP A 1 56  ? -3.081  10.806  18.380  1.00 32.87 ? 282 ASP A O     1 
ATOM   411  C CB    . ASP A 1 56  ? -4.936  13.412  17.566  1.00 34.88 ? 282 ASP A CB    1 
ATOM   412  C CG    . ASP A 1 56  ? -5.235  14.826  18.068  1.00 37.84 ? 282 ASP A CG    1 
ATOM   413  O OD1   . ASP A 1 56  ? -4.306  15.504  18.558  1.00 39.97 ? 282 ASP A OD1   1 
ATOM   414  O OD2   . ASP A 1 56  ? -6.407  15.262  17.968  1.00 41.58 ? 282 ASP A OD2   1 
ATOM   415  N N     . TYR A 1 57  ? -3.319  11.131  16.154  1.00 33.67 ? 283 TYR A N     1 
ATOM   416  C CA    . TYR A 1 57  ? -3.147  9.725   15.829  1.00 33.65 ? 283 TYR A CA    1 
ATOM   417  C C     . TYR A 1 57  ? -1.727  9.227   16.088  1.00 34.41 ? 283 TYR A C     1 
ATOM   418  O O     . TYR A 1 57  ? -1.554  8.108   16.580  1.00 33.51 ? 283 TYR A O     1 
ATOM   419  C CB    . TYR A 1 57  ? -3.572  9.412   14.385  1.00 33.54 ? 283 TYR A CB    1 
ATOM   420  C CG    . TYR A 1 57  ? -3.646  7.930   14.144  1.00 31.93 ? 283 TYR A CG    1 
ATOM   421  C CD1   . TYR A 1 57  ? -4.718  7.188   14.630  1.00 32.23 ? 283 TYR A CD1   1 
ATOM   422  C CD2   . TYR A 1 57  ? -2.622  7.254   13.474  1.00 32.29 ? 283 TYR A CD2   1 
ATOM   423  C CE1   . TYR A 1 57  ? -4.789  5.802   14.443  1.00 32.17 ? 283 TYR A CE1   1 
ATOM   424  C CE2   . TYR A 1 57  ? -2.691  5.852   13.274  1.00 31.78 ? 283 TYR A CE2   1 
ATOM   425  C CZ    . TYR A 1 57  ? -3.780  5.146   13.770  1.00 31.24 ? 283 TYR A CZ    1 
ATOM   426  O OH    . TYR A 1 57  ? -3.881  3.782   13.592  1.00 31.66 ? 283 TYR A OH    1 
ATOM   427  N N     . LYS A 1 58  ? -0.727  10.048  15.761  1.00 34.69 ? 284 LYS A N     1 
ATOM   428  C CA    . LYS A 1 58  ? 0.673   9.694   16.018  1.00 36.41 ? 284 LYS A CA    1 
ATOM   429  C C     . LYS A 1 58  ? 0.923   9.449   17.514  1.00 37.27 ? 284 LYS A C     1 
ATOM   430  O O     . LYS A 1 58  ? 1.641   8.512   17.884  1.00 37.03 ? 284 LYS A O     1 
ATOM   431  C CB    . LYS A 1 58  ? 1.627   10.773  15.508  1.00 36.20 ? 284 LYS A CB    1 
ATOM   432  C CG    . LYS A 1 58  ? 1.836   10.781  14.011  1.00 37.31 ? 284 LYS A CG    1 
ATOM   433  C CD    . LYS A 1 58  ? 2.569   12.040  13.540  1.00 39.96 ? 284 LYS A CD    1 
ATOM   434  C CE    . LYS A 1 58  ? 4.039   12.038  13.945  1.00 42.55 ? 284 LYS A CE    1 
ATOM   435  N NZ    . LYS A 1 58  ? 4.840   12.869  12.996  1.00 45.81 ? 284 LYS A NZ    1 
ATOM   436  N N     . HIS A 1 59  ? 0.328   10.294  18.358  1.00 38.28 ? 285 HIS A N     1 
ATOM   437  C CA    . HIS A 1 59  ? 0.425   10.139  19.809  1.00 39.68 ? 285 HIS A CA    1 
ATOM   438  C C     . HIS A 1 59  ? -0.208  8.833   20.273  1.00 39.24 ? 285 HIS A C     1 
ATOM   439  O O     . HIS A 1 59  ? 0.412   8.078   21.024  1.00 39.43 ? 285 HIS A O     1 
ATOM   440  C CB    . HIS A 1 59  ? -0.198  11.325  20.553  1.00 40.71 ? 285 HIS A CB    1 
ATOM   441  C CG    . HIS A 1 59  ? -0.081  11.223  22.044  1.00 43.90 ? 285 HIS A CG    1 
ATOM   442  N ND1   . HIS A 1 59  ? 1.114   11.401  22.712  1.00 47.34 ? 285 HIS A ND1   1 
ATOM   443  C CD2   . HIS A 1 59  ? -1.007  10.944  22.994  1.00 46.53 ? 285 HIS A CD2   1 
ATOM   444  C CE1   . HIS A 1 59  ? 0.918   11.240  24.010  1.00 47.44 ? 285 HIS A CE1   1 
ATOM   445  N NE2   . HIS A 1 59  ? -0.360  10.963  24.208  1.00 47.48 ? 285 HIS A NE2   1 
ATOM   446  N N     . GLN A 1 60  ? -1.432  8.574   19.814  1.00 38.65 ? 286 GLN A N     1 
ATOM   447  C CA    . GLN A 1 60  ? -2.141  7.324   20.097  1.00 38.37 ? 286 GLN A CA    1 
ATOM   448  C C     . GLN A 1 60  ? -1.352  6.089   19.665  1.00 37.51 ? 286 GLN A C     1 
ATOM   449  O O     . GLN A 1 60  ? -1.338  5.080   20.387  1.00 37.49 ? 286 GLN A O     1 
ATOM   450  C CB    . GLN A 1 60  ? -3.503  7.301   19.398  1.00 38.54 ? 286 GLN A CB    1 
ATOM   451  C CG    . GLN A 1 60  ? -4.562  8.171   20.037  1.00 40.95 ? 286 GLN A CG    1 
ATOM   452  C CD    . GLN A 1 60  ? -5.938  7.969   19.402  1.00 44.94 ? 286 GLN A CD    1 
ATOM   453  O OE1   . GLN A 1 60  ? -6.062  7.784   18.184  1.00 45.25 ? 286 GLN A OE1   1 
ATOM   454  N NE2   . GLN A 1 60  ? -6.981  7.997   20.233  1.00 45.97 ? 286 GLN A NE2   1 
ATOM   455  N N     . ALA A 1 61  ? -0.715  6.164   18.493  1.00 36.43 ? 287 ALA A N     1 
ATOM   456  C CA    . ALA A 1 61  ? 0.050   5.037   17.934  1.00 36.04 ? 287 ALA A CA    1 
ATOM   457  C C     . ALA A 1 61  ? 1.318   4.716   18.736  1.00 36.06 ? 287 ALA A C     1 
ATOM   458  O O     . ALA A 1 61  ? 1.689   3.539   18.878  1.00 35.60 ? 287 ALA A O     1 
ATOM   459  C CB    . ALA A 1 61  ? 0.400   5.286   16.467  1.00 35.55 ? 287 ALA A CB    1 
ATOM   460  N N     . SER A 1 62  ? 1.978   5.760   19.243  1.00 35.52 ? 288 SER A N     1 
ATOM   461  C CA    . SER A 1 62  ? 3.226   5.597   20.011  1.00 35.92 ? 288 SER A CA    1 
ATOM   462  C C     . SER A 1 62  ? 3.007   4.928   21.380  1.00 35.81 ? 288 SER A C     1 
ATOM   463  O O     . SER A 1 62  ? 3.969   4.503   22.036  1.00 35.76 ? 288 SER A O     1 
ATOM   464  C CB    . SER A 1 62  ? 3.943   6.947   20.182  1.00 35.49 ? 288 SER A CB    1 
ATOM   465  O OG    . SER A 1 62  ? 3.235   7.733   21.125  1.00 36.61 ? 288 SER A OG    1 
ATOM   466  N N     . LEU A 1 63  ? 1.745   4.849   21.790  1.00 35.72 ? 289 LEU A N     1 
ATOM   467  C CA    . LEU A 1 63  ? 1.337   4.189   23.019  1.00 36.29 ? 289 LEU A CA    1 
ATOM   468  C C     . LEU A 1 63  ? 0.940   2.713   22.823  1.00 36.41 ? 289 LEU A C     1 
ATOM   469  O O     . LEU A 1 63  ? 0.489   2.070   23.765  1.00 36.35 ? 289 LEU A O     1 
ATOM   470  C CB    . LEU A 1 63  ? 0.177   4.952   23.672  1.00 36.31 ? 289 LEU A CB    1 
ATOM   471  C CG    . LEU A 1 63  ? 0.424   6.401   24.119  1.00 37.60 ? 289 LEU A CG    1 
ATOM   472  C CD1   . LEU A 1 63  ? -0.786  6.927   24.894  1.00 37.72 ? 289 LEU A CD1   1 
ATOM   473  C CD2   . LEU A 1 63  ? 1.700   6.531   24.955  1.00 38.35 ? 289 LEU A CD2   1 
ATOM   474  N N     . LYS A 1 64  ? 1.100   2.192   21.605  1.00 36.60 ? 290 LYS A N     1 
ATOM   475  C CA    . LYS A 1 64  ? 0.794   0.788   21.322  1.00 36.65 ? 290 LYS A CA    1 
ATOM   476  C C     . LYS A 1 64  ? 2.034   0.037   20.885  1.00 36.27 ? 290 LYS A C     1 
ATOM   477  O O     . LYS A 1 64  ? 2.802   0.523   20.049  1.00 35.86 ? 290 LYS A O     1 
ATOM   478  C CB    . LYS A 1 64  ? -0.280  0.654   20.237  1.00 36.90 ? 290 LYS A CB    1 
ATOM   479  C CG    . LYS A 1 64  ? -1.607  1.346   20.532  1.00 38.41 ? 290 LYS A CG    1 
ATOM   480  C CD    . LYS A 1 64  ? -2.607  0.974   19.433  1.00 40.97 ? 290 LYS A CD    1 
ATOM   481  C CE    . LYS A 1 64  ? -3.876  1.810   19.460  1.00 41.97 ? 290 LYS A CE    1 
ATOM   482  N NZ    . LYS A 1 64  ? -4.690  1.488   18.243  1.00 43.75 ? 290 LYS A NZ    1 
ATOM   483  N N     . SER A 1 65  ? 2.223   -1.165  21.437  1.00 36.18 ? 291 SER A N     1 
ATOM   484  C CA    . SER A 1 65  ? 3.375   -1.990  21.075  1.00 36.23 ? 291 SER A CA    1 
ATOM   485  C C     . SER A 1 65  ? 3.218   -2.593  19.675  1.00 36.91 ? 291 SER A C     1 
ATOM   486  O O     . SER A 1 65  ? 2.109   -2.635  19.141  1.00 36.66 ? 291 SER A O     1 
ATOM   487  C CB    . SER A 1 65  ? 3.584   -3.104  22.110  1.00 36.35 ? 291 SER A CB    1 
ATOM   488  O OG    . SER A 1 65  ? 2.609   -4.128  21.980  1.00 34.73 ? 291 SER A OG    1 
ATOM   489  N N     . ASP A 1 66  ? 4.331   -3.036  19.093  1.00 37.54 ? 292 ASP A N     1 
ATOM   490  C CA    . ASP A 1 66  ? 4.333   -3.744  17.819  1.00 39.07 ? 292 ASP A CA    1 
ATOM   491  C C     . ASP A 1 66  ? 3.327   -4.894  17.784  1.00 39.54 ? 292 ASP A C     1 
ATOM   492  O O     . ASP A 1 66  ? 2.533   -5.001  16.840  1.00 39.38 ? 292 ASP A O     1 
ATOM   493  C CB    . ASP A 1 66  ? 5.723   -4.292  17.513  1.00 39.42 ? 292 ASP A CB    1 
ATOM   494  C CG    . ASP A 1 66  ? 6.696   -3.216  17.102  1.00 41.84 ? 292 ASP A CG    1 
ATOM   495  O OD1   . ASP A 1 66  ? 6.277   -2.055  16.944  1.00 44.52 ? 292 ASP A OD1   1 
ATOM   496  O OD2   . ASP A 1 66  ? 7.890   -3.533  16.925  1.00 45.17 ? 292 ASP A OD2   1 
ATOM   497  N N     . LEU A 1 67  ? 3.364   -5.744  18.813  1.00 39.85 ? 293 LEU A N     1 
ATOM   498  C CA    . LEU A 1 67  ? 2.468   -6.901  18.900  1.00 40.46 ? 293 LEU A CA    1 
ATOM   499  C C     . LEU A 1 67  ? 0.998   -6.488  18.827  1.00 40.15 ? 293 LEU A C     1 
ATOM   500  O O     . LEU A 1 67  ? 0.227   -7.074  18.060  1.00 40.62 ? 293 LEU A O     1 
ATOM   501  C CB    . LEU A 1 67  ? 2.735   -7.718  20.177  1.00 40.92 ? 293 LEU A CB    1 
ATOM   502  C CG    . LEU A 1 67  ? 1.931   -9.016  20.384  1.00 42.47 ? 293 LEU A CG    1 
ATOM   503  C CD1   . LEU A 1 67  ? 2.673   -9.968  21.325  1.00 44.50 ? 293 LEU A CD1   1 
ATOM   504  C CD2   . LEU A 1 67  ? 0.501   -8.778  20.902  1.00 44.29 ? 293 LEU A CD2   1 
ATOM   505  N N     . VAL A 1 68  ? 0.617   -5.489  19.619  1.00 39.67 ? 294 VAL A N     1 
ATOM   506  C CA    . VAL A 1 68  ? -0.758  -4.984  19.635  1.00 39.82 ? 294 VAL A CA    1 
ATOM   507  C C     . VAL A 1 68  ? -1.158  -4.398  18.257  1.00 40.22 ? 294 VAL A C     1 
ATOM   508  O O     . VAL A 1 68  ? -2.298  -4.572  17.795  1.00 39.52 ? 294 VAL A O     1 
ATOM   509  C CB    . VAL A 1 68  ? -0.956  -3.939  20.763  1.00 39.82 ? 294 VAL A CB    1 
ATOM   510  C CG1   . VAL A 1 68  ? -2.322  -3.273  20.680  1.00 39.42 ? 294 VAL A CG1   1 
ATOM   511  C CG2   . VAL A 1 68  ? -0.768  -4.584  22.127  1.00 39.74 ? 294 VAL A CG2   1 
ATOM   512  N N     . ARG A 1 69  ? -0.202  -3.737  17.610  1.00 40.26 ? 295 ARG A N     1 
ATOM   513  C CA    . ARG A 1 69  ? -0.440  -3.091  16.319  1.00 41.02 ? 295 ARG A CA    1 
ATOM   514  C C     . ARG A 1 69  ? -0.608  -4.067  15.140  1.00 41.94 ? 295 ARG A C     1 
ATOM   515  O O     . ARG A 1 69  ? -1.398  -3.800  14.227  1.00 42.07 ? 295 ARG A O     1 
ATOM   516  C CB    . ARG A 1 69  ? 0.653   -2.058  16.031  1.00 40.33 ? 295 ARG A CB    1 
ATOM   517  C CG    . ARG A 1 69  ? 0.492   -0.764  16.839  1.00 38.96 ? 295 ARG A CG    1 
ATOM   518  C CD    . ARG A 1 69  ? 1.762   0.112   16.792  1.00 38.58 ? 295 ARG A CD    1 
ATOM   519  N NE    . ARG A 1 69  ? 2.126   0.571   15.444  1.00 36.42 ? 295 ARG A NE    1 
ATOM   520  C CZ    . ARG A 1 69  ? 2.847   1.666   15.193  1.00 36.83 ? 295 ARG A CZ    1 
ATOM   521  N NH1   . ARG A 1 69  ? 3.285   2.432   16.195  1.00 35.17 ? 295 ARG A NH1   1 
ATOM   522  N NH2   . ARG A 1 69  ? 3.139   2.001   13.938  1.00 35.69 ? 295 ARG A NH2   1 
ATOM   523  N N     . THR A 1 70  ? 0.119   -5.185  15.150  1.00 43.04 ? 296 THR A N     1 
ATOM   524  C CA    . THR A 1 70  ? 0.019   -6.170  14.055  1.00 44.15 ? 296 THR A CA    1 
ATOM   525  C C     . THR A 1 70  ? -0.982  -7.302  14.330  1.00 44.57 ? 296 THR A C     1 
ATOM   526  O O     . THR A 1 70  ? -1.125  -8.229  13.522  1.00 44.79 ? 296 THR A O     1 
ATOM   527  C CB    . THR A 1 70  ? 1.382   -6.777  13.678  1.00 44.41 ? 296 THR A CB    1 
ATOM   528  O OG1   . THR A 1 70  ? 1.945   -7.427  14.820  1.00 44.74 ? 296 THR A OG1   1 
ATOM   529  C CG2   . THR A 1 70  ? 2.340   -5.705  13.173  1.00 44.90 ? 296 THR A CG2   1 
ATOM   530  N N     . ASP A 1 71  ? -1.674  -7.206  15.457  1.00 45.04 ? 297 ASP A N     1 
ATOM   531  C CA    . ASP A 1 71  ? -2.710  -8.157  15.836  1.00 46.17 ? 297 ASP A CA    1 
ATOM   532  C C     . ASP A 1 71  ? -3.900  -8.072  14.866  1.00 46.31 ? 297 ASP A C     1 
ATOM   533  O O     . ASP A 1 71  ? -4.611  -7.064  14.829  1.00 45.85 ? 297 ASP A O     1 
ATOM   534  C CB    . ASP A 1 71  ? -3.155  -7.882  17.285  1.00 46.55 ? 297 ASP A CB    1 
ATOM   535  C CG    . ASP A 1 71  ? -4.200  -8.874  17.804  1.00 48.55 ? 297 ASP A CG    1 
ATOM   536  O OD1   . ASP A 1 71  ? -4.747  -9.681  17.022  1.00 50.66 ? 297 ASP A OD1   1 
ATOM   537  O OD2   . ASP A 1 71  ? -4.494  -8.831  19.021  1.00 49.93 ? 297 ASP A OD2   1 
ATOM   538  N N     . LEU A 1 72  ? -4.103  -9.152  14.107  1.00 46.75 ? 298 LEU A N     1 
ATOM   539  C CA    . LEU A 1 72  ? -5.217  -9.305  13.147  1.00 47.04 ? 298 LEU A CA    1 
ATOM   540  C C     . LEU A 1 72  ? -6.616  -9.029  13.701  1.00 46.63 ? 298 LEU A C     1 
ATOM   541  O O     . LEU A 1 72  ? -7.485  -8.521  12.977  1.00 46.55 ? 298 LEU A O     1 
ATOM   542  C CB    . LEU A 1 72  ? -5.204  -10.716 12.544  1.00 47.51 ? 298 LEU A CB    1 
ATOM   543  C CG    . LEU A 1 72  ? -4.149  -11.014 11.480  1.00 49.19 ? 298 LEU A CG    1 
ATOM   544  C CD1   . LEU A 1 72  ? -3.903  -12.524 11.355  1.00 50.57 ? 298 LEU A CD1   1 
ATOM   545  C CD2   . LEU A 1 72  ? -4.562  -10.403 10.136  1.00 50.70 ? 298 LEU A CD2   1 
ATOM   546  N N     . ALA A 1 73  ? -6.834  -9.363  14.972  1.00 45.97 ? 299 ALA A N     1 
ATOM   547  C CA    . ALA A 1 73  ? -8.155  -9.222  15.600  1.00 45.42 ? 299 ALA A CA    1 
ATOM   548  C C     . ALA A 1 73  ? -8.551  -7.780  15.973  1.00 44.91 ? 299 ALA A C     1 
ATOM   549  O O     . ALA A 1 73  ? -9.733  -7.502  16.180  1.00 44.95 ? 299 ALA A O     1 
ATOM   550  C CB    . ALA A 1 73  ? -8.262  -10.138 16.830  1.00 45.39 ? 299 ALA A CB    1 
ATOM   551  N N     . LYS A 1 74  ? -7.574  -6.880  16.064  1.00 43.91 ? 300 LYS A N     1 
ATOM   552  C CA    . LYS A 1 74  ? -7.830  -5.496  16.496  1.00 43.38 ? 300 LYS A CA    1 
ATOM   553  C C     . LYS A 1 74  ? -8.487  -4.638  15.400  1.00 42.12 ? 300 LYS A C     1 
ATOM   554  O O     . LYS A 1 74  ? -8.092  -4.714  14.238  1.00 41.94 ? 300 LYS A O     1 
ATOM   555  C CB    . LYS A 1 74  ? -6.525  -4.837  16.965  1.00 43.77 ? 300 LYS A CB    1 
ATOM   556  C CG    . LYS A 1 74  ? -5.930  -5.411  18.261  1.00 45.76 ? 300 LYS A CG    1 
ATOM   557  C CD    . LYS A 1 74  ? -6.463  -4.688  19.493  1.00 48.48 ? 300 LYS A CD    1 
ATOM   558  C CE    . LYS A 1 74  ? -6.133  -5.434  20.778  1.00 49.91 ? 300 LYS A CE    1 
ATOM   559  N NZ    . LYS A 1 74  ? -6.953  -4.912  21.911  1.00 50.98 ? 300 LYS A NZ    1 
ATOM   560  N N     . GLU A 1 75  ? -9.478  -3.829  15.775  1.00 40.88 ? 301 GLU A N     1 
ATOM   561  C CA    . GLU A 1 75  ? -10.124 -2.901  14.833  1.00 40.01 ? 301 GLU A CA    1 
ATOM   562  C C     . GLU A 1 75  ? -9.084  -1.991  14.168  1.00 38.29 ? 301 GLU A C     1 
ATOM   563  O O     . GLU A 1 75  ? -8.200  -1.451  14.836  1.00 37.44 ? 301 GLU A O     1 
ATOM   564  C CB    . GLU A 1 75  ? -11.203 -2.051  15.522  1.00 40.67 ? 301 GLU A CB    1 
ATOM   565  C CG    . GLU A 1 75  ? -12.005 -1.156  14.550  1.00 43.95 ? 301 GLU A CG    1 
ATOM   566  C CD    . GLU A 1 75  ? -13.176 -0.406  15.200  1.00 48.70 ? 301 GLU A CD    1 
ATOM   567  O OE1   . GLU A 1 75  ? -13.869 -0.991  16.064  1.00 51.26 ? 301 GLU A OE1   1 
ATOM   568  O OE2   . GLU A 1 75  ? -13.420 0.768   14.827  1.00 49.85 ? 301 GLU A OE2   1 
ATOM   569  N N     . LYS A 1 76  ? -9.195  -1.854  12.850  1.00 36.19 ? 302 LYS A N     1 
ATOM   570  C CA    . LYS A 1 76  ? -8.323  -0.973  12.070  1.00 34.64 ? 302 LYS A CA    1 
ATOM   571  C C     . LYS A 1 76  ? -8.624  0.498   12.359  1.00 33.15 ? 302 LYS A C     1 
ATOM   572  O O     . LYS A 1 76  ? -9.782  0.893   12.469  1.00 32.62 ? 302 LYS A O     1 
ATOM   573  C CB    . LYS A 1 76  ? -8.494  -1.257  10.575  1.00 34.73 ? 302 LYS A CB    1 
ATOM   574  C CG    . LYS A 1 76  ? -7.905  -2.594  10.121  1.00 35.42 ? 302 LYS A CG    1 
ATOM   575  C CD    . LYS A 1 76  ? -6.376  -2.553  10.152  1.00 37.58 ? 302 LYS A CD    1 
ATOM   576  C CE    . LYS A 1 76  ? -5.768  -3.919  9.905   1.00 39.51 ? 302 LYS A CE    1 
ATOM   577  N NZ    . LYS A 1 76  ? -6.160  -4.895  10.952  1.00 41.60 ? 302 LYS A NZ    1 
ATOM   578  N N     . THR A 1 77  ? -7.569  1.294   12.502  1.00 31.79 ? 303 THR A N     1 
ATOM   579  C CA    . THR A 1 77  ? -7.701  2.737   12.714  1.00 30.89 ? 303 THR A CA    1 
ATOM   580  C C     . THR A 1 77  ? -6.704  3.489   11.826  1.00 29.90 ? 303 THR A C     1 
ATOM   581  O O     . THR A 1 77  ? -5.698  2.926   11.379  1.00 29.48 ? 303 THR A O     1 
ATOM   582  C CB    . THR A 1 77  ? -7.416  3.149   14.177  1.00 30.46 ? 303 THR A CB    1 
ATOM   583  O OG1   . THR A 1 77  ? -6.096  2.728   14.537  1.00 30.50 ? 303 THR A OG1   1 
ATOM   584  C CG2   . THR A 1 77  ? -8.445  2.555   15.150  1.00 32.63 ? 303 THR A CG2   1 
ATOM   585  N N     . GLY A 1 78  ? -6.964  4.773   11.601  1.00 29.11 ? 304 GLY A N     1 
ATOM   586  C CA    . GLY A 1 78  ? -6.046  5.584   10.817  1.00 28.16 ? 304 GLY A CA    1 
ATOM   587  C C     . GLY A 1 78  ? -6.632  6.948   10.491  1.00 27.93 ? 304 GLY A C     1 
ATOM   588  O O     . GLY A 1 78  ? -7.727  7.279   10.936  1.00 28.07 ? 304 GLY A O     1 
ATOM   589  N N     . VAL A 1 79  ? -5.880  7.740   9.733   1.00 27.40 ? 305 VAL A N     1 
ATOM   590  C CA    . VAL A 1 79  ? -6.318  9.076   9.311   1.00 27.10 ? 305 VAL A CA    1 
ATOM   591  C C     . VAL A 1 79  ? -5.651  9.413   7.969   1.00 26.32 ? 305 VAL A C     1 
ATOM   592  O O     . VAL A 1 79  ? -4.514  9.004   7.702   1.00 25.73 ? 305 VAL A O     1 
ATOM   593  C CB    . VAL A 1 79  ? -6.037  10.159  10.416  1.00 27.36 ? 305 VAL A CB    1 
ATOM   594  C CG1   . VAL A 1 79  ? -4.569  10.196  10.773  1.00 28.06 ? 305 VAL A CG1   1 
ATOM   595  C CG2   . VAL A 1 79  ? -6.503  11.567  9.979   1.00 28.82 ? 305 VAL A CG2   1 
ATOM   596  N N     . TRP A 1 80  ? -6.385  10.123  7.114   1.00 25.93 ? 306 TRP A N     1 
ATOM   597  C CA    . TRP A 1 80  ? -5.846  10.577  5.827   1.00 25.37 ? 306 TRP A CA    1 
ATOM   598  C C     . TRP A 1 80  ? -4.843  11.699  6.070   1.00 25.51 ? 306 TRP A C     1 
ATOM   599  O O     . TRP A 1 80  ? -5.089  12.584  6.905   1.00 25.81 ? 306 TRP A O     1 
ATOM   600  C CB    . TRP A 1 80  ? -6.991  11.078  4.946   1.00 24.89 ? 306 TRP A CB    1 
ATOM   601  C CG    . TRP A 1 80  ? -6.591  11.561  3.594   1.00 24.09 ? 306 TRP A CG    1 
ATOM   602  C CD1   . TRP A 1 80  ? -5.768  10.937  2.705   1.00 22.74 ? 306 TRP A CD1   1 
ATOM   603  C CD2   . TRP A 1 80  ? -7.032  12.765  2.960   1.00 23.50 ? 306 TRP A CD2   1 
ATOM   604  N NE1   . TRP A 1 80  ? -5.646  11.685  1.563   1.00 23.89 ? 306 TRP A NE1   1 
ATOM   605  C CE2   . TRP A 1 80  ? -6.412  12.818  1.694   1.00 23.56 ? 306 TRP A CE2   1 
ATOM   606  C CE3   . TRP A 1 80  ? -7.867  13.821  3.353   1.00 24.42 ? 306 TRP A CE3   1 
ATOM   607  C CZ2   . TRP A 1 80  ? -6.618  13.877  0.803   1.00 26.03 ? 306 TRP A CZ2   1 
ATOM   608  C CZ3   . TRP A 1 80  ? -8.072  14.879  2.470   1.00 24.16 ? 306 TRP A CZ3   1 
ATOM   609  C CH2   . TRP A 1 80  ? -7.456  14.896  1.208   1.00 25.28 ? 306 TRP A CH2   1 
ATOM   610  N N     . THR A 1 81  ? -3.715  11.670  5.364   1.00 25.75 ? 307 THR A N     1 
ATOM   611  C CA    . THR A 1 81  ? -2.707  12.718  5.542   1.00 26.58 ? 307 THR A CA    1 
ATOM   612  C C     . THR A 1 81  ? -3.128  14.011  4.841   1.00 26.88 ? 307 THR A C     1 
ATOM   613  O O     . THR A 1 81  ? -2.599  15.059  5.163   1.00 27.45 ? 307 THR A O     1 
ATOM   614  C CB    . THR A 1 81  ? -1.316  12.358  4.973   1.00 26.38 ? 307 THR A CB    1 
ATOM   615  O OG1   . THR A 1 81  ? -1.431  12.042  3.574   1.00 26.76 ? 307 THR A OG1   1 
ATOM   616  C CG2   . THR A 1 81  ? -0.664  11.201  5.755   1.00 27.22 ? 307 THR A CG2   1 
ATOM   617  N N     . GLY A 1 82  ? -4.050  13.929  3.880   1.00 26.56 ? 308 GLY A N     1 
ATOM   618  C CA    . GLY A 1 82  ? -4.334  15.088  3.017   1.00 26.97 ? 308 GLY A CA    1 
ATOM   619  C C     . GLY A 1 82  ? -3.610  15.051  1.680   1.00 27.07 ? 308 GLY A C     1 
ATOM   620  O O     . GLY A 1 82  ? -3.812  15.935  0.840   1.00 27.49 ? 308 GLY A O     1 
ATOM   621  N N     . ALA A 1 83  ? -2.791  14.020  1.472   1.00 26.69 ? 309 ALA A N     1 
ATOM   622  C CA    . ALA A 1 83  ? -1.951  13.887  0.263   1.00 26.82 ? 309 ALA A CA    1 
ATOM   623  C C     . ALA A 1 83  ? -2.278  12.642  -0.590  1.00 26.75 ? 309 ALA A C     1 
ATOM   624  O O     . ALA A 1 83  ? -3.042  11.769  -0.154  1.00 27.05 ? 309 ALA A O     1 
ATOM   625  C CB    . ALA A 1 83  ? -0.463  13.889  0.655   1.00 26.51 ? 309 ALA A CB    1 
ATOM   626  N N     . TYR A 1 84  ? -1.692  12.567  -1.791  1.00 26.80 ? 310 TYR A N     1 
ATOM   627  C CA    . TYR A 1 84  ? -1.932  11.470  -2.751  1.00 27.19 ? 310 TYR A CA    1 
ATOM   628  C C     . TYR A 1 84  ? -0.614  10.990  -3.333  1.00 27.89 ? 310 TYR A C     1 
ATOM   629  O O     . TYR A 1 84  ? 0.293   11.794  -3.584  1.00 27.73 ? 310 TYR A O     1 
ATOM   630  C CB    . TYR A 1 84  ? -2.832  11.901  -3.929  1.00 27.08 ? 310 TYR A CB    1 
ATOM   631  C CG    . TYR A 1 84  ? -4.116  12.596  -3.522  1.00 28.65 ? 310 TYR A CG    1 
ATOM   632  C CD1   . TYR A 1 84  ? -5.295  11.880  -3.353  1.00 27.39 ? 310 TYR A CD1   1 
ATOM   633  C CD2   . TYR A 1 84  ? -4.140  13.975  -3.290  1.00 29.48 ? 310 TYR A CD2   1 
ATOM   634  C CE1   . TYR A 1 84  ? -6.474  12.511  -2.977  1.00 27.96 ? 310 TYR A CE1   1 
ATOM   635  C CE2   . TYR A 1 84  ? -5.315  14.616  -2.900  1.00 29.03 ? 310 TYR A CE2   1 
ATOM   636  C CZ    . TYR A 1 84  ? -6.472  13.878  -2.755  1.00 28.30 ? 310 TYR A CZ    1 
ATOM   637  O OH    . TYR A 1 84  ? -7.624  14.505  -2.373  1.00 30.21 ? 310 TYR A OH    1 
ATOM   638  N N     . ALA A 1 85  ? -0.518  9.681   -3.554  1.00 27.98 ? 311 ALA A N     1 
ATOM   639  C CA    . ALA A 1 85  ? 0.631   9.082   -4.202  1.00 28.53 ? 311 ALA A CA    1 
ATOM   640  C C     . ALA A 1 85  ? 0.273   8.784   -5.650  1.00 29.54 ? 311 ALA A C     1 
ATOM   641  O O     . ALA A 1 85  ? -0.899  8.547   -5.968  1.00 30.09 ? 311 ALA A O     1 
ATOM   642  C CB    . ALA A 1 85  ? 1.034   7.800   -3.475  1.00 28.29 ? 311 ALA A CB    1 
ATOM   643  N N     . ILE A 1 86  ? 1.281   8.774   -6.517  1.00 30.48 ? 312 ILE A N     1 
ATOM   644  C CA    . ILE A 1 86  ? 1.102   8.462   -7.939  1.00 31.53 ? 312 ILE A CA    1 
ATOM   645  C C     . ILE A 1 86  ? 1.620   7.065   -8.298  1.00 32.49 ? 312 ILE A C     1 
ATOM   646  O O     . ILE A 1 86  ? 2.803   6.770   -8.129  1.00 31.60 ? 312 ILE A O     1 
ATOM   647  C CB    . ILE A 1 86  ? 1.815   9.522   -8.826  1.00 32.07 ? 312 ILE A CB    1 
ATOM   648  C CG1   . ILE A 1 86  ? 1.255   10.929  -8.542  1.00 31.33 ? 312 ILE A CG1   1 
ATOM   649  C CG2   . ILE A 1 86  ? 1.757   9.143   -10.320 1.00 31.04 ? 312 ILE A CG2   1 
ATOM   650  C CD1   . ILE A 1 86  ? -0.263  11.075  -8.724  1.00 31.95 ? 312 ILE A CD1   1 
ATOM   651  N N     . ASN A 1 87  ? 0.722   6.220   -8.801  1.00 33.77 ? 313 ASN A N     1 
ATOM   652  C CA    . ASN A 1 87  ? 1.076   4.886   -9.248  1.00 35.76 ? 313 ASN A CA    1 
ATOM   653  C C     . ASN A 1 87  ? 1.939   5.034   -10.509 1.00 36.99 ? 313 ASN A C     1 
ATOM   654  O O     . ASN A 1 87  ? 1.504   5.661   -11.471 1.00 37.14 ? 313 ASN A O     1 
ATOM   655  C CB    . ASN A 1 87  ? -0.200  4.078   -9.538  1.00 35.72 ? 313 ASN A CB    1 
ATOM   656  C CG    . ASN A 1 87  ? 0.061   2.582   -9.718  1.00 37.21 ? 313 ASN A CG    1 
ATOM   657  O OD1   . ASN A 1 87  ? 1.099   2.171   -10.232 1.00 38.58 ? 313 ASN A OD1   1 
ATOM   658  N ND2   . ASN A 1 87  ? -0.895  1.761   -9.286  1.00 37.78 ? 313 ASN A ND2   1 
ATOM   659  N N     . PRO A 1 88  ? 3.168   4.479   -10.500 1.00 38.52 ? 314 PRO A N     1 
ATOM   660  C CA    . PRO A 1 88  ? 4.080   4.635   -11.648 1.00 39.93 ? 314 PRO A CA    1 
ATOM   661  C C     . PRO A 1 88  ? 3.559   4.027   -12.963 1.00 41.16 ? 314 PRO A C     1 
ATOM   662  O O     . PRO A 1 88  ? 3.789   4.589   -14.028 1.00 41.80 ? 314 PRO A O     1 
ATOM   663  C CB    . PRO A 1 88  ? 5.355   3.918   -11.198 1.00 39.97 ? 314 PRO A CB    1 
ATOM   664  C CG    . PRO A 1 88  ? 5.221   3.722   -9.747  1.00 39.72 ? 314 PRO A CG    1 
ATOM   665  C CD    . PRO A 1 88  ? 3.770   3.669   -9.430  1.00 38.34 ? 314 PRO A CD    1 
ATOM   666  N N     . VAL A 1 89  ? 2.834   2.916   -12.891 1.00 42.62 ? 315 VAL A N     1 
ATOM   667  C CA    . VAL A 1 89  ? 2.383   2.230   -14.114 1.00 43.11 ? 315 VAL A CA    1 
ATOM   668  C C     . VAL A 1 89  ? 1.224   2.889   -14.881 1.00 43.06 ? 315 VAL A C     1 
ATOM   669  O O     . VAL A 1 89  ? 1.028   2.588   -16.056 1.00 44.02 ? 315 VAL A O     1 
ATOM   670  C CB    . VAL A 1 89  ? 2.106   0.718   -13.879 1.00 43.47 ? 315 VAL A CB    1 
ATOM   671  C CG1   . VAL A 1 89  ? 3.373   0.032   -13.394 1.00 44.19 ? 315 VAL A CG1   1 
ATOM   672  C CG2   . VAL A 1 89  ? 0.942   0.499   -12.894 1.00 43.89 ? 315 VAL A CG2   1 
ATOM   673  N N     . ASN A 1 90  ? 0.479   3.796   -14.252 1.00 42.25 ? 316 ASN A N     1 
ATOM   674  C CA    . ASN A 1 90  ? -0.653  4.437   -14.942 1.00 41.57 ? 316 ASN A CA    1 
ATOM   675  C C     . ASN A 1 90  ? -0.986  5.861   -14.483 1.00 40.94 ? 316 ASN A C     1 
ATOM   676  O O     . ASN A 1 90  ? -1.996  6.432   -14.908 1.00 40.81 ? 316 ASN A O     1 
ATOM   677  C CB    . ASN A 1 90  ? -1.904  3.548   -14.851 1.00 41.78 ? 316 ASN A CB    1 
ATOM   678  C CG    . ASN A 1 90  ? -2.270  3.205   -13.412 1.00 42.21 ? 316 ASN A CG    1 
ATOM   679  O OD1   . ASN A 1 90  ? -1.926  3.939   -12.485 1.00 41.91 ? 316 ASN A OD1   1 
ATOM   680  N ND2   . ASN A 1 90  ? -2.965  2.086   -13.224 1.00 42.15 ? 316 ASN A ND2   1 
ATOM   681  N N     . GLY A 1 91  ? -0.156  6.422   -13.606 1.00 40.27 ? 317 GLY A N     1 
ATOM   682  C CA    . GLY A 1 91  ? -0.375  7.780   -13.091 1.00 39.84 ? 317 GLY A CA    1 
ATOM   683  C C     . GLY A 1 91  ? -1.595  7.994   -12.197 1.00 39.53 ? 317 GLY A C     1 
ATOM   684  O O     . GLY A 1 91  ? -1.937  9.141   -11.868 1.00 39.36 ? 317 GLY A O     1 
ATOM   685  N N     . LYS A 1 92  ? -2.261  6.908   -11.806 1.00 39.28 ? 318 LYS A N     1 
ATOM   686  C CA    . LYS A 1 92  ? -3.468  7.021   -10.980 1.00 39.20 ? 318 LYS A CA    1 
ATOM   687  C C     . LYS A 1 92  ? -3.155  7.460   -9.552  1.00 38.39 ? 318 LYS A C     1 
ATOM   688  O O     . LYS A 1 92  ? -2.196  6.981   -8.948  1.00 38.15 ? 318 LYS A O     1 
ATOM   689  C CB    . LYS A 1 92  ? -4.269  5.714   -10.998 1.00 39.83 ? 318 LYS A CB    1 
ATOM   690  C CG    . LYS A 1 92  ? -5.176  5.588   -12.240 1.00 42.67 ? 318 LYS A CG    1 
ATOM   691  C CD    . LYS A 1 92  ? -6.128  4.378   -12.183 1.00 47.71 ? 318 LYS A CD    1 
ATOM   692  C CE    . LYS A 1 92  ? -7.129  4.453   -11.019 1.00 49.29 ? 318 LYS A CE    1 
ATOM   693  N NZ    . LYS A 1 92  ? -8.198  5.495   -11.183 1.00 52.12 ? 318 LYS A NZ    1 
ATOM   694  N N     . GLU A 1 93  ? -3.952  8.396   -9.041  1.00 38.18 ? 319 GLU A N     1 
ATOM   695  C CA    . GLU A 1 93  ? -3.848  8.860   -7.655  1.00 38.10 ? 319 GLU A CA    1 
ATOM   696  C C     . GLU A 1 93  ? -4.281  7.782   -6.665  1.00 37.28 ? 319 GLU A C     1 
ATOM   697  O O     . GLU A 1 93  ? -5.213  7.021   -6.931  1.00 37.46 ? 319 GLU A O     1 
ATOM   698  C CB    . GLU A 1 93  ? -4.701  10.104  -7.418  1.00 38.44 ? 319 GLU A CB    1 
ATOM   699  C CG    . GLU A 1 93  ? -4.232  11.365  -8.118  1.00 40.83 ? 319 GLU A CG    1 
ATOM   700  C CD    . GLU A 1 93  ? -4.901  11.575  -9.464  1.00 44.18 ? 319 GLU A CD    1 
ATOM   701  O OE1   . GLU A 1 93  ? -5.531  10.620  -9.987  1.00 46.72 ? 319 GLU A OE1   1 
ATOM   702  O OE2   . GLU A 1 93  ? -4.803  12.696  -10.001 1.00 44.55 ? 319 GLU A OE2   1 
ATOM   703  N N     . MET A 1 94  ? -3.589  7.730   -5.532  1.00 35.98 ? 320 MET A N     1 
ATOM   704  C CA    . MET A 1 94  ? -3.918  6.842   -4.422  1.00 34.92 ? 320 MET A CA    1 
ATOM   705  C C     . MET A 1 94  ? -3.774  7.701   -3.176  1.00 32.94 ? 320 MET A C     1 
ATOM   706  O O     . MET A 1 94  ? -2.677  8.198   -2.921  1.00 33.67 ? 320 MET A O     1 
ATOM   707  C CB    . MET A 1 94  ? -2.893  5.707   -4.320  1.00 35.59 ? 320 MET A CB    1 
ATOM   708  C CG    . MET A 1 94  ? -2.961  4.666   -5.405  1.00 39.26 ? 320 MET A CG    1 
ATOM   709  S SD    . MET A 1 94  ? -1.469  3.660   -5.428  1.00 48.05 ? 320 MET A SD    1 
ATOM   710  C CE    . MET A 1 94  ? -0.293  4.873   -5.974  1.00 42.59 ? 320 MET A CE    1 
ATOM   711  N N     . PRO A 1 95  ? -4.857  7.883   -2.396  1.00 30.40 ? 321 PRO A N     1 
ATOM   712  C CA    . PRO A 1 95  ? -4.739  8.649   -1.139  1.00 28.83 ? 321 PRO A CA    1 
ATOM   713  C C     . PRO A 1 95  ? -3.685  8.056   -0.203  1.00 27.65 ? 321 PRO A C     1 
ATOM   714  O O     . PRO A 1 95  ? -3.578  6.822   -0.104  1.00 27.07 ? 321 PRO A O     1 
ATOM   715  C CB    . PRO A 1 95  ? -6.130  8.507   -0.514  1.00 28.75 ? 321 PRO A CB    1 
ATOM   716  C CG    . PRO A 1 95  ? -7.045  8.270   -1.720  1.00 30.25 ? 321 PRO A CG    1 
ATOM   717  C CD    . PRO A 1 95  ? -6.232  7.413   -2.634  1.00 29.99 ? 321 PRO A CD    1 
ATOM   718  N N     . ILE A 1 96  ? -2.943  8.919   0.494   1.00 26.34 ? 322 ILE A N     1 
ATOM   719  C CA    . ILE A 1 96  ? -1.931  8.479   1.460   1.00 25.72 ? 322 ILE A CA    1 
ATOM   720  C C     . ILE A 1 96  ? -2.481  8.544   2.890   1.00 25.66 ? 322 ILE A C     1 
ATOM   721  O O     . ILE A 1 96  ? -2.839  9.611   3.383   1.00 25.04 ? 322 ILE A O     1 
ATOM   722  C CB    . ILE A 1 96  ? -0.621  9.306   1.365   1.00 25.94 ? 322 ILE A CB    1 
ATOM   723  C CG1   . ILE A 1 96  ? -0.062  9.257   -0.063  1.00 25.90 ? 322 ILE A CG1   1 
ATOM   724  C CG2   . ILE A 1 96  ? 0.419   8.801   2.405   1.00 25.70 ? 322 ILE A CG2   1 
ATOM   725  C CD1   . ILE A 1 96  ? 1.086   10.261  -0.329  1.00 27.20 ? 322 ILE A CD1   1 
ATOM   726  N N     . TRP A 1 97  ? -2.569  7.389   3.539   1.00 25.03 ? 323 TRP A N     1 
ATOM   727  C CA    . TRP A 1 97  ? -3.083  7.321   4.897   1.00 25.00 ? 323 TRP A CA    1 
ATOM   728  C C     . TRP A 1 97  ? -1.922  7.030   5.848   1.00 25.70 ? 323 TRP A C     1 
ATOM   729  O O     . TRP A 1 97  ? -0.860  6.561   5.416   1.00 25.74 ? 323 TRP A O     1 
ATOM   730  C CB    . TRP A 1 97  ? -4.113  6.205   5.005   1.00 24.62 ? 323 TRP A CB    1 
ATOM   731  C CG    . TRP A 1 97  ? -5.436  6.492   4.337   1.00 23.60 ? 323 TRP A CG    1 
ATOM   732  C CD1   . TRP A 1 97  ? -5.707  6.468   2.989   1.00 24.48 ? 323 TRP A CD1   1 
ATOM   733  C CD2   . TRP A 1 97  ? -6.676  6.793   4.989   1.00 22.49 ? 323 TRP A CD2   1 
ATOM   734  N NE1   . TRP A 1 97  ? -7.036  6.766   2.767   1.00 24.28 ? 323 TRP A NE1   1 
ATOM   735  C CE2   . TRP A 1 97  ? -7.650  6.983   3.975   1.00 24.09 ? 323 TRP A CE2   1 
ATOM   736  C CE3   . TRP A 1 97  ? -7.058  6.938   6.331   1.00 23.23 ? 323 TRP A CE3   1 
ATOM   737  C CZ2   . TRP A 1 97  ? -8.985  7.281   4.264   1.00 22.77 ? 323 TRP A CZ2   1 
ATOM   738  C CZ3   . TRP A 1 97  ? -8.391  7.260   6.620   1.00 23.15 ? 323 TRP A CZ3   1 
ATOM   739  C CH2   . TRP A 1 97  ? -9.335  7.428   5.585   1.00 22.66 ? 323 TRP A CH2   1 
ATOM   740  N N     . ILE A 1 98  ? -2.108  7.341   7.128   1.00 25.96 ? 324 ILE A N     1 
ATOM   741  C CA    . ILE A 1 98  ? -1.286  6.724   8.162   1.00 26.72 ? 324 ILE A CA    1 
ATOM   742  C C     . ILE A 1 98  ? -2.177  5.783   8.950   1.00 26.94 ? 324 ILE A C     1 
ATOM   743  O O     . ILE A 1 98  ? -3.362  6.062   9.158   1.00 26.15 ? 324 ILE A O     1 
ATOM   744  C CB    . ILE A 1 98  ? -0.562  7.753   9.091   1.00 27.08 ? 324 ILE A CB    1 
ATOM   745  C CG1   . ILE A 1 98  ? -1.566  8.632   9.843   1.00 26.59 ? 324 ILE A CG1   1 
ATOM   746  C CG2   . ILE A 1 98  ? 0.410   8.608   8.271   1.00 27.28 ? 324 ILE A CG2   1 
ATOM   747  C CD1   . ILE A 1 98  ? -0.937  9.482   10.959  1.00 28.84 ? 324 ILE A CD1   1 
ATOM   748  N N     . ALA A 1 99  ? -1.606  4.654   9.370   1.00 27.28 ? 325 ALA A N     1 
ATOM   749  C CA    . ALA A 1 99  ? -2.340  3.651   10.147  1.00 27.44 ? 325 ALA A CA    1 
ATOM   750  C C     . ALA A 1 99  ? -1.353  2.824   10.957  1.00 27.56 ? 325 ALA A C     1 
ATOM   751  O O     . ALA A 1 99  ? -0.270  2.476   10.460  1.00 28.30 ? 325 ALA A O     1 
ATOM   752  C CB    . ALA A 1 99  ? -3.167  2.741   9.222   1.00 26.65 ? 325 ALA A CB    1 
ATOM   753  N N     . ASP A 1 100 ? -1.721  2.500   12.189  1.00 28.17 ? 326 ASP A N     1 
ATOM   754  C CA    . ASP A 1 100 ? -0.785  1.798   13.079  1.00 28.82 ? 326 ASP A CA    1 
ATOM   755  C C     . ASP A 1 100 ? -0.497  0.317   12.774  1.00 29.15 ? 326 ASP A C     1 
ATOM   756  O O     . ASP A 1 100 ? 0.411   -0.264  13.368  1.00 29.37 ? 326 ASP A O     1 
ATOM   757  C CB    . ASP A 1 100 ? -1.114  2.026   14.570  1.00 28.93 ? 326 ASP A CB    1 
ATOM   758  C CG    . ASP A 1 100 ? -2.485  1.517   14.986  1.00 29.99 ? 326 ASP A CG    1 
ATOM   759  O OD1   . ASP A 1 100 ? -2.938  1.982   16.057  1.00 31.93 ? 326 ASP A OD1   1 
ATOM   760  O OD2   . ASP A 1 100 ? -3.120  0.675   14.291  1.00 30.52 ? 326 ASP A OD2   1 
ATOM   761  N N     . TYR A 1 101 ? -1.244  -0.292  11.849  1.00 29.22 ? 327 TYR A N     1 
ATOM   762  C CA    . TYR A 1 101 ? -0.937  -1.664  11.432  1.00 29.56 ? 327 TYR A CA    1 
ATOM   763  C C     . TYR A 1 101 ? 0.277   -1.728  10.521  1.00 30.23 ? 327 TYR A C     1 
ATOM   764  O O     . TYR A 1 101 ? 0.779   -2.809  10.223  1.00 30.98 ? 327 TYR A O     1 
ATOM   765  C CB    . TYR A 1 101 ? -2.153  -2.376  10.821  1.00 29.42 ? 327 TYR A CB    1 
ATOM   766  C CG    . TYR A 1 101 ? -2.453  -2.071  9.349   1.00 29.44 ? 327 TYR A CG    1 
ATOM   767  C CD1   . TYR A 1 101 ? -1.964  -2.900  8.324   1.00 29.20 ? 327 TYR A CD1   1 
ATOM   768  C CD2   . TYR A 1 101 ? -3.242  -0.973  8.988   1.00 29.01 ? 327 TYR A CD2   1 
ATOM   769  C CE1   . TYR A 1 101 ? -2.269  -2.643  6.969   1.00 29.29 ? 327 TYR A CE1   1 
ATOM   770  C CE2   . TYR A 1 101 ? -3.547  -0.702  7.636   1.00 29.30 ? 327 TYR A CE2   1 
ATOM   771  C CZ    . TYR A 1 101 ? -3.059  -1.532  6.640   1.00 29.00 ? 327 TYR A CZ    1 
ATOM   772  O OH    . TYR A 1 101 ? -3.372  -1.267  5.322   1.00 28.01 ? 327 TYR A OH    1 
ATOM   773  N N     . VAL A 1 102 ? 0.762   -0.567  10.089  1.00 30.36 ? 328 VAL A N     1 
ATOM   774  C CA    . VAL A 1 102 ? 2.045   -0.487  9.413   1.00 30.78 ? 328 VAL A CA    1 
ATOM   775  C C     . VAL A 1 102 ? 3.091   -0.071  10.461  1.00 32.25 ? 328 VAL A C     1 
ATOM   776  O O     . VAL A 1 102 ? 2.875   0.888   11.208  1.00 31.51 ? 328 VAL A O     1 
ATOM   777  C CB    . VAL A 1 102 ? 1.993   0.481   8.203   1.00 30.72 ? 328 VAL A CB    1 
ATOM   778  C CG1   . VAL A 1 102 ? 3.367   0.622   7.539   1.00 30.03 ? 328 VAL A CG1   1 
ATOM   779  C CG2   . VAL A 1 102 ? 0.971   -0.029  7.179   1.00 29.94 ? 328 VAL A CG2   1 
ATOM   780  N N     . LEU A 1 103 ? 4.190   -0.832  10.535  1.00 33.77 ? 329 LEU A N     1 
ATOM   781  C CA    . LEU A 1 103 ? 5.269   -0.608  11.520  1.00 35.46 ? 329 LEU A CA    1 
ATOM   782  C C     . LEU A 1 103 ? 6.425   0.169   10.918  1.00 35.91 ? 329 LEU A C     1 
ATOM   783  O O     . LEU A 1 103 ? 6.839   -0.100  9.796   1.00 35.66 ? 329 LEU A O     1 
ATOM   784  C CB    . LEU A 1 103 ? 5.800   -1.938  12.082  1.00 35.50 ? 329 LEU A CB    1 
ATOM   785  C CG    . LEU A 1 103 ? 4.835   -2.888  12.790  1.00 36.23 ? 329 LEU A CG    1 
ATOM   786  C CD1   . LEU A 1 103 ? 5.594   -4.070  13.380  1.00 38.52 ? 329 LEU A CD1   1 
ATOM   787  C CD2   . LEU A 1 103 ? 4.013   -2.190  13.874  1.00 37.80 ? 329 LEU A CD2   1 
ATOM   788  N N     . ALA A 1 104 ? 6.950   1.123   11.683  1.00 37.70 ? 330 ALA A N     1 
ATOM   789  C CA    . ALA A 1 104 ? 8.057   1.977   11.246  1.00 39.21 ? 330 ALA A CA    1 
ATOM   790  C C     . ALA A 1 104 ? 9.328   1.206   10.888  1.00 40.31 ? 330 ALA A C     1 
ATOM   791  O O     . ALA A 1 104 ? 10.014  1.557   9.927   1.00 40.89 ? 330 ALA A O     1 
ATOM   792  C CB    . ALA A 1 104 ? 8.365   3.034   12.318  1.00 39.46 ? 330 ALA A CB    1 
ATOM   793  N N     . SER A 1 105 ? 9.630   0.155   11.647  1.00 41.49 ? 331 SER A N     1 
ATOM   794  C CA    . SER A 1 105 ? 10.946  -0.497  11.561  1.00 42.88 ? 331 SER A CA    1 
ATOM   795  C C     . SER A 1 105 ? 11.067  -1.637  10.545  1.00 43.05 ? 331 SER A C     1 
ATOM   796  O O     . SER A 1 105 ? 12.171  -2.112  10.287  1.00 43.60 ? 331 SER A O     1 
ATOM   797  C CB    . SER A 1 105 ? 11.396  -0.987  12.938  1.00 43.19 ? 331 SER A CB    1 
ATOM   798  O OG    . SER A 1 105 ? 10.496  -1.971  13.430  1.00 45.20 ? 331 SER A OG    1 
ATOM   799  N N     . TYR A 1 106 ? 9.948   -2.078  9.973   1.00 42.73 ? 332 TYR A N     1 
ATOM   800  C CA    . TYR A 1 106 ? 9.980   -3.174  9.009   1.00 42.67 ? 332 TYR A CA    1 
ATOM   801  C C     . TYR A 1 106 ? 9.950   -2.645  7.578   1.00 41.86 ? 332 TYR A C     1 
ATOM   802  O O     . TYR A 1 106 ? 9.202   -1.710  7.275   1.00 41.92 ? 332 TYR A O     1 
ATOM   803  C CB    . TYR A 1 106 ? 8.817   -4.135  9.264   1.00 43.15 ? 332 TYR A CB    1 
ATOM   804  C CG    . TYR A 1 106 ? 8.913   -5.438  8.508   1.00 45.11 ? 332 TYR A CG    1 
ATOM   805  C CD1   . TYR A 1 106 ? 9.682   -6.498  9.001   1.00 47.42 ? 332 TYR A CD1   1 
ATOM   806  C CD2   . TYR A 1 106 ? 8.217   -5.629  7.313   1.00 46.43 ? 332 TYR A CD2   1 
ATOM   807  C CE1   . TYR A 1 106 ? 9.765   -7.714  8.308   1.00 48.04 ? 332 TYR A CE1   1 
ATOM   808  C CE2   . TYR A 1 106 ? 8.293   -6.840  6.613   1.00 47.72 ? 332 TYR A CE2   1 
ATOM   809  C CZ    . TYR A 1 106 ? 9.068   -7.877  7.123   1.00 48.38 ? 332 TYR A CZ    1 
ATOM   810  O OH    . TYR A 1 106 ? 9.152   -9.073  6.443   1.00 48.97 ? 332 TYR A OH    1 
ATOM   811  N N     . GLY A 1 107 ? 10.773  -3.232  6.709   1.00 41.00 ? 333 GLY A N     1 
ATOM   812  C CA    . GLY A 1 107 ? 10.863  -2.801  5.313   1.00 39.80 ? 333 GLY A CA    1 
ATOM   813  C C     . GLY A 1 107 ? 11.236  -1.334  5.260   1.00 39.25 ? 333 GLY A C     1 
ATOM   814  O O     . GLY A 1 107 ? 12.222  -0.927  5.874   1.00 39.17 ? 333 GLY A O     1 
ATOM   815  N N     . THR A 1 108 ? 10.440  -0.527  4.555   1.00 38.03 ? 334 THR A N     1 
ATOM   816  C CA    . THR A 1 108 ? 10.671  0.928   4.520   1.00 37.08 ? 334 THR A CA    1 
ATOM   817  C C     . THR A 1 108 ? 9.779   1.708   5.496   1.00 36.47 ? 334 THR A C     1 
ATOM   818  O O     . THR A 1 108 ? 9.910   2.929   5.639   1.00 36.98 ? 334 THR A O     1 
ATOM   819  C CB    . THR A 1 108 ? 10.459  1.503   3.117   1.00 37.42 ? 334 THR A CB    1 
ATOM   820  O OG1   . THR A 1 108 ? 9.083   1.336   2.733   1.00 36.83 ? 334 THR A OG1   1 
ATOM   821  C CG2   . THR A 1 108 ? 11.374  0.817   2.094   1.00 36.96 ? 334 THR A CG2   1 
ATOM   822  N N     . GLY A 1 109 ? 8.862   1.013   6.156   1.00 35.23 ? 335 GLY A N     1 
ATOM   823  C CA    . GLY A 1 109 ? 7.858   1.677   6.986   1.00 33.72 ? 335 GLY A CA    1 
ATOM   824  C C     . GLY A 1 109 ? 6.701   2.252   6.166   1.00 32.77 ? 335 GLY A C     1 
ATOM   825  O O     . GLY A 1 109 ? 5.889   3.011   6.695   1.00 32.03 ? 335 GLY A O     1 
ATOM   826  N N     . ALA A 1 110 ? 6.637   1.896   4.879   1.00 31.68 ? 336 ALA A N     1 
ATOM   827  C CA    . ALA A 1 110 ? 5.509   2.271   4.004   1.00 31.03 ? 336 ALA A CA    1 
ATOM   828  C C     . ALA A 1 110 ? 5.045   1.093   3.136   1.00 30.79 ? 336 ALA A C     1 
ATOM   829  O O     . ALA A 1 110 ? 5.868   0.272   2.713   1.00 30.76 ? 336 ALA A O     1 
ATOM   830  C CB    . ALA A 1 110 ? 5.890   3.439   3.121   1.00 30.34 ? 336 ALA A CB    1 
ATOM   831  N N     . VAL A 1 111 ? 3.734   1.013   2.873   1.00 30.24 ? 337 VAL A N     1 
ATOM   832  C CA    . VAL A 1 111 ? 3.173   -0.039  2.009   1.00 29.37 ? 337 VAL A CA    1 
ATOM   833  C C     . VAL A 1 111 ? 2.264   0.502   0.904   1.00 29.16 ? 337 VAL A C     1 
ATOM   834  O O     . VAL A 1 111 ? 1.693   1.598   1.023   1.00 28.60 ? 337 VAL A O     1 
ATOM   835  C CB    . VAL A 1 111 ? 2.375   -1.119  2.807   1.00 29.31 ? 337 VAL A CB    1 
ATOM   836  C CG1   . VAL A 1 111 ? 3.208   -1.692  3.969   1.00 29.62 ? 337 VAL A CG1   1 
ATOM   837  C CG2   . VAL A 1 111 ? 1.005   -0.595  3.304   1.00 28.82 ? 337 VAL A CG2   1 
ATOM   838  N N     . MET A 1 112 ? 2.141   -0.272  -0.172  1.00 28.80 ? 338 MET A N     1 
ATOM   839  C CA    . MET A 1 112 ? 1.018   -0.115  -1.090  1.00 28.37 ? 338 MET A CA    1 
ATOM   840  C C     . MET A 1 112 ? -0.078  -1.066  -0.613  1.00 28.45 ? 338 MET A C     1 
ATOM   841  O O     . MET A 1 112 ? 0.181   -2.255  -0.328  1.00 28.79 ? 338 MET A O     1 
ATOM   842  C CB    . MET A 1 112 ? 1.417   -0.372  -2.557  1.00 28.80 ? 338 MET A CB    1 
ATOM   843  C CG    . MET A 1 112 ? 1.853   -1.807  -2.892  1.00 28.88 ? 338 MET A CG    1 
ATOM   844  S SD    . MET A 1 112 ? 2.282   -2.002  -4.631  1.00 31.54 ? 338 MET A SD    1 
ATOM   845  C CE    . MET A 1 112 ? 2.110   -3.774  -4.835  1.00 31.43 ? 338 MET A CE    1 
ATOM   846  N N     . ALA A 1 113 ? -1.296  -0.552  -0.485  1.00 27.67 ? 339 ALA A N     1 
ATOM   847  C CA    . ALA A 1 113 ? -2.384  -1.370  0.042   1.00 27.64 ? 339 ALA A CA    1 
ATOM   848  C C     . ALA A 1 113 ? -3.162  -2.004  -1.100  1.00 27.70 ? 339 ALA A C     1 
ATOM   849  O O     . ALA A 1 113 ? -3.612  -1.306  -2.011  1.00 27.40 ? 339 ALA A O     1 
ATOM   850  C CB    . ALA A 1 113 ? -3.290  -0.559  0.925   1.00 27.27 ? 339 ALA A CB    1 
ATOM   851  N N     . VAL A 1 114 ? -3.278  -3.329  -1.062  1.00 27.77 ? 340 VAL A N     1 
ATOM   852  C CA    . VAL A 1 114 ? -4.022  -4.088  -2.078  1.00 27.89 ? 340 VAL A CA    1 
ATOM   853  C C     . VAL A 1 114 ? -5.123  -4.861  -1.348  1.00 27.80 ? 340 VAL A C     1 
ATOM   854  O O     . VAL A 1 114 ? -4.948  -6.042  -1.011  1.00 28.17 ? 340 VAL A O     1 
ATOM   855  C CB    . VAL A 1 114 ? -3.109  -5.051  -2.869  1.00 27.93 ? 340 VAL A CB    1 
ATOM   856  C CG1   . VAL A 1 114 ? -3.890  -5.726  -4.002  1.00 27.75 ? 340 VAL A CG1   1 
ATOM   857  C CG2   . VAL A 1 114 ? -1.873  -4.307  -3.430  1.00 27.84 ? 340 VAL A CG2   1 
ATOM   858  N N     . PRO A 1 115 ? -6.250  -4.187  -1.068  1.00 27.69 ? 341 PRO A N     1 
ATOM   859  C CA    . PRO A 1 115 ? -7.323  -4.791  -0.269  1.00 27.46 ? 341 PRO A CA    1 
ATOM   860  C C     . PRO A 1 115 ? -7.924  -6.074  -0.855  1.00 27.68 ? 341 PRO A C     1 
ATOM   861  O O     . PRO A 1 115 ? -8.349  -6.935  -0.089  1.00 28.17 ? 341 PRO A O     1 
ATOM   862  C CB    . PRO A 1 115 ? -8.381  -3.688  -0.174  1.00 27.35 ? 341 PRO A CB    1 
ATOM   863  C CG    . PRO A 1 115 ? -7.996  -2.662  -1.163  1.00 27.95 ? 341 PRO A CG    1 
ATOM   864  C CD    . PRO A 1 115 ? -6.548  -2.793  -1.442  1.00 27.55 ? 341 PRO A CD    1 
ATOM   865  N N     . ALA A 1 116 ? -7.923  -6.227  -2.178  1.00 27.71 ? 342 ALA A N     1 
ATOM   866  C CA    . ALA A 1 116 ? -8.451  -7.454  -2.782  1.00 28.03 ? 342 ALA A CA    1 
ATOM   867  C C     . ALA A 1 116 ? -7.661  -8.705  -2.398  1.00 28.61 ? 342 ALA A C     1 
ATOM   868  O O     . ALA A 1 116 ? -8.219  -9.812  -2.398  1.00 28.69 ? 342 ALA A O     1 
ATOM   869  C CB    . ALA A 1 116 ? -8.519  -7.326  -4.294  1.00 28.21 ? 342 ALA A CB    1 
ATOM   870  N N     . HIS A 1 117 ? -6.370  -8.534  -2.081  1.00 28.64 ? 343 HIS A N     1 
ATOM   871  C CA    . HIS A 1 117 ? -5.468  -9.671  -1.936  1.00 29.33 ? 343 HIS A CA    1 
ATOM   872  C C     . HIS A 1 117 ? -4.616  -9.724  -0.661  1.00 29.76 ? 343 HIS A C     1 
ATOM   873  O O     . HIS A 1 117 ? -3.823  -10.649 -0.486  1.00 29.78 ? 343 HIS A O     1 
ATOM   874  C CB    . HIS A 1 117 ? -4.618  -9.835  -3.202  1.00 29.40 ? 343 HIS A CB    1 
ATOM   875  C CG    . HIS A 1 117 ? -5.430  -9.853  -4.460  1.00 31.06 ? 343 HIS A CG    1 
ATOM   876  N ND1   . HIS A 1 117 ? -6.241  -10.914 -4.807  1.00 30.49 ? 343 HIS A ND1   1 
ATOM   877  C CD2   . HIS A 1 117 ? -5.587  -8.925  -5.435  1.00 31.66 ? 343 HIS A CD2   1 
ATOM   878  C CE1   . HIS A 1 117 ? -6.856  -10.643 -5.947  1.00 30.26 ? 343 HIS A CE1   1 
ATOM   879  N NE2   . HIS A 1 117 ? -6.476  -9.441  -6.348  1.00 32.50 ? 343 HIS A NE2   1 
ATOM   880  N N     . ASP A 1 118 ? -4.798  -8.757  0.233   1.00 29.77 ? 344 ASP A N     1 
ATOM   881  C CA    . ASP A 1 118 ? -4.127  -8.776  1.536   1.00 30.32 ? 344 ASP A CA    1 
ATOM   882  C C     . ASP A 1 118 ? -5.163  -8.575  2.626   1.00 30.19 ? 344 ASP A C     1 
ATOM   883  O O     . ASP A 1 118 ? -5.969  -7.649  2.570   1.00 29.50 ? 344 ASP A O     1 
ATOM   884  C CB    . ASP A 1 118 ? -3.055  -7.690  1.644   1.00 30.52 ? 344 ASP A CB    1 
ATOM   885  C CG    . ASP A 1 118 ? -2.392  -7.665  3.019   1.00 32.50 ? 344 ASP A CG    1 
ATOM   886  O OD1   . ASP A 1 118 ? -2.747  -6.807  3.842   1.00 32.95 ? 344 ASP A OD1   1 
ATOM   887  O OD2   . ASP A 1 118 ? -1.538  -8.535  3.294   1.00 35.69 ? 344 ASP A OD2   1 
ATOM   888  N N     . GLN A 1 119 ? -5.126  -9.433  3.634   1.00 30.17 ? 345 GLN A N     1 
ATOM   889  C CA    . GLN A 1 119 ? -6.177  -9.436  4.645   1.00 30.41 ? 345 GLN A CA    1 
ATOM   890  C C     . GLN A 1 119 ? -6.261  -8.157  5.477   1.00 29.30 ? 345 GLN A C     1 
ATOM   891  O O     . GLN A 1 119 ? -7.362  -7.663  5.771   1.00 28.30 ? 345 GLN A O     1 
ATOM   892  C CB    . GLN A 1 119 ? -5.995  -10.623 5.588   1.00 31.24 ? 345 GLN A CB    1 
ATOM   893  C CG    . GLN A 1 119 ? -7.047  -10.676 6.678   1.00 34.05 ? 345 GLN A CG    1 
ATOM   894  C CD    . GLN A 1 119 ? -8.414  -10.941 6.114   1.00 37.47 ? 345 GLN A CD    1 
ATOM   895  O OE1   . GLN A 1 119 ? -8.552  -11.689 5.144   1.00 40.75 ? 345 GLN A OE1   1 
ATOM   896  N NE2   . GLN A 1 119 ? -9.443  -10.340 6.718   1.00 38.72 ? 345 GLN A NE2   1 
ATOM   897  N N     . ARG A 1 120 ? -5.101  -7.651  5.888   1.00 28.69 ? 346 ARG A N     1 
ATOM   898  C CA    . ARG A 1 120 ? -5.063  -6.455  6.715   1.00 28.81 ? 346 ARG A CA    1 
ATOM   899  C C     . ARG A 1 120 ? -5.540  -5.235  5.909   1.00 27.89 ? 346 ARG A C     1 
ATOM   900  O O     . ARG A 1 120 ? -6.293  -4.409  6.419   1.00 27.28 ? 346 ARG A O     1 
ATOM   901  C CB    . ARG A 1 120 ? -3.658  -6.225  7.292   1.00 29.51 ? 346 ARG A CB    1 
ATOM   902  C CG    . ARG A 1 120 ? -3.280  -7.211  8.401   1.00 33.25 ? 346 ARG A CG    1 
ATOM   903  C CD    . ARG A 1 120 ? -1.927  -6.852  8.998   1.00 39.01 ? 346 ARG A CD    1 
ATOM   904  N NE    . ARG A 1 120 ? -1.566  -7.695  10.142  1.00 42.67 ? 346 ARG A NE    1 
ATOM   905  C CZ    . ARG A 1 120 ? -1.092  -8.938  10.043  1.00 45.22 ? 346 ARG A CZ    1 
ATOM   906  N NH1   . ARG A 1 120 ? -0.935  -9.505  8.851   1.00 45.66 ? 346 ARG A NH1   1 
ATOM   907  N NH2   . ARG A 1 120 ? -0.777  -9.626  11.139  1.00 46.00 ? 346 ARG A NH2   1 
ATOM   908  N N     . ASP A 1 121 ? -5.108  -5.159  4.651   1.00 27.36 ? 347 ASP A N     1 
ATOM   909  C CA    . ASP A 1 121 ? -5.508  -4.072  3.745   1.00 26.88 ? 347 ASP A CA    1 
ATOM   910  C C     . ASP A 1 121 ? -7.023  -4.124  3.499   1.00 26.82 ? 347 ASP A C     1 
ATOM   911  O O     . ASP A 1 121 ? -7.693  -3.087  3.459   1.00 26.28 ? 347 ASP A O     1 
ATOM   912  C CB    . ASP A 1 121 ? -4.767  -4.182  2.411   1.00 26.61 ? 347 ASP A CB    1 
ATOM   913  C CG    . ASP A 1 121 ? -3.271  -3.933  2.532   1.00 27.12 ? 347 ASP A CG    1 
ATOM   914  O OD1   . ASP A 1 121 ? -2.811  -3.337  3.539   1.00 27.69 ? 347 ASP A OD1   1 
ATOM   915  O OD2   . ASP A 1 121 ? -2.547  -4.318  1.586   1.00 27.58 ? 347 ASP A OD2   1 
ATOM   916  N N     . TRP A 1 122 ? -7.546  -5.341  3.332   1.00 26.04 ? 348 TRP A N     1 
ATOM   917  C CA    . TRP A 1 122 ? -8.983  -5.574  3.133   1.00 26.20 ? 348 TRP A CA    1 
ATOM   918  C C     . TRP A 1 122 ? -9.792  -5.066  4.328   1.00 26.03 ? 348 TRP A C     1 
ATOM   919  O O     . TRP A 1 122 ? -10.793 -4.351  4.173   1.00 25.31 ? 348 TRP A O     1 
ATOM   920  C CB    . TRP A 1 122 ? -9.232  -7.078  2.879   1.00 25.90 ? 348 TRP A CB    1 
ATOM   921  C CG    . TRP A 1 122 ? -10.635 -7.453  2.507   1.00 27.30 ? 348 TRP A CG    1 
ATOM   922  C CD1   . TRP A 1 122 ? -11.131 -7.643  1.244   1.00 28.28 ? 348 TRP A CD1   1 
ATOM   923  C CD2   . TRP A 1 122 ? -11.714 -7.712  3.402   1.00 28.16 ? 348 TRP A CD2   1 
ATOM   924  N NE1   . TRP A 1 122 ? -12.454 -7.988  1.303   1.00 28.18 ? 348 TRP A NE1   1 
ATOM   925  C CE2   . TRP A 1 122 ? -12.838 -8.042  2.617   1.00 29.80 ? 348 TRP A CE2   1 
ATOM   926  C CE3   . TRP A 1 122 ? -11.841 -7.700  4.799   1.00 31.21 ? 348 TRP A CE3   1 
ATOM   927  C CZ2   . TRP A 1 122 ? -14.074 -8.365  3.179   1.00 31.54 ? 348 TRP A CZ2   1 
ATOM   928  C CZ3   . TRP A 1 122 ? -13.079 -8.014  5.362   1.00 31.61 ? 348 TRP A CZ3   1 
ATOM   929  C CH2   . TRP A 1 122 ? -14.176 -8.341  4.552   1.00 32.66 ? 348 TRP A CH2   1 
ATOM   930  N N     . GLU A 1 123 ? -9.340  -5.406  5.533   1.00 26.27 ? 349 GLU A N     1 
ATOM   931  C CA    . GLU A 1 123 ? -9.999  -4.938  6.753   1.00 27.58 ? 349 GLU A CA    1 
ATOM   932  C C     . GLU A 1 123 ? -10.000 -3.400  6.838   1.00 26.71 ? 349 GLU A C     1 
ATOM   933  O O     . GLU A 1 123 ? -10.999 -2.778  7.247   1.00 25.62 ? 349 GLU A O     1 
ATOM   934  C CB    . GLU A 1 123 ? -9.294  -5.540  7.979   1.00 28.57 ? 349 GLU A CB    1 
ATOM   935  C CG    . GLU A 1 123 ? -10.215 -6.084  9.042   1.00 35.81 ? 349 GLU A CG    1 
ATOM   936  C CD    . GLU A 1 123 ? -11.180 -7.163  8.536   1.00 41.30 ? 349 GLU A CD    1 
ATOM   937  O OE1   . GLU A 1 123 ? -10.718 -8.271  8.189   1.00 45.52 ? 349 GLU A OE1   1 
ATOM   938  O OE2   . GLU A 1 123 ? -12.407 -6.898  8.506   1.00 42.32 ? 349 GLU A OE2   1 
ATOM   939  N N     . PHE A 1 124 ? -8.873  -2.791  6.469   1.00 25.86 ? 350 PHE A N     1 
ATOM   940  C CA    . PHE A 1 124 ? -8.772  -1.320  6.498   1.00 26.00 ? 350 PHE A CA    1 
ATOM   941  C C     . PHE A 1 124 ? -9.745  -0.705  5.501   1.00 25.59 ? 350 PHE A C     1 
ATOM   942  O O     . PHE A 1 124 ? -10.511 0.196   5.858   1.00 26.09 ? 350 PHE A O     1 
ATOM   943  C CB    . PHE A 1 124 ? -7.346  -0.841  6.219   1.00 25.60 ? 350 PHE A CB    1 
ATOM   944  C CG    . PHE A 1 124 ? -7.131  0.637   6.501   1.00 26.31 ? 350 PHE A CG    1 
ATOM   945  C CD1   . PHE A 1 124 ? -6.724  1.063   7.764   1.00 24.68 ? 350 PHE A CD1   1 
ATOM   946  C CD2   . PHE A 1 124 ? -7.337  1.596   5.506   1.00 25.07 ? 350 PHE A CD2   1 
ATOM   947  C CE1   . PHE A 1 124 ? -6.519  2.421   8.041   1.00 25.29 ? 350 PHE A CE1   1 
ATOM   948  C CE2   . PHE A 1 124 ? -7.112  2.966   5.774   1.00 25.46 ? 350 PHE A CE2   1 
ATOM   949  C CZ    . PHE A 1 124 ? -6.715  3.372   7.042   1.00 24.57 ? 350 PHE A CZ    1 
ATOM   950  N N     . ALA A 1 125 ? -9.722  -1.202  4.265   1.00 26.03 ? 351 ALA A N     1 
ATOM   951  C CA    . ALA A 1 125 ? -10.637 -0.721  3.219   1.00 26.55 ? 351 ALA A CA    1 
ATOM   952  C C     . ALA A 1 125 ? -12.100 -0.882  3.638   1.00 27.28 ? 351 ALA A C     1 
ATOM   953  O O     . ALA A 1 125 ? -12.912 0.021   3.411   1.00 27.50 ? 351 ALA A O     1 
ATOM   954  C CB    . ALA A 1 125 ? -10.380 -1.442  1.903   1.00 25.90 ? 351 ALA A CB    1 
ATOM   955  N N     . LYS A 1 126 ? -12.444 -2.023  4.245   1.00 27.65 ? 352 LYS A N     1 
ATOM   956  C CA    . LYS A 1 126 ? -13.814 -2.228  4.742   1.00 28.47 ? 352 LYS A CA    1 
ATOM   957  C C     . LYS A 1 126 ? -14.175 -1.234  5.850   1.00 28.65 ? 352 LYS A C     1 
ATOM   958  O O     . LYS A 1 126 ? -15.274 -0.683  5.868   1.00 28.70 ? 352 LYS A O     1 
ATOM   959  C CB    . LYS A 1 126 ? -14.022 -3.672  5.248   1.00 29.18 ? 352 LYS A CB    1 
ATOM   960  C CG    . LYS A 1 126 ? -14.198 -4.702  4.127   1.00 30.77 ? 352 LYS A CG    1 
ATOM   961  C CD    . LYS A 1 126 ? -15.422 -4.409  3.229   1.00 33.56 ? 352 LYS A CD    1 
ATOM   962  C CE    . LYS A 1 126 ? -15.676 -5.580  2.274   1.00 34.60 ? 352 LYS A CE    1 
ATOM   963  N NZ    . LYS A 1 126 ? -16.735 -5.369  1.222   1.00 36.21 ? 352 LYS A NZ    1 
ATOM   964  N N     . GLN A 1 127 ? -13.249 -0.996  6.767   1.00 28.21 ? 353 GLN A N     1 
ATOM   965  C CA    . GLN A 1 127 ? -13.472 -0.020  7.817   1.00 28.61 ? 353 GLN A CA    1 
ATOM   966  C C     . GLN A 1 127 ? -13.686 1.405   7.270   1.00 28.52 ? 353 GLN A C     1 
ATOM   967  O O     . GLN A 1 127 ? -14.520 2.158   7.786   1.00 28.83 ? 353 GLN A O     1 
ATOM   968  C CB    . GLN A 1 127 ? -12.299 -0.018  8.803   1.00 28.84 ? 353 GLN A CB    1 
ATOM   969  C CG    . GLN A 1 127 ? -12.553 0.848   10.016  1.00 31.02 ? 353 GLN A CG    1 
ATOM   970  C CD    . GLN A 1 127 ? -13.632 0.271   10.933  1.00 35.80 ? 353 GLN A CD    1 
ATOM   971  O OE1   . GLN A 1 127 ? -13.576 -0.893  11.331  1.00 38.40 ? 353 GLN A OE1   1 
ATOM   972  N NE2   . GLN A 1 127 ? -14.611 1.091   11.272  1.00 35.56 ? 353 GLN A NE2   1 
ATOM   973  N N     . PHE A 1 128 ? -12.945 1.760   6.223   1.00 28.18 ? 354 PHE A N     1 
ATOM   974  C CA    . PHE A 1 128 ? -12.937 3.138   5.734   1.00 28.25 ? 354 PHE A CA    1 
ATOM   975  C C     . PHE A 1 128 ? -13.630 3.364   4.383   1.00 28.32 ? 354 PHE A C     1 
ATOM   976  O O     . PHE A 1 128 ? -13.461 4.420   3.764   1.00 28.04 ? 354 PHE A O     1 
ATOM   977  C CB    . PHE A 1 128 ? -11.501 3.697   5.774   1.00 27.34 ? 354 PHE A CB    1 
ATOM   978  C CG    . PHE A 1 128 ? -10.988 3.903   7.174   1.00 28.16 ? 354 PHE A CG    1 
ATOM   979  C CD1   . PHE A 1 128 ? -11.298 5.064   7.880   1.00 28.30 ? 354 PHE A CD1   1 
ATOM   980  C CD2   . PHE A 1 128 ? -10.235 2.917   7.808   1.00 26.23 ? 354 PHE A CD2   1 
ATOM   981  C CE1   . PHE A 1 128 ? -10.847 5.249   9.204   1.00 29.14 ? 354 PHE A CE1   1 
ATOM   982  C CE2   . PHE A 1 128 ? -9.785  3.095   9.132   1.00 28.11 ? 354 PHE A CE2   1 
ATOM   983  C CZ    . PHE A 1 128 ? -10.092 4.260   9.825   1.00 28.00 ? 354 PHE A CZ    1 
ATOM   984  N N     . ASP A 1 129 ? -14.431 2.391   3.949   1.00 28.92 ? 355 ASP A N     1 
ATOM   985  C CA    . ASP A 1 129 ? -15.181 2.478   2.684   1.00 29.80 ? 355 ASP A CA    1 
ATOM   986  C C     . ASP A 1 129 ? -14.276 2.752   1.468   1.00 29.51 ? 355 ASP A C     1 
ATOM   987  O O     . ASP A 1 129 ? -14.641 3.538   0.576   1.00 29.74 ? 355 ASP A O     1 
ATOM   988  C CB    . ASP A 1 129 ? -16.270 3.565   2.751   1.00 30.19 ? 355 ASP A CB    1 
ATOM   989  C CG    . ASP A 1 129 ? -17.204 3.405   3.937   1.00 33.28 ? 355 ASP A CG    1 
ATOM   990  O OD1   . ASP A 1 129 ? -17.822 2.336   4.071   1.00 36.05 ? 355 ASP A OD1   1 
ATOM   991  O OD2   . ASP A 1 129 ? -17.344 4.372   4.726   1.00 36.50 ? 355 ASP A OD2   1 
ATOM   992  N N     . LEU A 1 130 ? -13.117 2.104   1.411   1.00 29.04 ? 356 LEU A N     1 
ATOM   993  C CA    . LEU A 1 130 ? -12.175 2.331   0.297   1.00 28.91 ? 356 LEU A CA    1 
ATOM   994  C C     . LEU A 1 130 ? -12.359 1.295   -0.820  1.00 29.63 ? 356 LEU A C     1 
ATOM   995  O O     . LEU A 1 130 ? -12.831 0.178   -0.550  1.00 28.25 ? 356 LEU A O     1 
ATOM   996  C CB    . LEU A 1 130 ? -10.729 2.312   0.813   1.00 28.49 ? 356 LEU A CB    1 
ATOM   997  C CG    . LEU A 1 130 ? -10.428 3.300   1.942   1.00 29.09 ? 356 LEU A CG    1 
ATOM   998  C CD1   . LEU A 1 130 ? -8.994  3.162   2.436   1.00 27.94 ? 356 LEU A CD1   1 
ATOM   999  C CD2   . LEU A 1 130 ? -10.714 4.751   1.504   1.00 29.43 ? 356 LEU A CD2   1 
ATOM   1000 N N     . PRO A 1 131 ? -11.966 1.643   -2.069  1.00 30.42 ? 357 PRO A N     1 
ATOM   1001 C CA    . PRO A 1 131 ? -12.190 0.736   -3.202  1.00 31.11 ? 357 PRO A CA    1 
ATOM   1002 C C     . PRO A 1 131 ? -11.392 -0.565  -3.097  1.00 31.49 ? 357 PRO A C     1 
ATOM   1003 O O     . PRO A 1 131 ? -10.270 -0.575  -2.589  1.00 31.76 ? 357 PRO A O     1 
ATOM   1004 C CB    . PRO A 1 131 ? -11.702 1.547   -4.425  1.00 30.86 ? 357 PRO A CB    1 
ATOM   1005 C CG    . PRO A 1 131 ? -11.557 2.965   -3.939  1.00 31.31 ? 357 PRO A CG    1 
ATOM   1006 C CD    . PRO A 1 131 ? -11.234 2.859   -2.485  1.00 30.80 ? 357 PRO A CD    1 
ATOM   1007 N N     . ILE A 1 132 ? -11.986 -1.648  -3.587  1.00 32.00 ? 358 ILE A N     1 
ATOM   1008 C CA    . ILE A 1 132 ? -11.344 -2.956  -3.634  1.00 32.83 ? 358 ILE A CA    1 
ATOM   1009 C C     . ILE A 1 132 ? -11.326 -3.425  -5.088  1.00 33.20 ? 358 ILE A C     1 
ATOM   1010 O O     . ILE A 1 132 ? -12.388 -3.585  -5.704  1.00 34.21 ? 358 ILE A O     1 
ATOM   1011 C CB    . ILE A 1 132 ? -12.103 -3.977  -2.741  1.00 33.05 ? 358 ILE A CB    1 
ATOM   1012 C CG1   . ILE A 1 132 ? -12.163 -3.469  -1.288  1.00 32.64 ? 358 ILE A CG1   1 
ATOM   1013 C CG2   . ILE A 1 132 ? -11.445 -5.369  -2.827  1.00 33.21 ? 358 ILE A CG2   1 
ATOM   1014 C CD1   . ILE A 1 132 ? -12.951 -4.363  -0.325  1.00 34.59 ? 358 ILE A CD1   1 
ATOM   1015 N N     . VAL A 1 133 ? -10.132 -3.649  -5.632  1.00 32.88 ? 359 VAL A N     1 
ATOM   1016 C CA    . VAL A 1 133 ? -9.969  -3.986  -7.053  1.00 32.91 ? 359 VAL A CA    1 
ATOM   1017 C C     . VAL A 1 133 ? -9.274  -5.331  -7.221  1.00 32.76 ? 359 VAL A C     1 
ATOM   1018 O O     . VAL A 1 133 ? -8.117  -5.500  -6.822  1.00 32.05 ? 359 VAL A O     1 
ATOM   1019 C CB    . VAL A 1 133 ? -9.171  -2.881  -7.819  1.00 32.82 ? 359 VAL A CB    1 
ATOM   1020 C CG1   . VAL A 1 133 ? -8.924  -3.295  -9.267  1.00 34.07 ? 359 VAL A CG1   1 
ATOM   1021 C CG2   . VAL A 1 133 ? -9.914  -1.549  -7.778  1.00 33.23 ? 359 VAL A CG2   1 
ATOM   1022 N N     . GLU A 1 134 ? -9.993  -6.288  -7.810  1.00 32.86 ? 360 GLU A N     1 
ATOM   1023 C CA    . GLU A 1 134 ? -9.454  -7.621  -8.085  1.00 33.24 ? 360 GLU A CA    1 
ATOM   1024 C C     . GLU A 1 134 ? -8.402  -7.560  -9.184  1.00 33.45 ? 360 GLU A C     1 
ATOM   1025 O O     . GLU A 1 134 ? -8.656  -7.004  -10.250 1.00 33.03 ? 360 GLU A O     1 
ATOM   1026 C CB    . GLU A 1 134 ? -10.587 -8.560  -8.538  1.00 33.91 ? 360 GLU A CB    1 
ATOM   1027 C CG    . GLU A 1 134 ? -10.122 -9.942  -8.983  1.00 35.07 ? 360 GLU A CG    1 
ATOM   1028 C CD    . GLU A 1 134 ? -11.281 -10.849 -9.384  1.00 38.53 ? 360 GLU A CD    1 
ATOM   1029 O OE1   . GLU A 1 134 ? -11.905 -10.606 -10.439 1.00 39.88 ? 360 GLU A OE1   1 
ATOM   1030 O OE2   . GLU A 1 134 ? -11.556 -11.810 -8.644  1.00 39.03 ? 360 GLU A OE2   1 
ATOM   1031 N N     . VAL A 1 135 ? -7.232  -8.148  -8.938  1.00 34.03 ? 361 VAL A N     1 
ATOM   1032 C CA    . VAL A 1 135 ? -6.210  -8.262  -9.987  1.00 33.97 ? 361 VAL A CA    1 
ATOM   1033 C C     . VAL A 1 135 ? -5.707  -9.698  -10.208 1.00 34.98 ? 361 VAL A C     1 
ATOM   1034 O O     . VAL A 1 135 ? -4.945  -9.962  -11.142 1.00 34.29 ? 361 VAL A O     1 
ATOM   1035 C CB    . VAL A 1 135 ? -5.045  -7.238  -9.807  1.00 34.17 ? 361 VAL A CB    1 
ATOM   1036 C CG1   . VAL A 1 135 ? -5.505  -5.832  -10.222 1.00 32.19 ? 361 VAL A CG1   1 
ATOM   1037 C CG2   . VAL A 1 135 ? -4.496  -7.246  -8.393  1.00 33.25 ? 361 VAL A CG2   1 
ATOM   1038 N N     . LEU A 1 136 ? -6.136  -10.618 -9.343  1.00 36.12 ? 362 LEU A N     1 
ATOM   1039 C CA    . LEU A 1 136 ? -5.949  -12.056 -9.581  1.00 37.32 ? 362 LEU A CA    1 
ATOM   1040 C C     . LEU A 1 136 ? -7.289  -12.754 -9.405  1.00 37.93 ? 362 LEU A C     1 
ATOM   1041 O O     . LEU A 1 136 ? -7.958  -12.584 -8.372  1.00 37.40 ? 362 LEU A O     1 
ATOM   1042 C CB    . LEU A 1 136 ? -4.934  -12.663 -8.624  1.00 37.52 ? 362 LEU A CB    1 
ATOM   1043 C CG    . LEU A 1 136 ? -3.474  -12.236 -8.713  1.00 39.39 ? 362 LEU A CG    1 
ATOM   1044 C CD1   . LEU A 1 136 ? -3.202  -11.131 -7.732  1.00 40.05 ? 362 LEU A CD1   1 
ATOM   1045 C CD2   . LEU A 1 136 ? -2.599  -13.436 -8.407  1.00 41.64 ? 362 LEU A CD2   1 
ATOM   1046 N N     . GLU A 1 137 ? -7.698  -13.532 -10.403 1.00 38.56 ? 363 GLU A N     1 
ATOM   1047 C CA    . GLU A 1 137 ? -8.990  -14.207 -10.284 1.00 39.61 ? 363 GLU A CA    1 
ATOM   1048 C C     . GLU A 1 137 ? -8.913  -15.519 -9.498  1.00 38.93 ? 363 GLU A C     1 
ATOM   1049 O O     . GLU A 1 137 ? -7.838  -16.118 -9.352  1.00 38.50 ? 363 GLU A O     1 
ATOM   1050 C CB    . GLU A 1 137 ? -9.704  -14.362 -11.642 1.00 40.50 ? 363 GLU A CB    1 
ATOM   1051 C CG    . GLU A 1 137 ? -8.877  -14.911 -12.783 1.00 43.86 ? 363 GLU A CG    1 
ATOM   1052 C CD    . GLU A 1 137 ? -9.594  -14.783 -14.135 1.00 48.84 ? 363 GLU A CD    1 
ATOM   1053 O OE1   . GLU A 1 137 ? -10.723 -14.232 -14.189 1.00 51.02 ? 363 GLU A OE1   1 
ATOM   1054 O OE2   . GLU A 1 137 ? -9.020  -15.229 -15.147 1.00 51.25 ? 363 GLU A OE2   1 
ATOM   1055 N N     . GLY A 1 138 ? -10.062 -15.927 -8.962  1.00 38.40 ? 364 GLY A N     1 
ATOM   1056 C CA    . GLY A 1 138 ? -10.165 -17.153 -8.185  1.00 37.59 ? 364 GLY A CA    1 
ATOM   1057 C C     . GLY A 1 138 ? -11.025 -16.978 -6.947  1.00 37.12 ? 364 GLY A C     1 
ATOM   1058 O O     . GLY A 1 138 ? -11.441 -17.960 -6.338  1.00 37.12 ? 364 GLY A O     1 
ATOM   1059 N N     . GLY A 1 139 ? -11.285 -15.729 -6.565  1.00 36.49 ? 365 GLY A N     1 
ATOM   1060 C CA    . GLY A 1 139 ? -12.070 -15.456 -5.365  1.00 36.02 ? 365 GLY A CA    1 
ATOM   1061 C C     . GLY A 1 139 ? -13.250 -14.524 -5.564  1.00 35.83 ? 365 GLY A C     1 
ATOM   1062 O O     . GLY A 1 139 ? -13.673 -14.261 -6.683  1.00 36.34 ? 365 GLY A O     1 
ATOM   1063 N N     . ASN A 1 140 ? -13.780 -14.029 -4.456  1.00 35.17 ? 366 ASN A N     1 
ATOM   1064 C CA    . ASN A 1 140 ? -14.861 -13.070 -4.454  1.00 35.13 ? 366 ASN A CA    1 
ATOM   1065 C C     . ASN A 1 140 ? -14.439 -11.916 -3.519  1.00 33.86 ? 366 ASN A C     1 
ATOM   1066 O O     . ASN A 1 140 ? -14.815 -11.874 -2.347  1.00 33.10 ? 366 ASN A O     1 
ATOM   1067 C CB    . ASN A 1 140 ? -16.138 -13.793 -3.988  1.00 36.17 ? 366 ASN A CB    1 
ATOM   1068 C CG    . ASN A 1 140 ? -17.357 -12.899 -3.938  1.00 39.93 ? 366 ASN A CG    1 
ATOM   1069 O OD1   . ASN A 1 140 ? -17.371 -11.787 -4.482  1.00 44.93 ? 366 ASN A OD1   1 
ATOM   1070 N ND2   . ASN A 1 140 ? -18.415 -13.396 -3.281  1.00 44.02 ? 366 ASN A ND2   1 
ATOM   1071 N N     . VAL A 1 141 ? -13.643 -10.990 -4.055  1.00 33.02 ? 367 VAL A N     1 
ATOM   1072 C CA    . VAL A 1 141 ? -12.875 -10.023 -3.227  1.00 32.45 ? 367 VAL A CA    1 
ATOM   1073 C C     . VAL A 1 141 ? -13.732 -9.037  -2.430  1.00 32.29 ? 367 VAL A C     1 
ATOM   1074 O O     . VAL A 1 141 ? -13.281 -8.483  -1.426  1.00 31.65 ? 367 VAL A O     1 
ATOM   1075 C CB    . VAL A 1 141 ? -11.769 -9.279  -4.041  1.00 32.17 ? 367 VAL A CB    1 
ATOM   1076 C CG1   . VAL A 1 141 ? -10.867 -10.279 -4.768  1.00 31.55 ? 367 VAL A CG1   1 
ATOM   1077 C CG2   . VAL A 1 141 ? -12.391 -8.300  -5.037  1.00 32.85 ? 367 VAL A CG2   1 
ATOM   1078 N N     . GLU A 1 142 ? -14.976 -8.838  -2.854  1.00 32.76 ? 368 GLU A N     1 
ATOM   1079 C CA    . GLU A 1 142 ? -15.917 -8.032  -2.076  1.00 33.73 ? 368 GLU A CA    1 
ATOM   1080 C C     . GLU A 1 142 ? -16.269 -8.665  -0.726  1.00 33.12 ? 368 GLU A C     1 
ATOM   1081 O O     . GLU A 1 142 ? -16.615 -7.953  0.220   1.00 33.36 ? 368 GLU A O     1 
ATOM   1082 C CB    . GLU A 1 142 ? -17.187 -7.732  -2.889  1.00 34.95 ? 368 GLU A CB    1 
ATOM   1083 C CG    . GLU A 1 142 ? -16.962 -6.748  -4.055  1.00 38.69 ? 368 GLU A CG    1 
ATOM   1084 C CD    . GLU A 1 142 ? -16.548 -5.345  -3.580  1.00 43.96 ? 368 GLU A CD    1 
ATOM   1085 O OE1   . GLU A 1 142 ? -17.097 -4.873  -2.558  1.00 46.17 ? 368 GLU A OE1   1 
ATOM   1086 O OE2   . GLU A 1 142 ? -15.672 -4.719  -4.227  1.00 46.16 ? 368 GLU A OE2   1 
ATOM   1087 N N     . GLU A 1 143 ? -16.162 -9.993  -0.626  1.00 32.32 ? 369 GLU A N     1 
ATOM   1088 C CA    . GLU A 1 143 ? -16.556 -10.710 0.600   1.00 31.98 ? 369 GLU A CA    1 
ATOM   1089 C C     . GLU A 1 143 ? -15.385 -11.216 1.444   1.00 31.42 ? 369 GLU A C     1 
ATOM   1090 O O     . GLU A 1 143 ? -15.524 -11.379 2.650   1.00 31.38 ? 369 GLU A O     1 
ATOM   1091 C CB    . GLU A 1 143 ? -17.487 -11.897 0.277   1.00 32.13 ? 369 GLU A CB    1 
ATOM   1092 C CG    . GLU A 1 143 ? -18.797 -11.538 -0.425  1.00 34.35 ? 369 GLU A CG    1 
ATOM   1093 C CD    . GLU A 1 143 ? -19.637 -10.531 0.326   1.00 37.83 ? 369 GLU A CD    1 
ATOM   1094 O OE1   . GLU A 1 143 ? -19.613 -10.497 1.581   1.00 40.81 ? 369 GLU A OE1   1 
ATOM   1095 O OE2   . GLU A 1 143 ? -20.341 -9.761  -0.349  1.00 42.19 ? 369 GLU A OE2   1 
ATOM   1096 N N     . ALA A 1 144 ? -14.259 -11.512 0.797   1.00 31.00 ? 370 ALA A N     1 
ATOM   1097 C CA    . ALA A 1 144 ? -13.024 -11.878 1.485   1.00 30.54 ? 370 ALA A CA    1 
ATOM   1098 C C     . ALA A 1 144 ? -11.823 -11.619 0.587   1.00 30.39 ? 370 ALA A C     1 
ATOM   1099 O O     . ALA A 1 144 ? -11.913 -11.760 -0.636  1.00 29.59 ? 370 ALA A O     1 
ATOM   1100 C CB    . ALA A 1 144 ? -13.047 -13.351 1.919   1.00 30.69 ? 370 ALA A CB    1 
ATOM   1101 N N     . ALA A 1 145 ? -10.698 -11.248 1.196   1.00 30.36 ? 371 ALA A N     1 
ATOM   1102 C CA    . ALA A 1 145 ? -9.438  -11.114 0.469   1.00 30.93 ? 371 ALA A CA    1 
ATOM   1103 C C     . ALA A 1 145 ? -9.059  -12.450 -0.154  1.00 31.71 ? 371 ALA A C     1 
ATOM   1104 O O     . ALA A 1 145 ? -9.202  -13.498 0.485   1.00 31.65 ? 371 ALA A O     1 
ATOM   1105 C CB    . ALA A 1 145 ? -8.327  -10.646 1.401   1.00 30.37 ? 371 ALA A CB    1 
ATOM   1106 N N     . TYR A 1 146 ? -8.573  -12.416 -1.391  1.00 32.74 ? 372 TYR A N     1 
ATOM   1107 C CA    . TYR A 1 146 ? -8.120  -13.628 -2.074  1.00 34.33 ? 372 TYR A CA    1 
ATOM   1108 C C     . TYR A 1 146 ? -6.592  -13.667 -2.133  1.00 35.79 ? 372 TYR A C     1 
ATOM   1109 O O     . TYR A 1 146 ? -5.967  -12.948 -2.920  1.00 34.46 ? 372 TYR A O     1 
ATOM   1110 C CB    . TYR A 1 146 ? -8.735  -13.737 -3.473  1.00 34.23 ? 372 TYR A CB    1 
ATOM   1111 C CG    . TYR A 1 146 ? -8.358  -15.016 -4.184  1.00 36.01 ? 372 TYR A CG    1 
ATOM   1112 C CD1   . TYR A 1 146 ? -8.876  -16.242 -3.765  1.00 36.78 ? 372 TYR A CD1   1 
ATOM   1113 C CD2   . TYR A 1 146 ? -7.478  -15.006 -5.268  1.00 36.88 ? 372 TYR A CD2   1 
ATOM   1114 C CE1   . TYR A 1 146 ? -8.529  -17.428 -4.397  1.00 38.75 ? 372 TYR A CE1   1 
ATOM   1115 C CE2   . TYR A 1 146 ? -7.121  -16.192 -5.914  1.00 39.59 ? 372 TYR A CE2   1 
ATOM   1116 C CZ    . TYR A 1 146 ? -7.657  -17.403 -5.467  1.00 40.78 ? 372 TYR A CZ    1 
ATOM   1117 O OH    . TYR A 1 146 ? -7.326  -18.585 -6.085  1.00 42.07 ? 372 TYR A OH    1 
ATOM   1118 N N     . THR A 1 147 ? -6.005  -14.525 -1.300  1.00 37.65 ? 373 THR A N     1 
ATOM   1119 C CA    . THR A 1 147 ? -4.567  -14.508 -1.065  1.00 40.48 ? 373 THR A CA    1 
ATOM   1120 C C     . THR A 1 147 ? -3.788  -15.584 -1.818  1.00 42.03 ? 373 THR A C     1 
ATOM   1121 O O     . THR A 1 147 ? -2.611  -15.799 -1.543  1.00 42.53 ? 373 THR A O     1 
ATOM   1122 C CB    . THR A 1 147 ? -4.249  -14.626 0.436   1.00 40.75 ? 373 THR A CB    1 
ATOM   1123 O OG1   . THR A 1 147 ? -4.722  -15.885 0.924   1.00 42.65 ? 373 THR A OG1   1 
ATOM   1124 C CG2   . THR A 1 147 ? -4.919  -13.511 1.226   1.00 40.55 ? 373 THR A CG2   1 
ATOM   1125 N N     . GLU A 1 148 ? -4.432  -16.252 -2.773  1.00 43.65 ? 374 GLU A N     1 
ATOM   1126 C CA    . GLU A 1 148 ? -3.794  -17.349 -3.489  1.00 45.27 ? 374 GLU A CA    1 
ATOM   1127 C C     . GLU A 1 148 ? -3.433  -16.968 -4.921  1.00 46.24 ? 374 GLU A C     1 
ATOM   1128 O O     . GLU A 1 148 ? -3.646  -15.831 -5.341  1.00 46.26 ? 374 GLU A O     1 
ATOM   1129 C CB    . GLU A 1 148 ? -4.678  -18.608 -3.476  1.00 45.58 ? 374 GLU A CB    1 
ATOM   1130 C CG    . GLU A 1 148 ? -5.101  -19.102 -2.081  1.00 47.06 ? 374 GLU A CG    1 
ATOM   1131 C CD    . GLU A 1 148 ? -3.935  -19.416 -1.150  1.00 49.40 ? 374 GLU A CD    1 
ATOM   1132 O OE1   . GLU A 1 148 ? -2.875  -19.905 -1.616  1.00 50.79 ? 374 GLU A OE1   1 
ATOM   1133 O OE2   . GLU A 1 148 ? -4.087  -19.186 0.070   1.00 51.60 ? 374 GLU A OE2   1 
ATOM   1134 N N     . ASP A 1 149 ? -2.889  -17.934 -5.660  1.00 47.41 ? 375 ASP A N     1 
ATOM   1135 C CA    . ASP A 1 149 ? -2.466  -17.742 -7.043  1.00 48.29 ? 375 ASP A CA    1 
ATOM   1136 C C     . ASP A 1 149 ? -3.668  -17.728 -7.977  1.00 48.11 ? 375 ASP A C     1 
ATOM   1137 O O     . ASP A 1 149 ? -4.699  -18.343 -7.698  1.00 48.19 ? 375 ASP A O     1 
ATOM   1138 C CB    . ASP A 1 149 ? -1.490  -18.857 -7.448  1.00 48.92 ? 375 ASP A CB    1 
ATOM   1139 C CG    . ASP A 1 149 ? -0.641  -18.511 -8.684  1.00 51.44 ? 375 ASP A CG    1 
ATOM   1140 O OD1   . ASP A 1 149 ? -0.886  -17.492 -9.375  1.00 53.75 ? 375 ASP A OD1   1 
ATOM   1141 O OD2   . ASP A 1 149 ? 0.293   -19.291 -8.976  1.00 54.25 ? 375 ASP A OD2   1 
ATOM   1142 N N     . GLY A 1 150 ? -3.524  -17.017 -9.086  1.00 47.82 ? 376 GLY A N     1 
ATOM   1143 C CA    . GLY A 1 150 ? -4.555  -16.954 -10.113 1.00 47.74 ? 376 GLY A CA    1 
ATOM   1144 C C     . GLY A 1 150 ? -4.047  -16.155 -11.296 1.00 47.54 ? 376 GLY A C     1 
ATOM   1145 O O     . GLY A 1 150 ? -3.024  -15.474 -11.198 1.00 47.88 ? 376 GLY A O     1 
ATOM   1146 N N     . LEU A 1 151 ? -4.760  -16.236 -12.415 1.00 47.25 ? 377 LEU A N     1 
ATOM   1147 C CA    . LEU A 1 151 ? -4.421  -15.450 -13.598 1.00 46.80 ? 377 LEU A CA    1 
ATOM   1148 C C     . LEU A 1 151 ? -4.728  -13.976 -13.340 1.00 46.07 ? 377 LEU A C     1 
ATOM   1149 O O     . LEU A 1 151 ? -5.724  -13.651 -12.696 1.00 45.68 ? 377 LEU A O     1 
ATOM   1150 C CB    . LEU A 1 151 ? -5.194  -15.955 -14.823 1.00 47.31 ? 377 LEU A CB    1 
ATOM   1151 C CG    . LEU A 1 151 ? -4.979  -17.420 -15.238 1.00 48.46 ? 377 LEU A CG    1 
ATOM   1152 C CD1   . LEU A 1 151 ? -5.644  -17.691 -16.579 1.00 49.66 ? 377 LEU A CD1   1 
ATOM   1153 C CD2   . LEU A 1 151 ? -3.485  -17.780 -15.283 1.00 49.76 ? 377 LEU A CD2   1 
ATOM   1154 N N     . HIS A 1 152 ? -3.864  -13.090 -13.831 1.00 44.99 ? 378 HIS A N     1 
ATOM   1155 C CA    . HIS A 1 152 ? -4.022  -11.660 -13.573 1.00 43.77 ? 378 HIS A CA    1 
ATOM   1156 C C     . HIS A 1 152 ? -5.068  -11.015 -14.474 1.00 43.29 ? 378 HIS A C     1 
ATOM   1157 O O     . HIS A 1 152 ? -5.196  -11.363 -15.651 1.00 43.19 ? 378 HIS A O     1 
ATOM   1158 C CB    . HIS A 1 152 ? -2.673  -10.934 -13.657 1.00 43.66 ? 378 HIS A CB    1 
ATOM   1159 C CG    . HIS A 1 152 ? -1.774  -11.210 -12.493 1.00 43.36 ? 378 HIS A CG    1 
ATOM   1160 N ND1   . HIS A 1 152 ? -1.250  -12.460 -12.237 1.00 43.81 ? 378 HIS A ND1   1 
ATOM   1161 C CD2   . HIS A 1 152 ? -1.317  -10.404 -11.504 1.00 43.44 ? 378 HIS A CD2   1 
ATOM   1162 C CE1   . HIS A 1 152 ? -0.509  -12.411 -11.145 1.00 44.59 ? 378 HIS A CE1   1 
ATOM   1163 N NE2   . HIS A 1 152 ? -0.532  -11.174 -10.681 1.00 43.28 ? 378 HIS A NE2   1 
ATOM   1164 N N     . VAL A 1 153 ? -5.832  -10.094 -13.891 1.00 42.34 ? 379 VAL A N     1 
ATOM   1165 C CA    . VAL A 1 153 ? -6.854  -9.328  -14.604 1.00 41.85 ? 379 VAL A CA    1 
ATOM   1166 C C     . VAL A 1 153 ? -6.748  -7.859  -14.200 1.00 41.74 ? 379 VAL A C     1 
ATOM   1167 O O     . VAL A 1 153 ? -6.108  -7.534  -13.191 1.00 41.10 ? 379 VAL A O     1 
ATOM   1168 C CB    . VAL A 1 153 ? -8.306  -9.859  -14.337 1.00 41.96 ? 379 VAL A CB    1 
ATOM   1169 C CG1   . VAL A 1 153 ? -8.496  -11.247 -14.938 1.00 42.02 ? 379 VAL A CG1   1 
ATOM   1170 C CG2   . VAL A 1 153 ? -8.644  -9.867  -12.843 1.00 41.49 ? 379 VAL A CG2   1 
ATOM   1171 N N     . ASN A 1 154 ? -7.366  -6.979  -14.984 1.00 41.82 ? 380 ASN A N     1 
ATOM   1172 C CA    . ASN A 1 154 ? -7.377  -5.533  -14.703 1.00 42.19 ? 380 ASN A CA    1 
ATOM   1173 C C     . ASN A 1 154 ? -5.964  -4.953  -14.519 1.00 42.49 ? 380 ASN A C     1 
ATOM   1174 O O     . ASN A 1 154 ? -5.772  -3.973  -13.793 1.00 42.66 ? 380 ASN A O     1 
ATOM   1175 C CB    . ASN A 1 154 ? -8.257  -5.220  -13.472 1.00 41.97 ? 380 ASN A CB    1 
ATOM   1176 C CG    . ASN A 1 154 ? -9.672  -5.769  -13.604 1.00 42.50 ? 380 ASN A CG    1 
ATOM   1177 O OD1   . ASN A 1 154 ? -10.168 -6.469  -12.719 1.00 42.95 ? 380 ASN A OD1   1 
ATOM   1178 N ND2   . ASN A 1 154 ? -10.321 -5.462  -14.710 1.00 41.32 ? 380 ASN A ND2   1 
ATOM   1179 N N     . SER A 1 155 ? -4.990  -5.565  -15.186 1.00 42.88 ? 381 SER A N     1 
ATOM   1180 C CA    . SER A 1 155 ? -3.580  -5.289  -14.939 1.00 43.53 ? 381 SER A CA    1 
ATOM   1181 C C     . SER A 1 155 ? -2.806  -5.084  -16.250 1.00 44.51 ? 381 SER A C     1 
ATOM   1182 O O     . SER A 1 155 ? -1.628  -5.426  -16.339 1.00 44.58 ? 381 SER A O     1 
ATOM   1183 C CB    . SER A 1 155 ? -2.954  -6.439  -14.136 1.00 43.17 ? 381 SER A CB    1 
ATOM   1184 O OG    . SER A 1 155 ? -3.603  -6.627  -12.889 1.00 43.11 ? 381 SER A OG    1 
ATOM   1185 N N     . ASP A 1 156 ? -3.483  -4.540  -17.260 1.00 45.80 ? 382 ASP A N     1 
ATOM   1186 C CA    . ASP A 1 156 ? -2.870  -4.230  -18.556 1.00 47.23 ? 382 ASP A CA    1 
ATOM   1187 C C     . ASP A 1 156 ? -1.952  -5.335  -19.091 1.00 47.20 ? 382 ASP A C     1 
ATOM   1188 O O     . ASP A 1 156 ? -2.417  -6.437  -19.402 1.00 46.93 ? 382 ASP A O     1 
ATOM   1189 C CB    . ASP A 1 156 ? -2.130  -2.893  -18.477 1.00 48.00 ? 382 ASP A CB    1 
ATOM   1190 C CG    . ASP A 1 156 ? -3.075  -1.705  -18.415 1.00 50.86 ? 382 ASP A CG    1 
ATOM   1191 O OD1   . ASP A 1 156 ? -4.308  -1.924  -18.390 1.00 54.34 ? 382 ASP A OD1   1 
ATOM   1192 O OD2   . ASP A 1 156 ? -2.585  -0.547  -18.404 1.00 54.99 ? 382 ASP A OD2   1 
ATOM   1193 N N     . PHE A 1 157 ? -0.650  -5.043  -19.158 1.00 47.61 ? 383 PHE A N     1 
ATOM   1194 C CA    . PHE A 1 157 ? 0.316   -5.928  -19.812 1.00 47.69 ? 383 PHE A CA    1 
ATOM   1195 C C     . PHE A 1 157 ? 0.605   -7.193  -19.014 1.00 47.81 ? 383 PHE A C     1 
ATOM   1196 O O     . PHE A 1 157 ? 1.268   -8.108  -19.508 1.00 47.59 ? 383 PHE A O     1 
ATOM   1197 C CB    . PHE A 1 157 ? 1.612   -5.181  -20.191 1.00 48.07 ? 383 PHE A CB    1 
ATOM   1198 C CG    . PHE A 1 157 ? 2.352   -4.566  -19.022 1.00 47.89 ? 383 PHE A CG    1 
ATOM   1199 C CD1   . PHE A 1 157 ? 3.313   -5.295  -18.323 1.00 48.47 ? 383 PHE A CD1   1 
ATOM   1200 C CD2   . PHE A 1 157 ? 2.108   -3.251  -18.643 1.00 48.05 ? 383 PHE A CD2   1 
ATOM   1201 C CE1   . PHE A 1 157 ? 4.012   -4.721  -17.245 1.00 48.39 ? 383 PHE A CE1   1 
ATOM   1202 C CE2   . PHE A 1 157 ? 2.791   -2.668  -17.570 1.00 47.74 ? 383 PHE A CE2   1 
ATOM   1203 C CZ    . PHE A 1 157 ? 3.745   -3.404  -16.871 1.00 48.23 ? 383 PHE A CZ    1 
ATOM   1204 N N     . LEU A 1 158 ? 0.082   -7.247  -17.793 1.00 47.91 ? 384 LEU A N     1 
ATOM   1205 C CA    . LEU A 1 158 ? 0.218   -8.426  -16.936 1.00 47.85 ? 384 LEU A CA    1 
ATOM   1206 C C     . LEU A 1 158 ? -0.941  -9.415  -17.103 1.00 48.12 ? 384 LEU A C     1 
ATOM   1207 O O     . LEU A 1 158 ? -0.889  -10.521 -16.563 1.00 47.80 ? 384 LEU A O     1 
ATOM   1208 C CB    . LEU A 1 158 ? 0.341   -8.016  -15.458 1.00 47.39 ? 384 LEU A CB    1 
ATOM   1209 C CG    . LEU A 1 158 ? 1.470   -7.088  -15.007 1.00 46.94 ? 384 LEU A CG    1 
ATOM   1210 C CD1   . LEU A 1 158 ? 1.417   -6.880  -13.485 1.00 45.62 ? 384 LEU A CD1   1 
ATOM   1211 C CD2   . LEU A 1 158 ? 2.838   -7.620  -15.416 1.00 45.75 ? 384 LEU A CD2   1 
ATOM   1212 N N     . ASP A 1 159 ? -1.978  -9.017  -17.840 1.00 49.06 ? 385 ASP A N     1 
ATOM   1213 C CA    . ASP A 1 159 ? -3.178  -9.850  -18.005 1.00 49.94 ? 385 ASP A CA    1 
ATOM   1214 C C     . ASP A 1 159 ? -2.869  -11.244 -18.542 1.00 51.00 ? 385 ASP A C     1 
ATOM   1215 O O     . ASP A 1 159 ? -2.131  -11.395 -19.523 1.00 50.97 ? 385 ASP A O     1 
ATOM   1216 C CB    . ASP A 1 159 ? -4.207  -9.161  -18.899 1.00 49.93 ? 385 ASP A CB    1 
ATOM   1217 C CG    . ASP A 1 159 ? -4.974  -8.066  -18.177 1.00 50.03 ? 385 ASP A CG    1 
ATOM   1218 O OD1   . ASP A 1 159 ? -4.800  -7.907  -16.949 1.00 50.70 ? 385 ASP A OD1   1 
ATOM   1219 O OD2   . ASP A 1 159 ? -5.754  -7.355  -18.842 1.00 50.14 ? 385 ASP A OD2   1 
ATOM   1220 N N     . GLY A 1 160 ? -3.424  -12.255 -17.877 1.00 51.79 ? 386 GLY A N     1 
ATOM   1221 C CA    . GLY A 1 160 ? -3.289  -13.639 -18.313 1.00 53.15 ? 386 GLY A CA    1 
ATOM   1222 C C     . GLY A 1 160 ? -2.077  -14.381 -17.782 1.00 54.17 ? 386 GLY A C     1 
ATOM   1223 O O     . GLY A 1 160 ? -1.910  -15.566 -18.063 1.00 54.40 ? 386 GLY A O     1 
ATOM   1224 N N     . LEU A 1 161 ? -1.227  -13.699 -17.018 1.00 55.23 ? 387 LEU A N     1 
ATOM   1225 C CA    . LEU A 1 161 ? -0.045  -14.332 -16.432 1.00 56.38 ? 387 LEU A CA    1 
ATOM   1226 C C     . LEU A 1 161 ? -0.318  -14.787 -15.000 1.00 57.33 ? 387 LEU A C     1 
ATOM   1227 O O     . LEU A 1 161 ? -1.227  -14.274 -14.348 1.00 57.21 ? 387 LEU A O     1 
ATOM   1228 C CB    . LEU A 1 161 ? 1.159   -13.382 -16.460 1.00 56.30 ? 387 LEU A CB    1 
ATOM   1229 C CG    . LEU A 1 161 ? 1.654   -12.818 -17.794 1.00 56.69 ? 387 LEU A CG    1 
ATOM   1230 C CD1   . LEU A 1 161 ? 2.814   -11.855 -17.545 1.00 57.32 ? 387 LEU A CD1   1 
ATOM   1231 C CD2   . LEU A 1 161 ? 2.070   -13.928 -18.767 1.00 56.57 ? 387 LEU A CD2   1 
ATOM   1232 N N     . ASN A 1 162 ? 0.465   -15.756 -14.528 1.00 58.58 ? 388 ASN A N     1 
ATOM   1233 C CA    . ASN A 1 162 ? 0.383   -16.216 -13.140 1.00 59.91 ? 388 ASN A CA    1 
ATOM   1234 C C     . ASN A 1 162 ? 1.355   -15.435 -12.249 1.00 60.62 ? 388 ASN A C     1 
ATOM   1235 O O     . ASN A 1 162 ? 2.086   -14.572 -12.743 1.00 60.51 ? 388 ASN A O     1 
ATOM   1236 C CB    . ASN A 1 162 ? 0.620   -17.732 -13.047 1.00 59.99 ? 388 ASN A CB    1 
ATOM   1237 C CG    . ASN A 1 162 ? 2.076   -18.129 -13.299 1.00 60.83 ? 388 ASN A CG    1 
ATOM   1238 O OD1   . ASN A 1 162 ? 2.902   -17.318 -13.726 1.00 62.06 ? 388 ASN A OD1   1 
ATOM   1239 N ND2   . ASN A 1 162 ? 2.390   -19.393 -13.034 1.00 61.54 ? 388 ASN A ND2   1 
ATOM   1240 N N     . LYS A 1 163 ? 1.375   -15.752 -10.953 1.00 61.70 ? 389 LYS A N     1 
ATOM   1241 C CA    . LYS A 1 163 ? 2.190   -15.009 -9.986  1.00 62.77 ? 389 LYS A CA    1 
ATOM   1242 C C     . LYS A 1 163 ? 3.657   -14.911 -10.404 1.00 63.29 ? 389 LYS A C     1 
ATOM   1243 O O     . LYS A 1 163 ? 4.166   -13.808 -10.611 1.00 63.46 ? 389 LYS A O     1 
ATOM   1244 C CB    . LYS A 1 163 ? 2.055   -15.590 -8.575  1.00 62.73 ? 389 LYS A CB    1 
ATOM   1245 C CG    . LYS A 1 163 ? 2.127   -14.530 -7.480  1.00 63.42 ? 389 LYS A CG    1 
ATOM   1246 C CD    . LYS A 1 163 ? 1.878   -15.107 -6.097  1.00 64.04 ? 389 LYS A CD    1 
ATOM   1247 C CE    . LYS A 1 163 ? 3.179   -15.510 -5.418  1.00 64.53 ? 389 LYS A CE    1 
ATOM   1248 N NZ    . LYS A 1 163 ? 2.929   -16.077 -4.063  1.00 64.66 ? 389 LYS A NZ    1 
ATOM   1249 N N     . GLU A 1 164 ? 4.322   -16.058 -10.548 1.00 64.09 ? 390 GLU A N     1 
ATOM   1250 C CA    . GLU A 1 164 ? 5.716   -16.107 -11.010 1.00 64.64 ? 390 GLU A CA    1 
ATOM   1251 C C     . GLU A 1 164 ? 5.975   -15.210 -12.220 1.00 64.42 ? 390 GLU A C     1 
ATOM   1252 O O     . GLU A 1 164 ? 6.823   -14.317 -12.166 1.00 64.57 ? 390 GLU A O     1 
ATOM   1253 C CB    . GLU A 1 164 ? 6.121   -17.539 -11.368 1.00 65.03 ? 390 GLU A CB    1 
ATOM   1254 C CG    . GLU A 1 164 ? 6.356   -18.457 -10.184 1.00 66.97 ? 390 GLU A CG    1 
ATOM   1255 C CD    . GLU A 1 164 ? 6.745   -19.864 -10.615 1.00 69.60 ? 390 GLU A CD    1 
ATOM   1256 O OE1   . GLU A 1 164 ? 6.231   -20.346 -11.651 1.00 70.25 ? 390 GLU A OE1   1 
ATOM   1257 O OE2   . GLU A 1 164 ? 7.569   -20.490 -9.912  1.00 70.93 ? 390 GLU A OE2   1 
ATOM   1258 N N     . ASP A 1 165 ? 5.240   -15.463 -13.302 1.00 64.22 ? 391 ASP A N     1 
ATOM   1259 C CA    . ASP A 1 165 ? 5.441   -14.765 -14.574 1.00 64.12 ? 391 ASP A CA    1 
ATOM   1260 C C     . ASP A 1 165 ? 5.179   -13.261 -14.466 1.00 63.76 ? 391 ASP A C     1 
ATOM   1261 O O     . ASP A 1 165 ? 5.922   -12.452 -15.038 1.00 63.86 ? 391 ASP A O     1 
ATOM   1262 C CB    . ASP A 1 165 ? 4.564   -15.380 -15.677 1.00 64.39 ? 391 ASP A CB    1 
ATOM   1263 C CG    . ASP A 1 165 ? 4.990   -16.805 -16.063 1.00 65.32 ? 391 ASP A CG    1 
ATOM   1264 O OD1   . ASP A 1 165 ? 5.533   -17.550 -15.211 1.00 66.09 ? 391 ASP A OD1   1 
ATOM   1265 O OD2   . ASP A 1 165 ? 4.769   -17.183 -17.235 1.00 65.87 ? 391 ASP A OD2   1 
ATOM   1266 N N     . ALA A 1 166 ? 4.126   -12.893 -13.734 1.00 63.04 ? 392 ALA A N     1 
ATOM   1267 C CA    . ALA A 1 166 ? 3.757   -11.483 -13.559 1.00 62.39 ? 392 ALA A CA    1 
ATOM   1268 C C     . ALA A 1 166 ? 4.780   -10.713 -12.726 1.00 61.90 ? 392 ALA A C     1 
ATOM   1269 O O     . ALA A 1 166 ? 5.165   -9.608  -13.100 1.00 61.84 ? 392 ALA A O     1 
ATOM   1270 C CB    . ALA A 1 166 ? 2.366   -11.352 -12.959 1.00 62.25 ? 392 ALA A CB    1 
ATOM   1271 N N     . ILE A 1 167 ? 5.214   -11.299 -11.609 1.00 61.47 ? 393 ILE A N     1 
ATOM   1272 C CA    . ILE A 1 167 ? 6.242   -10.688 -10.759 1.00 61.23 ? 393 ILE A CA    1 
ATOM   1273 C C     . ILE A 1 167 ? 7.494   -10.396 -11.584 1.00 61.19 ? 393 ILE A C     1 
ATOM   1274 O O     . ILE A 1 167 ? 7.979   -9.264  -11.611 1.00 61.14 ? 393 ILE A O     1 
ATOM   1275 C CB    . ILE A 1 167 ? 6.581   -11.561 -9.513  1.00 61.11 ? 393 ILE A CB    1 
ATOM   1276 C CG1   . ILE A 1 167 ? 5.450   -11.478 -8.479  1.00 60.65 ? 393 ILE A CG1   1 
ATOM   1277 C CG2   . ILE A 1 167 ? 7.922   -11.134 -8.881  1.00 61.52 ? 393 ILE A CG2   1 
ATOM   1278 C CD1   . ILE A 1 167 ? 5.630   -12.348 -7.242  1.00 59.61 ? 393 ILE A CD1   1 
ATOM   1279 N N     . ALA A 1 168 ? 7.981   -11.421 -12.285 1.00 61.24 ? 394 ALA A N     1 
ATOM   1280 C CA    . ALA A 1 168 ? 9.160   -11.308 -13.136 1.00 61.00 ? 394 ALA A CA    1 
ATOM   1281 C C     . ALA A 1 168 ? 9.034   -10.172 -14.150 1.00 60.67 ? 394 ALA A C     1 
ATOM   1282 O O     . ALA A 1 168 ? 9.980   -9.416  -14.349 1.00 60.60 ? 394 ALA A O     1 
ATOM   1283 C CB    . ALA A 1 168 ? 9.439   -12.637 -13.841 1.00 61.04 ? 394 ALA A CB    1 
ATOM   1284 N N     . LYS A 1 169 ? 7.858   -10.042 -14.760 1.00 60.55 ? 395 LYS A N     1 
ATOM   1285 C CA    . LYS A 1 169 ? 7.620   -9.020  -15.780 1.00 60.52 ? 395 LYS A CA    1 
ATOM   1286 C C     . LYS A 1 169 ? 7.525   -7.601  -15.218 1.00 60.67 ? 395 LYS A C     1 
ATOM   1287 O O     . LYS A 1 169 ? 8.144   -6.680  -15.759 1.00 60.82 ? 395 LYS A O     1 
ATOM   1288 C CB    . LYS A 1 169 ? 6.371   -9.352  -16.596 1.00 60.63 ? 395 LYS A CB    1 
ATOM   1289 C CG    . LYS A 1 169 ? 6.166   -8.457  -17.806 1.00 60.77 ? 395 LYS A CG    1 
ATOM   1290 C CD    . LYS A 1 169 ? 5.185   -9.093  -18.765 1.00 61.98 ? 395 LYS A CD    1 
ATOM   1291 C CE    . LYS A 1 169 ? 5.109   -8.324  -20.065 1.00 62.54 ? 395 LYS A CE    1 
ATOM   1292 N NZ    . LYS A 1 169 ? 4.044   -8.884  -20.932 1.00 63.39 ? 395 LYS A NZ    1 
ATOM   1293 N N     . ILE A 1 170 ? 6.740   -7.421  -14.154 1.00 60.62 ? 396 ILE A N     1 
ATOM   1294 C CA    . ILE A 1 170 ? 6.575   -6.099  -13.537 1.00 60.46 ? 396 ILE A CA    1 
ATOM   1295 C C     . ILE A 1 170 ? 7.881   -5.592  -12.905 1.00 61.03 ? 396 ILE A C     1 
ATOM   1296 O O     . ILE A 1 170 ? 8.217   -4.415  -13.050 1.00 60.80 ? 396 ILE A O     1 
ATOM   1297 C CB    . ILE A 1 170 ? 5.386   -6.052  -12.514 1.00 60.01 ? 396 ILE A CB    1 
ATOM   1298 C CG1   . ILE A 1 170 ? 5.034   -4.608  -12.136 1.00 58.82 ? 396 ILE A CG1   1 
ATOM   1299 C CG2   . ILE A 1 170 ? 5.686   -6.861  -11.267 1.00 59.69 ? 396 ILE A CG2   1 
ATOM   1300 C CD1   . ILE A 1 170 ? 4.390   -3.808  -13.242 1.00 56.36 ? 396 ILE A CD1   1 
ATOM   1301 N N     . VAL A 1 171 ? 8.607   -6.480  -12.218 1.00 61.90 ? 397 VAL A N     1 
ATOM   1302 C CA    . VAL A 1 171 ? 9.898   -6.134  -11.614 1.00 62.84 ? 397 VAL A CA    1 
ATOM   1303 C C     . VAL A 1 171 ? 10.857  -5.657  -12.700 1.00 63.47 ? 397 VAL A C     1 
ATOM   1304 O O     . VAL A 1 171 ? 11.401  -4.553  -12.609 1.00 63.65 ? 397 VAL A O     1 
ATOM   1305 C CB    . VAL A 1 171 ? 10.506  -7.309  -10.793 1.00 62.86 ? 397 VAL A CB    1 
ATOM   1306 C CG1   . VAL A 1 171 ? 12.012  -7.141  -10.599 1.00 63.24 ? 397 VAL A CG1   1 
ATOM   1307 C CG2   . VAL A 1 171 ? 9.826   -7.417  -9.437  1.00 62.96 ? 397 VAL A CG2   1 
ATOM   1308 N N     . ALA A 1 172 ? 11.024  -6.474  -13.740 1.00 64.19 ? 398 ALA A N     1 
ATOM   1309 C CA    . ALA A 1 172 ? 11.849  -6.114  -14.896 1.00 64.88 ? 398 ALA A CA    1 
ATOM   1310 C C     . ALA A 1 172 ? 11.411  -4.798  -15.553 1.00 65.24 ? 398 ALA A C     1 
ATOM   1311 O O     . ALA A 1 172 ? 12.252  -4.031  -16.022 1.00 65.26 ? 398 ALA A O     1 
ATOM   1312 C CB    . ALA A 1 172 ? 11.873  -7.256  -15.924 1.00 64.84 ? 398 ALA A CB    1 
ATOM   1313 N N     . SER A 1 173 ? 10.105  -4.535  -15.571 1.00 65.74 ? 399 SER A N     1 
ATOM   1314 C CA    . SER A 1 173 ? 9.568   -3.308  -16.172 1.00 66.39 ? 399 SER A CA    1 
ATOM   1315 C C     . SER A 1 173 ? 9.761   -2.059  -15.301 1.00 67.07 ? 399 SER A C     1 
ATOM   1316 O O     . SER A 1 173 ? 9.919   -0.952  -15.825 1.00 67.06 ? 399 SER A O     1 
ATOM   1317 C CB    . SER A 1 173 ? 8.089   -3.482  -16.514 1.00 66.31 ? 399 SER A CB    1 
ATOM   1318 O OG    . SER A 1 173 ? 7.547   -2.288  -17.050 1.00 66.21 ? 399 SER A OG    1 
ATOM   1319 N N     . LEU A 1 174 ? 9.730   -2.237  -13.981 1.00 67.79 ? 400 LEU A N     1 
ATOM   1320 C CA    . LEU A 1 174 ? 9.933   -1.120  -13.052 1.00 68.55 ? 400 LEU A CA    1 
ATOM   1321 C C     . LEU A 1 174 ? 11.407  -0.726  -12.983 1.00 69.26 ? 400 LEU A C     1 
ATOM   1322 O O     . LEU A 1 174 ? 11.728  0.458   -12.850 1.00 69.28 ? 400 LEU A O     1 
ATOM   1323 C CB    . LEU A 1 174 ? 9.404   -1.452  -11.653 1.00 68.29 ? 400 LEU A CB    1 
ATOM   1324 C CG    . LEU A 1 174 ? 7.889   -1.447  -11.414 1.00 67.51 ? 400 LEU A CG    1 
ATOM   1325 C CD1   . LEU A 1 174 ? 7.586   -2.081  -10.069 1.00 66.53 ? 400 LEU A CD1   1 
ATOM   1326 C CD2   . LEU A 1 174 ? 7.303   -0.044  -11.488 1.00 66.52 ? 400 LEU A CD2   1 
ATOM   1327 N N     . GLU A 1 175 ? 12.288  -1.726  -13.078 1.00 70.13 ? 401 GLU A N     1 
ATOM   1328 C CA    . GLU A 1 175 ? 13.736  -1.502  -13.151 1.00 70.94 ? 401 GLU A CA    1 
ATOM   1329 C C     . GLU A 1 175 ? 14.103  -0.635  -14.350 1.00 71.24 ? 401 GLU A C     1 
ATOM   1330 O O     . GLU A 1 175 ? 14.834  0.345   -14.200 1.00 71.52 ? 401 GLU A O     1 
ATOM   1331 C CB    . GLU A 1 175 ? 14.510  -2.820  -13.206 1.00 71.02 ? 401 GLU A CB    1 
ATOM   1332 C CG    . GLU A 1 175 ? 14.387  -3.674  -11.952 1.00 72.08 ? 401 GLU A CG    1 
ATOM   1333 C CD    . GLU A 1 175 ? 15.728  -4.182  -11.447 1.00 73.05 ? 401 GLU A CD    1 
ATOM   1334 O OE1   . GLU A 1 175 ? 16.712  -3.411  -11.502 1.00 74.29 ? 401 GLU A OE1   1 
ATOM   1335 O OE2   . GLU A 1 175 ? 15.794  -5.341  -10.976 1.00 72.44 ? 401 GLU A OE2   1 
ATOM   1336 N N     . GLU A 1 176 ? 13.582  -0.995  -15.527 1.00 71.58 ? 402 GLU A N     1 
ATOM   1337 C CA    . GLU A 1 176 ? 13.749  -0.200  -16.747 1.00 71.82 ? 402 GLU A CA    1 
ATOM   1338 C C     . GLU A 1 176 ? 13.582  1.287   -16.469 1.00 71.70 ? 402 GLU A C     1 
ATOM   1339 O O     . GLU A 1 176 ? 14.345  2.110   -16.973 1.00 71.97 ? 402 GLU A O     1 
ATOM   1340 C CB    . GLU A 1 176 ? 12.726  -0.601  -17.816 1.00 72.04 ? 402 GLU A CB    1 
ATOM   1341 C CG    . GLU A 1 176 ? 12.963  -1.935  -18.514 1.00 73.00 ? 402 GLU A CG    1 
ATOM   1342 C CD    . GLU A 1 176 ? 12.121  -2.075  -19.783 1.00 74.43 ? 402 GLU A CD    1 
ATOM   1343 O OE1   . GLU A 1 176 ? 11.150  -2.871  -19.794 1.00 74.36 ? 402 GLU A OE1   1 
ATOM   1344 O OE2   . GLU A 1 176 ? 12.428  -1.368  -20.769 1.00 74.93 ? 402 GLU A OE2   1 
ATOM   1345 N N     . LYS A 1 177 ? 12.583  1.623   -15.661 1.00 71.55 ? 403 LYS A N     1 
ATOM   1346 C CA    . LYS A 1 177 ? 12.242  3.017   -15.407 1.00 71.33 ? 403 LYS A CA    1 
ATOM   1347 C C     . LYS A 1 177 ? 12.838  3.583   -14.105 1.00 70.98 ? 403 LYS A C     1 
ATOM   1348 O O     . LYS A 1 177 ? 12.752  4.784   -13.839 1.00 70.84 ? 403 LYS A O     1 
ATOM   1349 C CB    . LYS A 1 177 ? 10.716  3.204   -15.484 1.00 71.44 ? 403 LYS A CB    1 
ATOM   1350 C CG    . LYS A 1 177 ? 10.229  4.617   -15.854 1.00 71.87 ? 403 LYS A CG    1 
ATOM   1351 C CD    . LYS A 1 177 ? 11.359  5.601   -16.219 1.00 72.32 ? 403 LYS A CD    1 
ATOM   1352 C CE    . LYS A 1 177 ? 12.324  5.114   -17.316 1.00 72.85 ? 403 LYS A CE    1 
ATOM   1353 N NZ    . LYS A 1 177 ? 11.648  4.788   -18.598 1.00 73.71 ? 403 LYS A NZ    1 
ATOM   1354 N N     . GLY A 1 178 ? 13.470  2.720   -13.315 1.00 70.78 ? 404 GLY A N     1 
ATOM   1355 C CA    . GLY A 1 178 ? 13.982  3.117   -12.007 1.00 70.45 ? 404 GLY A CA    1 
ATOM   1356 C C     . GLY A 1 178 ? 12.865  3.600   -11.096 1.00 70.26 ? 404 GLY A C     1 
ATOM   1357 O O     . GLY A 1 178 ? 12.989  4.642   -10.454 1.00 70.24 ? 404 GLY A O     1 
ATOM   1358 N N     . CYS A 1 179 ? 11.766  2.851   -11.073 1.00 69.99 ? 405 CYS A N     1 
ATOM   1359 C CA    . CYS A 1 179 ? 10.668  3.081   -10.141 1.00 69.90 ? 405 CYS A CA    1 
ATOM   1360 C C     . CYS A 1 179 ? 10.641  1.941   -9.143  1.00 69.75 ? 405 CYS A C     1 
ATOM   1361 O O     . CYS A 1 179 ? 9.839   1.939   -8.212  1.00 69.63 ? 405 CYS A O     1 
ATOM   1362 C CB    . CYS A 1 179 ? 9.335   3.155   -10.888 1.00 69.84 ? 405 CYS A CB    1 
ATOM   1363 S SG    . CYS A 1 179 ? 9.212   4.549   -12.023 1.00 70.78 ? 405 CYS A SG    1 
ATOM   1364 N N     . GLY A 1 180 ? 11.528  0.972   -9.353  1.00 69.72 ? 406 GLY A N     1 
ATOM   1365 C CA    . GLY A 1 180 ? 11.610  -0.202  -8.505  1.00 70.03 ? 406 GLY A CA    1 
ATOM   1366 C C     . GLY A 1 180 ? 12.681  -1.186  -8.922  1.00 70.24 ? 406 GLY A C     1 
ATOM   1367 O O     . GLY A 1 180 ? 13.261  -1.072  -9.997  1.00 70.25 ? 406 GLY A O     1 
ATOM   1368 N N     . GLN A 1 181 ? 12.922  -2.160  -8.052  1.00 70.74 ? 407 GLN A N     1 
ATOM   1369 C CA    . GLN A 1 181 ? 13.943  -3.188  -8.229  1.00 71.37 ? 407 GLN A CA    1 
ATOM   1370 C C     . GLN A 1 181 ? 13.659  -4.300  -7.221  1.00 71.69 ? 407 GLN A C     1 
ATOM   1371 O O     . GLN A 1 181 ? 12.983  -4.060  -6.214  1.00 71.63 ? 407 GLN A O     1 
ATOM   1372 C CB    . GLN A 1 181 ? 15.344  -2.604  -7.991  1.00 71.38 ? 407 GLN A CB    1 
ATOM   1373 C CG    . GLN A 1 181 ? 15.508  -1.902  -6.644  1.00 71.85 ? 407 GLN A CG    1 
ATOM   1374 C CD    . GLN A 1 181 ? 16.896  -1.336  -6.432  1.00 72.71 ? 407 GLN A CD    1 
ATOM   1375 O OE1   . GLN A 1 181 ? 17.451  -0.666  -7.306  1.00 73.09 ? 407 GLN A OE1   1 
ATOM   1376 N NE2   . GLN A 1 181 ? 17.464  -1.592  -5.257  1.00 72.54 ? 407 GLN A NE2   1 
ATOM   1377 N N     . GLU A 1 182 ? 14.167  -5.504  -7.479  1.00 72.19 ? 408 GLU A N     1 
ATOM   1378 C CA    . GLU A 1 182 ? 14.037  -6.596  -6.506  1.00 72.90 ? 408 GLU A CA    1 
ATOM   1379 C C     . GLU A 1 182 ? 14.884  -6.333  -5.252  1.00 73.15 ? 408 GLU A C     1 
ATOM   1380 O O     . GLU A 1 182 ? 15.928  -5.680  -5.325  1.00 73.18 ? 408 GLU A O     1 
ATOM   1381 C CB    . GLU A 1 182 ? 14.334  -7.971  -7.130  1.00 72.92 ? 408 GLU A CB    1 
ATOM   1382 C CG    . GLU A 1 182 ? 15.579  -8.045  -8.017  1.00 74.04 ? 408 GLU A CG    1 
ATOM   1383 C CD    . GLU A 1 182 ? 15.925  -9.472  -8.444  1.00 75.29 ? 408 GLU A CD    1 
ATOM   1384 O OE1   . GLU A 1 182 ? 15.104  -10.395 -8.228  1.00 75.32 ? 408 GLU A OE1   1 
ATOM   1385 O OE2   . GLU A 1 182 ? 17.029  -9.669  -8.999  1.00 75.93 ? 408 GLU A OE2   1 
ATOM   1386 N N     . LYS A 1 183 ? 14.420  -6.826  -4.106  1.00 73.61 ? 409 LYS A N     1 
ATOM   1387 C CA    . LYS A 1 183 ? 15.035  -6.496  -2.823  1.00 74.20 ? 409 LYS A CA    1 
ATOM   1388 C C     . LYS A 1 183 ? 14.880  -7.622  -1.802  1.00 74.63 ? 409 LYS A C     1 
ATOM   1389 O O     . LYS A 1 183 ? 13.822  -8.254  -1.719  1.00 74.79 ? 409 LYS A O     1 
ATOM   1390 C CB    . LYS A 1 183 ? 14.435  -5.190  -2.277  1.00 74.17 ? 409 LYS A CB    1 
ATOM   1391 C CG    . LYS A 1 183 ? 14.963  -4.740  -0.916  1.00 74.26 ? 409 LYS A CG    1 
ATOM   1392 C CD    . LYS A 1 183 ? 16.391  -4.210  -1.003  1.00 74.70 ? 409 LYS A CD    1 
ATOM   1393 C CE    . LYS A 1 183 ? 16.994  -4.017  0.381   1.00 74.72 ? 409 LYS A CE    1 
ATOM   1394 N NZ    . LYS A 1 183 ? 16.255  -2.991  1.167   1.00 75.23 ? 409 LYS A NZ    1 
ATOM   1395 N N     . VAL A 1 184 ? 15.945  -7.863  -1.035  1.00 75.12 ? 410 VAL A N     1 
ATOM   1396 C CA    . VAL A 1 184 ? 15.929  -8.822  0.078   1.00 75.42 ? 410 VAL A CA    1 
ATOM   1397 C C     . VAL A 1 184 ? 16.285  -8.111  1.389   1.00 75.43 ? 410 VAL A C     1 
ATOM   1398 O O     . VAL A 1 184 ? 15.500  -8.099  2.340   1.00 75.50 ? 410 VAL A O     1 
ATOM   1399 C CB    . VAL A 1 184 ? 16.912  -10.011 -0.155  1.00 75.56 ? 410 VAL A CB    1 
ATOM   1400 C CG1   . VAL A 1 184 ? 16.886  -10.988 1.030   1.00 75.56 ? 410 VAL A CG1   1 
ATOM   1401 C CG2   . VAL A 1 184 ? 16.595  -10.743 -1.467  1.00 75.55 ? 410 VAL A CG2   1 
HETATM 1402 C CAI   . WMP B 2 .   ? -0.561  -13.033 -0.417  1.00 47.52 ? 501 WMP A CAI   1 
HETATM 1403 C CAG   . WMP B 2 .   ? 0.100   -14.187 -0.831  1.00 47.63 ? 501 WMP A CAG   1 
HETATM 1404 C CAF   . WMP B 2 .   ? 1.487   -14.247 -0.792  1.00 48.24 ? 501 WMP A CAF   1 
HETATM 1405 C CAH   . WMP B 2 .   ? 2.208   -13.156 -0.336  1.00 48.03 ? 501 WMP A CAH   1 
HETATM 1406 C CAJ   . WMP B 2 .   ? 1.554   -12.005 0.078   1.00 46.99 ? 501 WMP A CAJ   1 
HETATM 1407 C CBA   . WMP B 2 .   ? 0.161   -11.937 0.039   1.00 45.10 ? 501 WMP A CBA   1 
HETATM 1408 C CBG   . WMP B 2 .   ? -0.575  -10.698 0.496   1.00 42.05 ? 501 WMP A CBG   1 
HETATM 1409 O OAB   . WMP B 2 .   ? -0.617  -10.763 1.902   1.00 41.71 ? 501 WMP A OAB   1 
HETATM 1410 C CBB   . WMP B 2 .   ? -0.063  -9.381  -0.042  1.00 39.32 ? 501 WMP A CBB   1 
HETATM 1411 C CAN   . WMP B 2 .   ? 0.992   -8.675  0.553   1.00 37.70 ? 501 WMP A CAN   1 
HETATM 1412 C CBD   . WMP B 2 .   ? 1.375   -7.403  0.052   1.00 36.30 ? 501 WMP A CBD   1 
HETATM 1413 C CAK   . WMP B 2 .   ? -0.706  -8.852  -1.150  1.00 37.32 ? 501 WMP A CAK   1 
HETATM 1414 C CAL   . WMP B 2 .   ? -0.289  -7.640  -1.672  1.00 35.88 ? 501 WMP A CAL   1 
HETATM 1415 C CBC   . WMP B 2 .   ? 0.774   -6.953  -1.085  1.00 35.35 ? 501 WMP A CBC   1 
HETATM 1416 C CAP   . WMP B 2 .   ? 1.372   -5.575  -1.440  1.00 34.58 ? 501 WMP A CAP   1 
HETATM 1417 O OAU   . WMP B 2 .   ? 2.599   -5.436  -0.674  1.00 33.90 ? 501 WMP A OAU   1 
HETATM 1418 B BA    . WMP B 2 .   ? 2.554   -6.377  0.420   1.00 35.26 ? 501 WMP A BA    1 
HETATM 1419 O "O3'" . WMP B 2 .   ? 3.973   -6.839  0.636   1.00 36.85 ? 501 WMP A "O3'" 1 
HETATM 1420 O "O2'" . WMP B 2 .   ? 2.074   -5.931  1.770   1.00 35.10 ? 501 WMP A "O2'" 1 
HETATM 1421 C "C2'" . WMP B 2 .   ? 3.238   -5.840  2.542   1.00 35.86 ? 501 WMP A "C2'" 1 
HETATM 1422 C "C3'" . WMP B 2 .   ? 3.980   -7.026  2.020   1.00 37.59 ? 501 WMP A "C3'" 1 
HETATM 1423 C "C4'" . WMP B 2 .   ? 4.865   -7.372  3.068   1.00 39.08 ? 501 WMP A "C4'" 1 
HETATM 1424 C "C5'" . WMP B 2 .   ? 5.364   -8.657  3.086   1.00 41.67 ? 501 WMP A "C5'" 1 
HETATM 1425 O "O5'" . WMP B 2 .   ? 5.409   -9.262  4.323   1.00 44.96 ? 501 WMP A "O5'" 1 
HETATM 1426 P PBM   . WMP B 2 .   ? 6.402   -10.421 4.605   1.00 48.32 ? 501 WMP A PBM   1 
HETATM 1427 O OAD   . WMP B 2 .   ? 7.780   -9.860  4.501   1.00 46.74 ? 501 WMP A OAD   1 
HETATM 1428 O OAE   . WMP B 2 .   ? 6.179   -10.874 6.060   1.00 47.65 ? 501 WMP A OAE   1 
HETATM 1429 O OAC   . WMP B 2 .   ? 6.174   -11.532 3.628   1.00 48.17 ? 501 WMP A OAC   1 
HETATM 1430 O "O4'" . WMP B 2 .   ? 3.830   -7.169  4.279   1.00 34.96 ? 501 WMP A "O4'" 1 
HETATM 1431 C "C1'" . WMP B 2 .   ? 3.465   -5.810  4.052   1.00 34.05 ? 501 WMP A "C1'" 1 
HETATM 1432 N N9    . WMP B 2 .   ? 4.378   -4.800  4.666   1.00 31.29 ? 501 WMP A N9    1 
HETATM 1433 C C8    . WMP B 2 .   ? 5.559   -4.348  4.199   1.00 30.57 ? 501 WMP A C8    1 
HETATM 1434 N N7    . WMP B 2 .   ? 6.084   -3.495  5.082   1.00 29.53 ? 501 WMP A N7    1 
HETATM 1435 C C5    . WMP B 2 .   ? 5.295   -3.476  6.179   1.00 30.06 ? 501 WMP A C5    1 
HETATM 1436 C C4    . WMP B 2 .   ? 4.223   -4.332  5.917   1.00 28.73 ? 501 WMP A C4    1 
HETATM 1437 N N3    . WMP B 2 .   ? 3.260   -4.477  6.842   1.00 28.93 ? 501 WMP A N3    1 
HETATM 1438 C C2    . WMP B 2 .   ? 3.346   -3.847  8.013   1.00 28.85 ? 501 WMP A C2    1 
HETATM 1439 N N1    . WMP B 2 .   ? 4.324   -2.966  8.278   1.00 31.01 ? 501 WMP A N1    1 
HETATM 1440 C C6    . WMP B 2 .   ? 5.302   -2.769  7.386   1.00 29.45 ? 501 WMP A C6    1 
HETATM 1441 N N6    . WMP B 2 .   ? 6.365   -1.830  7.737   1.00 31.88 ? 501 WMP A N6    1 
HETATM 1442 S S     . SO4 C 3 .   ? -1.087  23.009  3.361   1.00 70.04 ? 502 SO4 A S     1 
HETATM 1443 O O1    . SO4 C 3 .   ? -1.329  24.361  2.851   1.00 70.01 ? 502 SO4 A O1    1 
HETATM 1444 O O2    . SO4 C 3 .   ? -2.348  22.299  3.532   1.00 68.82 ? 502 SO4 A O2    1 
HETATM 1445 O O3    . SO4 C 3 .   ? -0.413  23.143  4.655   1.00 70.62 ? 502 SO4 A O3    1 
HETATM 1446 O O4    . SO4 C 3 .   ? -0.243  22.250  2.431   1.00 70.01 ? 502 SO4 A O4    1 
HETATM 1447 S S     . SO4 D 3 .   ? -10.527 -3.742  19.340  1.00 71.71 ? 503 SO4 A S     1 
HETATM 1448 O O1    . SO4 D 3 .   ? -10.903 -2.381  19.724  1.00 71.54 ? 503 SO4 A O1    1 
HETATM 1449 O O2    . SO4 D 3 .   ? -11.484 -4.256  18.366  1.00 72.20 ? 503 SO4 A O2    1 
HETATM 1450 O O3    . SO4 D 3 .   ? -10.500 -4.592  20.531  1.00 72.29 ? 503 SO4 A O3    1 
HETATM 1451 O O4    . SO4 D 3 .   ? -9.206  -3.723  18.728  1.00 71.78 ? 503 SO4 A O4    1 
HETATM 1452 S S     . SO4 E 3 .   ? 12.573  6.404   0.787   1.00 77.05 ? 504 SO4 A S     1 
HETATM 1453 O O1    . SO4 E 3 .   ? 13.514  7.389   1.325   1.00 76.50 ? 504 SO4 A O1    1 
HETATM 1454 O O2    . SO4 E 3 .   ? 12.555  6.482   -0.676  1.00 76.35 ? 504 SO4 A O2    1 
HETATM 1455 O O3    . SO4 E 3 .   ? 12.983  5.057   1.203   1.00 76.38 ? 504 SO4 A O3    1 
HETATM 1456 O O4    . SO4 E 3 .   ? 11.236  6.698   1.308   1.00 76.10 ? 504 SO4 A O4    1 
HETATM 1457 S S     . SO4 F 3 .   ? 7.934   20.421  -2.394  1.00 80.71 ? 505 SO4 A S     1 
HETATM 1458 O O1    . SO4 F 3 .   ? 8.650   21.625  -1.964  1.00 80.06 ? 505 SO4 A O1    1 
HETATM 1459 O O2    . SO4 F 3 .   ? 7.426   20.611  -3.755  1.00 79.77 ? 505 SO4 A O2    1 
HETATM 1460 O O3    . SO4 F 3 .   ? 8.864   19.286  -2.393  1.00 79.74 ? 505 SO4 A O3    1 
HETATM 1461 O O4    . SO4 F 3 .   ? 6.815   20.173  -1.478  1.00 79.82 ? 505 SO4 A O4    1 
HETATM 1462 O O     . HOH G 4 .   ? -4.625  0.496   12.020  1.00 27.47 ? 601 HOH A O     1 
HETATM 1463 O O     . HOH G 4 .   ? -9.329  10.740  7.833   1.00 24.89 ? 602 HOH A O     1 
HETATM 1464 O O     . HOH G 4 .   ? -10.128 -13.182 -6.889  1.00 29.51 ? 603 HOH A O     1 
HETATM 1465 O O     . HOH G 4 .   ? -7.033  16.977  -1.340  1.00 33.87 ? 604 HOH A O     1 
HETATM 1466 O O     . HOH G 4 .   ? -7.358  -4.263  -4.491  1.00 24.79 ? 605 HOH A O     1 
HETATM 1467 O O     . HOH G 4 .   ? -1.768  -5.774  -10.735 1.00 31.36 ? 606 HOH A O     1 
HETATM 1468 O O     . HOH G 4 .   ? 3.654   -3.018  0.033   1.00 29.93 ? 607 HOH A O     1 
HETATM 1469 O O     . HOH G 4 .   ? -6.861  18.711  3.182   1.00 25.90 ? 608 HOH A O     1 
HETATM 1470 O O     . HOH G 4 .   ? 7.792   -1.428  4.091   1.00 30.50 ? 609 HOH A O     1 
HETATM 1471 O O     . HOH G 4 .   ? 0.071   -4.117  1.884   1.00 31.52 ? 610 HOH A O     1 
HETATM 1472 O O     . HOH G 4 .   ? -5.714  17.995  0.901   1.00 27.33 ? 611 HOH A O     1 
HETATM 1473 O O     . HOH G 4 .   ? -12.182 -14.305 -1.819  1.00 31.26 ? 612 HOH A O     1 
HETATM 1474 O O     . HOH G 4 .   ? -10.578 -11.155 4.214   1.00 42.29 ? 613 HOH A O     1 
HETATM 1475 O O     . HOH G 4 .   ? 3.438   7.605   16.240  1.00 34.46 ? 614 HOH A O     1 
HETATM 1476 O O     . HOH G 4 .   ? -6.902  17.762  11.523  1.00 33.26 ? 615 HOH A O     1 
HETATM 1477 O O     . HOH G 4 .   ? -7.822  -16.737 -0.430  1.00 33.22 ? 616 HOH A O     1 
HETATM 1478 O O     . HOH G 4 .   ? -5.507  20.684  11.605  1.00 33.68 ? 617 HOH A O     1 
HETATM 1479 O O     . HOH G 4 .   ? -13.722 5.197   -1.675  1.00 38.79 ? 618 HOH A O     1 
HETATM 1480 O O     . HOH G 4 .   ? -12.372 -14.259 -9.493  1.00 43.06 ? 619 HOH A O     1 
HETATM 1481 O O     . HOH G 4 .   ? 5.061   7.743   -8.980  1.00 38.99 ? 620 HOH A O     1 
HETATM 1482 O O     . HOH G 4 .   ? -4.435  22.106  2.151   1.00 34.58 ? 621 HOH A O     1 
HETATM 1483 O O     . HOH G 4 .   ? 1.780   0.403   25.587  1.00 41.22 ? 622 HOH A O     1 
HETATM 1484 O O     . HOH G 4 .   ? -11.522 -2.902  11.495  1.00 39.35 ? 623 HOH A O     1 
HETATM 1485 O O     . HOH G 4 .   ? 0.640   17.083  12.420  1.00 40.34 ? 624 HOH A O     1 
HETATM 1486 O O     . HOH G 4 .   ? -5.666  0.184   15.404  1.00 35.09 ? 625 HOH A O     1 
HETATM 1487 O O     . HOH G 4 .   ? -8.802  17.846  13.777  0.50 33.15 ? 626 HOH A O     1 
HETATM 1488 O O     . HOH G 4 .   ? -3.920  -2.548  17.104  1.00 38.90 ? 627 HOH A O     1 
HETATM 1489 O O     . HOH G 4 .   ? -12.486 -5.523  -8.987  1.00 43.33 ? 628 HOH A O     1 
HETATM 1490 O O     . HOH G 4 .   ? -0.619  15.139  -2.545  1.00 29.32 ? 629 HOH A O     1 
HETATM 1491 O O     . HOH G 4 .   ? -13.848 -11.000 -6.943  1.00 39.34 ? 630 HOH A O     1 
HETATM 1492 O O     . HOH G 4 .   ? 7.120   13.187  9.796   1.00 37.64 ? 631 HOH A O     1 
HETATM 1493 O O     . HOH G 4 .   ? -12.712 -4.031  8.917   1.00 39.39 ? 632 HOH A O     1 
HETATM 1494 O O     . HOH G 4 .   ? -14.611 -1.131  1.013   1.00 37.68 ? 633 HOH A O     1 
HETATM 1495 O O     . HOH G 4 .   ? 2.210   5.436   -16.313 1.00 39.19 ? 634 HOH A O     1 
HETATM 1496 O O     . HOH G 4 .   ? -17.705 -10.616 3.965   1.00 40.71 ? 635 HOH A O     1 
HETATM 1497 O O     . HOH G 4 .   ? -20.932 -8.771  3.339   1.00 49.26 ? 636 HOH A O     1 
HETATM 1498 O O     . HOH G 4 .   ? -3.693  2.184   -8.483  1.00 40.06 ? 637 HOH A O     1 
HETATM 1499 O O     . HOH G 4 .   ? -6.784  -2.201  -12.037 1.00 40.78 ? 638 HOH A O     1 
HETATM 1500 O O     . HOH G 4 .   ? -3.227  -2.063  14.255  1.00 36.95 ? 639 HOH A O     1 
HETATM 1501 O O     . HOH G 4 .   ? 6.077   10.705  11.654  1.00 42.97 ? 640 HOH A O     1 
HETATM 1502 O O     . HOH G 4 .   ? -8.556  21.426  10.373  1.00 35.55 ? 641 HOH A O     1 
HETATM 1503 O O     . HOH G 4 .   ? 1.949   13.660  17.847  1.00 40.50 ? 642 HOH A O     1 
HETATM 1504 O O     . HOH G 4 .   ? -7.898  6.082   16.616  1.00 57.25 ? 643 HOH A O     1 
HETATM 1505 O O     . HOH G 4 .   ? -17.087 7.290   4.504   1.00 42.64 ? 644 HOH A O     1 
HETATM 1506 O O     . HOH G 4 .   ? 12.760  -5.092  7.719   1.00 50.54 ? 645 HOH A O     1 
HETATM 1507 O O     . HOH G 4 .   ? -3.253  4.593   22.088  1.00 36.39 ? 646 HOH A O     1 
HETATM 1508 O O     . HOH G 4 .   ? 10.664  6.109   -20.661 1.00 41.24 ? 647 HOH A O     1 
HETATM 1509 O O     . HOH G 4 .   ? 8.474   15.064  6.995   1.00 51.09 ? 648 HOH A O     1 
HETATM 1510 O O     . HOH G 4 .   ? -6.797  11.436  14.448  1.00 44.02 ? 649 HOH A O     1 
HETATM 1511 O O     . HOH G 4 .   ? -8.615  -5.815  11.749  1.00 57.36 ? 650 HOH A O     1 
HETATM 1512 O O     . HOH G 4 .   ? -2.534  -11.489 14.391  1.00 47.29 ? 651 HOH A O     1 
HETATM 1513 O O     . HOH G 4 .   ? 0.740   -5.379  10.135  1.00 43.14 ? 652 HOH A O     1 
HETATM 1514 O O     . HOH G 4 .   ? -9.352  5.655   13.275  1.00 46.55 ? 653 HOH A O     1 
HETATM 1515 O O     . HOH G 4 .   ? 6.684   3.892   21.415  1.00 42.28 ? 654 HOH A O     1 
HETATM 1516 O O     . HOH G 4 .   ? -0.355  18.009  1.415   1.00 45.28 ? 655 HOH A O     1 
HETATM 1517 O O     . HOH G 4 .   ? 5.058   1.825   19.074  1.00 47.20 ? 656 HOH A O     1 
HETATM 1518 O O     . HOH G 4 .   ? -20.010 5.177   4.860   1.00 39.88 ? 657 HOH A O     1 
HETATM 1519 O O     . HOH G 4 .   ? -9.043  16.172  10.222  0.50 31.21 ? 658 HOH A O     1 
HETATM 1520 O O     . HOH G 4 .   ? -7.686  9.367   -5.074  1.00 36.73 ? 659 HOH A O     1 
HETATM 1521 O O     . HOH G 4 .   ? 4.240   -11.874 2.200   1.00 47.64 ? 660 HOH A O     1 
HETATM 1522 O O     . HOH G 4 .   ? -0.188  -0.386  -18.901 1.00 62.83 ? 661 HOH A O     1 
HETATM 1523 O O     . HOH G 4 .   ? -8.435  -7.827  -17.401 1.00 61.47 ? 662 HOH A O     1 
HETATM 1524 O O     . HOH G 4 .   ? -5.838  4.093   -7.690  1.00 50.38 ? 663 HOH A O     1 
HETATM 1525 O O     . HOH G 4 .   ? 2.598   -18.850 -9.771  1.00 49.72 ? 664 HOH A O     1 
HETATM 1526 O O     . HOH G 4 .   ? -4.092  1.057   -10.758 1.00 51.53 ? 665 HOH A O     1 
HETATM 1527 O O     . HOH G 4 .   ? -5.485  -1.153  18.556  1.00 46.71 ? 666 HOH A O     1 
HETATM 1528 O O     . HOH G 4 .   ? -14.775 -1.745  -3.772  1.00 41.52 ? 667 HOH A O     1 
HETATM 1529 O O     . HOH G 4 .   ? -13.486 -3.212  -9.394  1.00 57.01 ? 668 HOH A O     1 
HETATM 1530 O O     . HOH G 4 .   ? 6.840   -2.632  20.593  1.00 44.45 ? 669 HOH A O     1 
HETATM 1531 O O     . HOH G 4 .   ? -12.391 -8.569  -12.269 1.00 46.80 ? 670 HOH A O     1 
HETATM 1532 O O     . HOH G 4 .   ? 8.541   -0.529  14.352  1.00 50.73 ? 671 HOH A O     1 
HETATM 1533 O O     . HOH G 4 .   ? -7.972  7.010   -6.163  1.00 53.85 ? 672 HOH A O     1 
HETATM 1534 O O     . HOH G 4 .   ? 4.993   -0.091  17.553  1.00 59.16 ? 673 HOH A O     1 
HETATM 1535 O O     . HOH G 4 .   ? 1.610   14.189  20.672  1.00 60.43 ? 674 HOH A O     1 
HETATM 1536 O O     . HOH G 4 .   ? -14.408 3.638   10.315  1.00 47.13 ? 675 HOH A O     1 
HETATM 1537 O O     . HOH G 4 .   ? -8.098  10.145  -9.081  1.00 55.79 ? 676 HOH A O     1 
HETATM 1538 O O     . HOH G 4 .   ? -10.021 9.440   -3.619  0.50 40.78 ? 677 HOH A O     1 
HETATM 1539 O O     . HOH G 4 .   ? -3.345  4.567   17.187  1.00 45.27 ? 678 HOH A O     1 
HETATM 1540 O O     . HOH G 4 .   ? 9.713   4.902   2.519   1.00 44.86 ? 679 HOH A O     1 
HETATM 1541 O O     . HOH G 4 .   ? -8.136  -1.145  17.596  1.00 45.05 ? 680 HOH A O     1 
HETATM 1542 O O     . HOH G 4 .   ? 2.813   18.705  9.228   1.00 49.99 ? 681 HOH A O     1 
HETATM 1543 O O     . HOH G 4 .   ? -13.188 -9.049  -14.836 0.50 46.50 ? 682 HOH A O     1 
HETATM 1544 O O     . HOH G 4 .   ? -14.602 -5.556  -6.477  1.00 61.76 ? 683 HOH A O     1 
HETATM 1545 O O     . HOH G 4 .   ? -6.873  -7.847  10.061  1.00 56.51 ? 684 HOH A O     1 
HETATM 1546 O O     . HOH G 4 .   ? 0.830   -7.718  4.121   1.00 44.97 ? 685 HOH A O     1 
HETATM 1547 O O     . HOH G 4 .   ? 5.346   9.482   16.222  1.00 51.07 ? 686 HOH A O     1 
HETATM 1548 O O     . HOH G 4 .   ? -11.683 2.519   13.250  1.00 41.92 ? 687 HOH A O     1 
HETATM 1549 O O     . HOH G 4 .   ? 11.029  6.742   7.892   1.00 42.52 ? 688 HOH A O     1 
HETATM 1550 O O     . HOH G 4 .   ? 12.943  -2.581  1.724   1.00 41.31 ? 689 HOH A O     1 
HETATM 1551 O O     . HOH G 4 .   ? 10.433  9.197   2.062   1.00 44.61 ? 690 HOH A O     1 
HETATM 1552 O O     . HOH G 4 .   ? -4.048  20.070  0.301   1.00 39.27 ? 691 HOH A O     1 
HETATM 1553 O O     . HOH G 4 .   ? -15.561 -0.369  -1.756  1.00 42.51 ? 692 HOH A O     1 
HETATM 1554 O O     . HOH G 4 .   ? -13.374 -1.651  -7.060  1.00 67.77 ? 693 HOH A O     1 
HETATM 1555 O O     . HOH G 4 .   ? 3.533   11.634  18.720  1.00 51.79 ? 694 HOH A O     1 
HETATM 1556 O O     . HOH G 4 .   ? 6.313   1.380   14.185  1.00 51.08 ? 695 HOH A O     1 
HETATM 1557 O O     . HOH G 4 .   ? -3.473  -13.582 -4.320  1.00 45.66 ? 696 HOH A O     1 
HETATM 1558 O O     . HOH G 4 .   ? 5.662   4.291   18.202  1.00 47.60 ? 697 HOH A O     1 
HETATM 1559 O O     . HOH G 4 .   ? 0.722   0.478   28.079  1.00 54.35 ? 698 HOH A O     1 
HETATM 1560 O O     . HOH G 4 .   ? -5.920  4.256   20.905  1.00 48.51 ? 699 HOH A O     1 
HETATM 1561 O O     . HOH G 4 .   ? 13.399  7.351   9.701   1.00 54.79 ? 700 HOH A O     1 
HETATM 1562 O O     . HOH G 4 .   ? -6.498  10.171  17.114  1.00 53.91 ? 701 HOH A O     1 
HETATM 1563 O O     . HOH G 4 .   ? -2.759  -5.499  12.241  1.00 47.44 ? 702 HOH A O     1 
HETATM 1564 O O     . HOH G 4 .   ? -13.593 -6.669  -11.175 1.00 55.37 ? 703 HOH A O     1 
HETATM 1565 O O     . HOH G 4 .   ? -16.395 4.191   7.137   1.00 47.17 ? 704 HOH A O     1 
HETATM 1566 O O     . HOH G 4 .   ? 9.812   4.628   8.709   1.00 63.23 ? 705 HOH A O     1 
HETATM 1567 O O     . HOH G 4 .   ? 10.457  14.842  5.340   1.00 55.07 ? 706 HOH A O     1 
HETATM 1568 O O     . HOH G 4 .   ? -6.173  0.783   -12.687 1.00 70.97 ? 707 HOH A O     1 
HETATM 1569 O O     . HOH G 4 .   ? 9.398   -3.145  19.617  1.00 60.51 ? 708 HOH A O     1 
HETATM 1570 O O     . HOH G 4 .   ? -9.558  -3.295  -16.797 1.00 54.31 ? 709 HOH A O     1 
HETATM 1571 O O     . HOH G 4 .   ? -15.155 -2.843  9.126   1.00 50.18 ? 710 HOH A O     1 
HETATM 1572 O O     . HOH G 4 .   ? -11.654 -2.554  -11.643 1.00 61.27 ? 711 HOH A O     1 
HETATM 1573 O O     . HOH G 4 .   ? -3.803  -16.570 -19.825 1.00 65.98 ? 712 HOH A O     1 
HETATM 1574 O O     . HOH G 4 .   ? -16.124 -3.001  -0.278  1.00 55.21 ? 713 HOH A O     1 
HETATM 1575 O O     . HOH G 4 .   ? -5.555  -1.540  21.231  1.00 52.27 ? 714 HOH A O     1 
HETATM 1576 O O     . HOH G 4 .   ? -5.522  24.872  2.277   1.00 52.31 ? 715 HOH A O     1 
HETATM 1577 O O     . HOH G 4 .   ? 8.662   5.379   20.391  1.00 58.21 ? 716 HOH A O     1 
HETATM 1578 O O     . HOH G 4 .   ? 11.486  12.903  -1.006  1.00 42.14 ? 717 HOH A O     1 
HETATM 1579 O O     . HOH G 4 .   ? -2.411  -9.199  6.056   1.00 43.81 ? 718 HOH A O     1 
HETATM 1580 O O     . HOH G 4 .   ? 0.701   -9.925  15.457  1.00 57.77 ? 719 HOH A O     1 
HETATM 1581 O O     . HOH G 4 .   ? -6.502  -4.864  -17.998 1.00 67.96 ? 720 HOH A O     1 
HETATM 1582 O O     . HOH G 4 .   ? 2.124   -10.993 3.320   1.00 53.50 ? 721 HOH A O     1 
HETATM 1583 O O     . HOH G 4 .   ? -0.689  -2.312  -20.987 1.00 69.46 ? 722 HOH A O     1 
HETATM 1584 O O     . HOH G 4 .   ? 14.683  -0.812  1.813   1.00 65.59 ? 723 HOH A O     1 
HETATM 1585 O O     . HOH G 4 .   ? 0.731   -5.789  7.352   1.00 48.34 ? 724 HOH A O     1 
HETATM 1586 O O     . HOH G 4 .   ? -3.810  11.401  21.043  1.00 48.56 ? 725 HOH A O     1 
HETATM 1587 O O     . HOH G 4 .   ? 12.097  4.662   4.528   1.00 53.72 ? 726 HOH A O     1 
HETATM 1588 O O     . HOH G 4 .   ? -19.222 1.901   6.267   1.00 49.97 ? 727 HOH A O     1 
HETATM 1589 O O     . HOH G 4 .   ? -9.098  7.381   0.526   1.00 50.75 ? 728 HOH A O     1 
HETATM 1590 O O     . HOH G 4 .   ? -7.740  4.258   -5.575  1.00 47.67 ? 729 HOH A O     1 
HETATM 1591 O O     . HOH G 4 .   ? -18.912 -6.168  -0.408  1.00 70.92 ? 730 HOH A O     1 
HETATM 1592 O O     . HOH G 4 .   ? 12.526  10.679  -0.965  1.00 56.85 ? 731 HOH A O     1 
HETATM 1593 O O     . HOH G 4 .   ? -0.516  -4.689  4.633   1.00 53.41 ? 732 HOH A O     1 
HETATM 1594 O O     . HOH G 4 .   ? -17.267 0.852   7.853   1.00 49.34 ? 733 HOH A O     1 
HETATM 1595 O O     . HOH G 4 .   ? -9.439  2.561   -7.252  1.00 55.23 ? 734 HOH A O     1 
HETATM 1596 O O     . HOH G 4 .   ? -7.731  1.951   -9.003  1.00 57.12 ? 735 HOH A O     1 
# 
